data_6XNS
#
_entry.id   6XNS
#
_cell.length_a   112.135
_cell.length_b   145.250
_cell.length_c   161.896
_cell.angle_alpha   90.000
_cell.angle_beta   90.000
_cell.angle_gamma   90.000
#
_symmetry.space_group_name_H-M   'P 2 21 21'
#
_entity_poly.entity_id   1
_entity_poly.type   'polypeptide(L)'
_entity_poly.pdbx_seq_one_letter_code
;MGDRSDHAKKLKTFLENLRRHLDRLDKHIKQLRDILSENPEDERVKDVIDLSERSVRIVKTVIKIFEDSVRKLLKQINKE
AEELAKSPDPEDLKRAVELAEAVVRADPGSNLSKKALEIILRAAAELAKLPDPDALAAAARAASKVQQEQPGSNLAKAAQ
EIMRQASRAAEEAARRAKETLEKAEKDGDPETALKAVETVVKVARALNQIATMAGSEEAQERAARVASEAARLAERVLEL
AEKQGDPEVARRARELQEKVLDILLDILEQILQTATKIIDDANKLLEKLRRSERKDPKVVETYVELLKRHERLVKQLLEI
AKAHAEAVEGGSLEHHHHHH
;
_entity_poly.pdbx_strand_id   A,B,C,D,E,F
#
# COMPACT_ATOMS: atom_id res chain seq x y z
N ASP A 3 29.85 5.72 -8.94
CA ASP A 3 30.98 5.05 -8.23
C ASP A 3 31.09 5.54 -6.80
N ARG A 4 31.65 6.74 -6.62
CA ARG A 4 31.79 7.30 -5.28
C ARG A 4 30.43 7.39 -4.58
N SER A 5 29.38 7.74 -5.33
CA SER A 5 28.06 7.90 -4.72
C SER A 5 27.69 6.68 -3.88
N ASP A 6 27.95 5.48 -4.40
CA ASP A 6 27.62 4.27 -3.67
C ASP A 6 28.45 4.15 -2.39
N HIS A 7 29.71 4.59 -2.45
CA HIS A 7 30.65 4.32 -1.36
C HIS A 7 30.20 4.98 -0.06
N ALA A 8 29.99 6.30 -0.08
CA ALA A 8 29.63 7.02 1.13
C ALA A 8 28.38 6.43 1.77
N LYS A 9 27.35 6.18 0.96
CA LYS A 9 26.18 5.46 1.45
C LYS A 9 26.58 4.07 1.97
N LYS A 10 27.26 3.29 1.11
CA LYS A 10 27.73 1.97 1.52
C LYS A 10 28.51 2.06 2.82
N LEU A 11 29.31 3.11 2.99
CA LEU A 11 30.01 3.33 4.25
C LEU A 11 29.03 3.48 5.41
N LYS A 12 28.01 4.31 5.22
CA LYS A 12 27.08 4.61 6.31
C LYS A 12 26.45 3.34 6.85
N THR A 13 25.96 2.47 5.96
CA THR A 13 25.37 1.21 6.41
C THR A 13 26.32 0.46 7.33
N PHE A 14 27.56 0.24 6.86
CA PHE A 14 28.48 -0.64 7.56
C PHE A 14 28.66 -0.24 9.02
N LEU A 15 28.85 1.06 9.26
CA LEU A 15 28.89 1.53 10.65
C LEU A 15 27.57 1.22 11.34
N GLU A 16 26.46 1.51 10.68
CA GLU A 16 25.14 1.23 11.25
C GLU A 16 24.97 -0.28 11.47
N ASN A 17 25.30 -1.09 10.47
CA ASN A 17 25.14 -2.54 10.61
C ASN A 17 26.05 -3.09 11.70
N LEU A 18 27.23 -2.52 11.88
CA LEU A 18 28.15 -2.96 12.92
C LEU A 18 27.46 -2.95 14.28
N ARG A 19 27.09 -1.76 14.77
CA ARG A 19 26.28 -1.68 15.97
C ARG A 19 25.05 -2.59 15.85
N ARG A 20 24.41 -2.58 14.68
CA ARG A 20 23.29 -3.49 14.45
C ARG A 20 23.70 -4.93 14.70
N HIS A 21 24.84 -5.35 14.16
CA HIS A 21 25.34 -6.69 14.44
C HIS A 21 25.62 -6.86 15.92
N LEU A 22 26.23 -5.86 16.55
CA LEU A 22 26.54 -5.93 17.97
C LEU A 22 25.30 -6.29 18.78
N ASP A 23 24.14 -5.75 18.40
CA ASP A 23 22.91 -6.03 19.13
C ASP A 23 22.58 -7.51 19.09
N ARG A 24 22.50 -8.08 17.89
CA ARG A 24 22.15 -9.50 17.76
C ARG A 24 22.98 -10.36 18.69
N LEU A 25 24.26 -10.01 18.87
CA LEU A 25 25.11 -10.74 19.81
C LEU A 25 24.58 -10.59 21.23
N ASP A 26 24.25 -9.36 21.64
CA ASP A 26 23.74 -9.16 22.99
C ASP A 26 22.41 -9.88 23.18
N LYS A 27 21.56 -9.89 22.15
CA LYS A 27 20.32 -10.63 22.24
C LYS A 27 20.58 -12.12 22.45
N HIS A 28 21.55 -12.68 21.71
CA HIS A 28 21.98 -14.05 21.97
C HIS A 28 22.48 -14.19 23.40
N ILE A 29 23.23 -13.22 23.89
CA ILE A 29 23.64 -13.24 25.29
C ILE A 29 22.41 -13.20 26.20
N LYS A 30 21.44 -12.35 25.87
CA LYS A 30 20.19 -12.33 26.63
C LYS A 30 19.56 -13.72 26.68
N GLN A 31 19.67 -14.49 25.58
CA GLN A 31 19.16 -15.85 25.58
C GLN A 31 19.89 -16.70 26.62
N LEU A 32 21.21 -16.62 26.65
CA LEU A 32 21.98 -17.43 27.58
C LEU A 32 21.88 -16.93 29.01
N ARG A 33 21.74 -15.61 29.20
CA ARG A 33 21.54 -15.08 30.54
C ARG A 33 20.25 -15.61 31.15
N ASP A 34 19.16 -15.62 30.37
CA ASP A 34 17.90 -16.16 30.88
C ASP A 34 18.02 -17.66 31.14
N ILE A 35 18.50 -18.42 30.14
CA ILE A 35 18.70 -19.85 30.33
C ILE A 35 19.52 -20.11 31.58
N LEU A 36 20.66 -19.40 31.71
CA LEU A 36 21.50 -19.55 32.89
C LEU A 36 20.71 -19.30 34.16
N SER A 37 19.91 -18.23 34.18
CA SER A 37 19.12 -17.94 35.38
C SER A 37 18.09 -19.02 35.65
N GLU A 38 17.64 -19.72 34.62
CA GLU A 38 16.67 -20.79 34.81
C GLU A 38 17.31 -22.00 35.50
N ASN A 39 18.55 -22.31 35.13
CA ASN A 39 19.27 -23.45 35.72
C ASN A 39 20.74 -23.09 35.78
N PRO A 40 21.22 -22.63 36.94
CA PRO A 40 22.66 -22.29 37.04
C PRO A 40 23.60 -23.45 36.78
N GLU A 41 23.13 -24.69 36.88
CA GLU A 41 24.03 -25.83 36.89
C GLU A 41 24.63 -26.13 35.53
N ASP A 42 23.99 -25.72 34.44
CA ASP A 42 24.48 -26.02 33.11
C ASP A 42 25.78 -25.24 32.87
N GLU A 43 26.91 -25.93 32.98
CA GLU A 43 28.19 -25.30 32.67
C GLU A 43 28.25 -24.88 31.20
N ARG A 44 27.66 -25.67 30.31
CA ARG A 44 27.79 -25.41 28.89
C ARG A 44 27.28 -24.02 28.50
N VAL A 45 26.31 -23.49 29.24
CA VAL A 45 25.85 -22.14 28.97
C VAL A 45 26.99 -21.15 29.19
N LYS A 46 27.70 -21.29 30.30
CA LYS A 46 28.77 -20.34 30.65
C LYS A 46 29.80 -20.24 29.53
N ASP A 47 30.27 -21.38 29.03
CA ASP A 47 31.25 -21.37 27.95
C ASP A 47 30.69 -20.64 26.73
N VAL A 48 29.51 -21.08 26.26
CA VAL A 48 28.89 -20.42 25.11
C VAL A 48 28.71 -18.93 25.38
N ILE A 49 28.32 -18.58 26.61
CA ILE A 49 28.30 -17.18 27.00
C ILE A 49 29.67 -16.55 26.79
N ASP A 50 30.71 -17.18 27.36
CA ASP A 50 32.06 -16.63 27.25
C ASP A 50 32.45 -16.44 25.79
N LEU A 51 32.33 -17.50 24.98
CA LEU A 51 32.62 -17.38 23.56
C LEU A 51 31.78 -16.27 22.94
N SER A 52 30.48 -16.29 23.17
CA SER A 52 29.64 -15.17 22.77
C SER A 52 30.13 -13.87 23.40
N GLU A 53 30.60 -13.95 24.65
CA GLU A 53 31.16 -12.76 25.30
C GLU A 53 32.50 -12.39 24.69
N ARG A 54 33.30 -13.38 24.31
CA ARG A 54 34.61 -13.11 23.74
C ARG A 54 34.49 -12.31 22.45
N SER A 55 33.66 -12.77 21.51
CA SER A 55 33.58 -12.13 20.21
C SER A 55 33.05 -10.70 20.30
N VAL A 56 32.14 -10.44 21.24
CA VAL A 56 31.56 -9.10 21.37
C VAL A 56 32.68 -8.06 21.54
N ARG A 57 33.63 -8.34 22.43
CA ARG A 57 34.74 -7.43 22.62
C ARG A 57 35.47 -7.18 21.31
N ILE A 58 35.73 -8.24 20.54
CA ILE A 58 36.41 -8.07 19.27
C ILE A 58 35.62 -7.14 18.36
N VAL A 59 34.33 -7.45 18.17
CA VAL A 59 33.48 -6.61 17.34
C VAL A 59 33.50 -5.18 17.86
N LYS A 60 33.27 -5.00 19.16
CA LYS A 60 33.38 -3.68 19.76
C LYS A 60 34.72 -3.04 19.43
N THR A 61 35.80 -3.81 19.51
CA THR A 61 37.12 -3.30 19.14
C THR A 61 37.13 -2.83 17.70
N VAL A 62 36.61 -3.66 16.79
CA VAL A 62 36.69 -3.35 15.36
C VAL A 62 36.06 -2.00 15.07
N ILE A 63 34.91 -1.71 15.70
CA ILE A 63 34.30 -0.38 15.54
C ILE A 63 35.33 0.69 15.86
N LYS A 64 35.98 0.56 17.02
CA LYS A 64 37.00 1.53 17.41
C LYS A 64 38.07 1.66 16.33
N ILE A 65 38.56 0.54 15.83
CA ILE A 65 39.53 0.57 14.74
C ILE A 65 38.95 1.32 13.55
N PHE A 66 37.73 0.97 13.16
CA PHE A 66 37.16 1.53 11.93
C PHE A 66 36.81 3.01 12.11
N GLU A 67 36.07 3.33 13.18
CA GLU A 67 35.68 4.72 13.40
C GLU A 67 36.89 5.62 13.46
N ASP A 68 37.95 5.18 14.15
CA ASP A 68 39.20 5.94 14.16
C ASP A 68 39.74 6.09 12.74
N SER A 69 39.92 4.97 12.04
CA SER A 69 40.46 5.02 10.68
C SER A 69 39.62 5.91 9.79
N VAL A 70 38.29 5.84 9.91
CA VAL A 70 37.42 6.68 9.10
C VAL A 70 37.70 8.15 9.37
N ARG A 71 37.85 8.53 10.65
CA ARG A 71 38.16 9.90 10.99
C ARG A 71 39.43 10.37 10.28
N LYS A 72 40.47 9.53 10.29
CA LYS A 72 41.73 9.91 9.66
C LYS A 72 41.53 10.25 8.19
N LEU A 73 40.81 9.39 7.46
CA LEU A 73 40.55 9.66 6.04
C LEU A 73 39.77 10.96 5.87
N LEU A 74 38.76 11.19 6.71
CA LEU A 74 38.05 12.47 6.68
C LEU A 74 39.01 13.62 6.94
N LYS A 75 39.96 13.44 7.87
CA LYS A 75 40.97 14.46 8.09
C LYS A 75 41.86 14.64 6.88
N GLN A 76 42.31 13.52 6.29
CA GLN A 76 43.17 13.59 5.11
C GLN A 76 42.48 14.33 3.96
N ILE A 77 41.23 13.94 3.66
CA ILE A 77 40.51 14.59 2.57
C ILE A 77 40.36 16.08 2.84
N ASN A 78 40.07 16.45 4.09
CA ASN A 78 39.92 17.86 4.43
C ASN A 78 41.17 18.64 4.05
N LYS A 79 42.34 18.12 4.38
CA LYS A 79 43.59 18.78 4.01
C LYS A 79 43.74 18.87 2.50
N GLU A 80 43.47 17.77 1.79
CA GLU A 80 43.57 17.80 0.34
C GLU A 80 42.49 18.69 -0.28
N ALA A 81 41.30 18.69 0.30
CA ALA A 81 40.25 19.58 -0.17
C ALA A 81 40.69 21.04 -0.07
N GLU A 82 41.29 21.41 1.07
CA GLU A 82 41.75 22.78 1.25
C GLU A 82 42.77 23.17 0.18
N GLU A 83 43.81 22.36 0.02
CA GLU A 83 44.84 22.68 -0.95
C GLU A 83 44.26 22.76 -2.37
N LEU A 84 43.41 21.80 -2.73
CA LEU A 84 42.70 21.89 -4.00
C LEU A 84 41.85 23.15 -4.06
N ALA A 85 41.33 23.61 -2.92
CA ALA A 85 40.59 24.86 -2.90
C ALA A 85 41.47 26.01 -3.38
N LYS A 86 42.73 26.04 -2.93
CA LYS A 86 43.65 27.09 -3.37
C LYS A 86 43.78 27.10 -4.89
N SER A 87 43.81 25.92 -5.52
CA SER A 87 44.09 25.82 -6.94
C SER A 87 43.13 26.69 -7.75
N PRO A 88 43.63 27.56 -8.63
CA PRO A 88 42.71 28.38 -9.44
C PRO A 88 41.91 27.61 -10.47
N ASP A 89 42.38 26.47 -10.96
CA ASP A 89 41.66 25.77 -12.03
C ASP A 89 40.24 25.48 -11.57
N PRO A 90 39.21 25.78 -12.38
CA PRO A 90 37.84 25.63 -11.88
C PRO A 90 37.45 24.19 -11.59
N GLU A 91 37.86 23.24 -12.45
CA GLU A 91 37.54 21.84 -12.18
C GLU A 91 38.10 21.41 -10.84
N ASP A 92 39.27 21.92 -10.46
CA ASP A 92 39.80 21.64 -9.14
C ASP A 92 38.87 22.18 -8.05
N LEU A 93 38.29 23.36 -8.28
CA LEU A 93 37.38 23.95 -7.30
C LEU A 93 36.24 23.00 -6.98
N LYS A 94 35.59 22.45 -8.01
CA LYS A 94 34.49 21.54 -7.77
C LYS A 94 34.93 20.35 -6.92
N ARG A 95 36.05 19.72 -7.31
CA ARG A 95 36.56 18.58 -6.56
C ARG A 95 36.66 18.88 -5.08
N ALA A 96 37.25 20.04 -4.74
CA ALA A 96 37.30 20.45 -3.35
C ALA A 96 35.89 20.44 -2.74
N VAL A 97 34.95 21.14 -3.38
CA VAL A 97 33.57 21.13 -2.91
C VAL A 97 33.06 19.70 -2.82
N GLU A 98 33.00 19.01 -3.96
CA GLU A 98 32.50 17.64 -3.98
C GLU A 98 33.14 16.81 -2.87
N LEU A 99 34.45 16.92 -2.71
CA LEU A 99 35.12 16.25 -1.60
C LEU A 99 34.75 16.89 -0.27
N ALA A 100 34.66 18.22 -0.24
CA ALA A 100 34.38 18.91 1.02
C ALA A 100 32.97 18.58 1.51
N GLU A 101 32.00 18.54 0.60
CA GLU A 101 30.64 18.17 1.00
C GLU A 101 30.61 16.76 1.55
N ALA A 102 31.28 15.82 0.88
CA ALA A 102 31.33 14.45 1.36
C ALA A 102 31.69 14.39 2.84
N VAL A 103 32.71 15.15 3.24
CA VAL A 103 33.11 15.17 4.64
C VAL A 103 31.95 15.61 5.52
N VAL A 104 31.23 16.65 5.10
CA VAL A 104 30.12 17.15 5.92
C VAL A 104 28.98 16.15 5.95
N ARG A 105 28.50 15.72 4.79
CA ARG A 105 27.39 14.76 4.77
C ARG A 105 27.78 13.46 5.45
N ALA A 106 29.08 13.13 5.45
CA ALA A 106 29.54 11.92 6.13
C ALA A 106 29.41 12.05 7.64
N ASP A 107 29.63 13.26 8.18
CA ASP A 107 29.69 13.45 9.63
C ASP A 107 29.22 14.86 9.98
N PRO A 108 27.93 15.14 9.82
CA PRO A 108 27.43 16.47 10.20
C PRO A 108 27.63 16.77 11.67
N GLY A 109 27.85 18.04 11.97
CA GLY A 109 27.95 18.52 13.33
C GLY A 109 29.29 18.31 14.01
N SER A 110 30.14 17.44 13.47
CA SER A 110 31.44 17.20 14.07
C SER A 110 32.31 18.44 13.95
N ASN A 111 33.42 18.46 14.69
CA ASN A 111 34.39 19.54 14.53
C ASN A 111 35.14 19.39 13.22
N LEU A 112 35.72 18.21 12.98
CA LEU A 112 36.35 17.93 11.70
C LEU A 112 35.43 18.29 10.55
N SER A 113 34.14 17.96 10.68
CA SER A 113 33.16 18.39 9.69
C SER A 113 33.00 19.90 9.68
N LYS A 114 33.02 20.52 10.87
CA LYS A 114 32.95 21.97 10.93
C LYS A 114 34.09 22.61 10.15
N LYS A 115 35.31 22.09 10.31
CA LYS A 115 36.46 22.68 9.64
C LYS A 115 36.33 22.54 8.13
N ALA A 116 35.84 21.40 7.65
CA ALA A 116 35.62 21.23 6.22
C ALA A 116 34.61 22.23 5.70
N LEU A 117 33.44 22.31 6.34
CA LEU A 117 32.46 23.34 5.97
C LEU A 117 33.12 24.71 5.90
N GLU A 118 34.00 25.01 6.87
CA GLU A 118 34.82 26.21 6.79
C GLU A 118 35.66 26.21 5.51
N ILE A 119 36.39 25.12 5.26
CA ILE A 119 37.11 24.97 4.00
C ILE A 119 36.18 25.23 2.83
N ILE A 120 35.05 24.51 2.79
CA ILE A 120 34.05 24.65 1.75
C ILE A 120 33.83 26.13 1.44
N LEU A 121 33.54 26.91 2.49
CA LEU A 121 33.14 28.29 2.30
C LEU A 121 34.18 29.08 1.51
N ARG A 122 35.47 28.85 1.80
CA ARG A 122 36.52 29.54 1.06
C ARG A 122 36.42 29.25 -0.44
N ALA A 123 36.10 28.00 -0.79
CA ALA A 123 36.13 27.60 -2.19
C ALA A 123 35.08 28.33 -3.01
N ALA A 124 33.83 28.37 -2.53
CA ALA A 124 32.78 29.02 -3.28
C ALA A 124 33.14 30.47 -3.60
N ALA A 125 33.77 31.16 -2.66
CA ALA A 125 34.21 32.53 -2.92
C ALA A 125 35.11 32.60 -4.15
N GLU A 126 36.11 31.72 -4.22
CA GLU A 126 36.93 31.64 -5.41
C GLU A 126 36.09 31.28 -6.62
N LEU A 127 35.13 30.37 -6.45
CA LEU A 127 34.26 29.99 -7.56
C LEU A 127 33.38 31.15 -8.02
N ALA A 128 33.02 32.05 -7.10
CA ALA A 128 32.16 33.17 -7.46
C ALA A 128 32.79 34.04 -8.54
N LYS A 129 34.10 34.26 -8.47
CA LYS A 129 34.75 35.24 -9.34
C LYS A 129 34.54 34.94 -10.82
N LEU A 130 34.71 33.67 -11.20
CA LEU A 130 34.77 33.33 -12.62
C LEU A 130 33.45 33.62 -13.33
N PRO A 131 33.46 34.30 -14.48
CA PRO A 131 32.19 34.68 -15.12
C PRO A 131 31.30 33.55 -15.61
N ASP A 132 31.78 32.31 -15.77
CA ASP A 132 30.92 31.27 -16.35
C ASP A 132 29.65 31.13 -15.51
N PRO A 133 28.46 31.35 -16.10
CA PRO A 133 27.25 31.33 -15.26
C PRO A 133 26.99 29.99 -14.59
N ASP A 134 27.11 28.89 -15.34
CA ASP A 134 26.88 27.57 -14.78
C ASP A 134 27.66 27.39 -13.48
N ALA A 135 28.92 27.83 -13.46
CA ALA A 135 29.74 27.65 -12.27
C ALA A 135 29.31 28.58 -11.15
N LEU A 136 28.94 29.83 -11.49
CA LEU A 136 28.50 30.76 -10.45
C LEU A 136 27.42 30.14 -9.58
N ALA A 137 26.39 29.58 -10.20
CA ALA A 137 25.34 28.91 -9.44
C ALA A 137 25.93 27.90 -8.47
N ALA A 138 26.87 27.08 -8.95
CA ALA A 138 27.51 26.08 -8.09
C ALA A 138 28.08 26.73 -6.83
N ALA A 139 28.80 27.84 -6.99
CA ALA A 139 29.27 28.58 -5.82
C ALA A 139 28.10 28.97 -4.93
N ALA A 140 27.04 29.51 -5.52
CA ALA A 140 25.83 29.80 -4.76
C ALA A 140 25.23 28.51 -4.21
N ARG A 141 25.19 27.45 -5.01
CA ARG A 141 24.58 26.19 -4.60
C ARG A 141 25.26 25.65 -3.34
N ALA A 142 26.56 25.37 -3.42
CA ALA A 142 27.27 24.80 -2.29
C ALA A 142 27.24 25.73 -1.09
N ALA A 143 27.40 27.04 -1.32
CA ALA A 143 27.42 28.00 -0.23
C ALA A 143 26.10 27.98 0.54
N SER A 144 24.98 28.00 -0.19
CA SER A 144 23.68 27.97 0.47
C SER A 144 23.57 26.78 1.41
N LYS A 145 24.05 25.61 0.99
CA LYS A 145 24.06 24.44 1.86
C LYS A 145 24.65 24.76 3.23
N VAL A 146 25.70 25.59 3.25
CA VAL A 146 26.35 25.92 4.51
C VAL A 146 25.41 26.74 5.39
N GLN A 147 24.75 27.76 4.82
CA GLN A 147 23.83 28.57 5.60
C GLN A 147 22.79 27.71 6.30
N GLN A 148 22.30 26.68 5.62
CA GLN A 148 21.29 25.81 6.22
C GLN A 148 21.90 24.94 7.32
N GLU A 149 23.13 24.48 7.13
CA GLU A 149 23.76 23.61 8.11
C GLU A 149 24.04 24.35 9.41
N GLN A 150 24.50 25.59 9.31
CA GLN A 150 24.80 26.41 10.48
C GLN A 150 24.16 27.78 10.29
N PRO A 151 22.83 27.87 10.37
CA PRO A 151 22.17 29.15 10.13
C PRO A 151 22.47 30.16 11.22
N GLY A 152 22.51 31.43 10.82
CA GLY A 152 22.68 32.52 11.74
C GLY A 152 24.06 32.67 12.35
N SER A 153 24.92 31.67 12.23
CA SER A 153 26.25 31.76 12.82
C SER A 153 27.07 32.82 12.09
N ASN A 154 28.28 33.06 12.59
CA ASN A 154 29.21 33.93 11.88
C ASN A 154 29.43 33.43 10.45
N LEU A 155 29.29 32.13 10.23
CA LEU A 155 29.52 31.56 8.90
C LEU A 155 28.42 31.97 7.93
N ALA A 156 27.16 31.90 8.35
CA ALA A 156 26.05 32.11 7.43
C ALA A 156 26.14 33.46 6.73
N LYS A 157 26.61 34.50 7.43
CA LYS A 157 26.76 35.81 6.80
C LYS A 157 27.70 35.73 5.61
N ALA A 158 28.79 34.97 5.72
CA ALA A 158 29.70 34.80 4.60
C ALA A 158 29.00 34.21 3.40
N ALA A 159 28.22 33.14 3.62
CA ALA A 159 27.43 32.56 2.55
C ALA A 159 26.52 33.61 1.93
N GLN A 160 25.68 34.24 2.76
CA GLN A 160 24.77 35.27 2.27
C GLN A 160 25.54 36.35 1.51
N GLU A 161 26.64 36.84 2.11
CA GLU A 161 27.50 37.79 1.41
C GLU A 161 28.15 37.15 0.19
N ILE A 162 28.63 35.91 0.34
CA ILE A 162 29.21 35.22 -0.80
C ILE A 162 28.15 34.98 -1.88
N MET A 163 26.95 34.60 -1.47
CA MET A 163 25.85 34.47 -2.42
C MET A 163 25.61 35.79 -3.14
N ARG A 164 25.62 36.90 -2.40
CA ARG A 164 25.40 38.20 -3.02
C ARG A 164 26.50 38.53 -4.02
N GLN A 165 27.75 38.22 -3.68
CA GLN A 165 28.87 38.58 -4.57
C GLN A 165 28.68 37.98 -5.96
N ALA A 166 28.25 36.71 -6.02
CA ALA A 166 27.97 36.09 -7.32
C ALA A 166 26.93 36.91 -8.09
N SER A 167 25.84 37.28 -7.43
CA SER A 167 24.79 38.04 -8.09
C SER A 167 25.35 39.31 -8.75
N ARG A 168 26.08 40.12 -7.98
CA ARG A 168 26.70 41.31 -8.55
C ARG A 168 27.61 40.95 -9.72
N ALA A 169 28.38 39.87 -9.57
CA ALA A 169 29.21 39.41 -10.67
C ALA A 169 28.37 38.84 -11.80
N ALA A 170 27.33 38.07 -11.46
CA ALA A 170 26.56 37.36 -12.47
C ALA A 170 25.91 38.32 -13.46
N GLU A 171 25.36 39.43 -12.97
CA GLU A 171 24.67 40.36 -13.86
C GLU A 171 25.56 40.84 -14.98
N GLU A 172 26.88 40.95 -14.74
CA GLU A 172 27.77 41.46 -15.77
C GLU A 172 28.04 40.41 -16.85
N ALA A 173 28.09 39.13 -16.49
CA ALA A 173 28.33 38.10 -17.48
C ALA A 173 27.22 38.05 -18.51
N ALA A 174 25.98 38.30 -18.09
CA ALA A 174 24.89 38.44 -19.04
C ALA A 174 25.04 39.73 -19.85
N ARG A 175 25.48 40.79 -19.20
CA ARG A 175 25.69 42.06 -19.91
C ARG A 175 26.81 41.92 -20.93
N ARG A 176 27.85 41.15 -20.61
CA ARG A 176 28.89 40.89 -21.59
C ARG A 176 28.31 40.21 -22.82
N ALA A 177 27.35 39.32 -22.63
CA ALA A 177 26.72 38.64 -23.76
C ALA A 177 25.99 39.64 -24.65
N LYS A 178 25.21 40.53 -24.03
CA LYS A 178 24.58 41.61 -24.79
C LYS A 178 25.64 42.39 -25.57
N GLU A 179 26.77 42.68 -24.92
CA GLU A 179 27.86 43.36 -25.61
C GLU A 179 28.46 42.48 -26.71
N THR A 180 28.63 41.19 -26.43
CA THR A 180 29.22 40.30 -27.43
C THR A 180 28.30 40.11 -28.63
N LEU A 181 26.99 40.10 -28.40
CA LEU A 181 26.06 39.84 -29.50
C LEU A 181 26.01 41.01 -30.48
N GLU A 182 25.92 42.24 -29.97
CA GLU A 182 25.94 43.38 -30.88
C GLU A 182 27.17 43.32 -31.77
N LYS A 183 28.30 42.89 -31.21
CA LYS A 183 29.47 42.59 -32.05
C LYS A 183 29.20 41.38 -32.93
N ALA A 184 28.65 40.31 -32.34
CA ALA A 184 28.34 39.12 -33.13
C ALA A 184 27.34 39.45 -34.24
N GLU A 185 26.42 40.37 -33.99
CA GLU A 185 25.42 40.71 -34.99
C GLU A 185 26.07 41.39 -36.19
N LYS A 186 26.94 42.37 -35.94
CA LYS A 186 27.61 43.05 -37.05
C LYS A 186 28.52 42.11 -37.81
N ASP A 187 29.25 41.25 -37.10
CA ASP A 187 30.16 40.32 -37.74
C ASP A 187 29.41 39.27 -38.55
N GLY A 188 28.38 38.67 -37.94
CA GLY A 188 27.53 37.72 -38.63
C GLY A 188 27.83 36.26 -38.38
N ASP A 189 28.66 35.94 -37.40
CA ASP A 189 28.89 34.54 -37.04
C ASP A 189 27.64 34.01 -36.33
N PRO A 190 26.86 33.13 -36.95
CA PRO A 190 25.61 32.70 -36.29
C PRO A 190 25.85 31.87 -35.05
N GLU A 191 26.88 31.02 -35.06
CA GLU A 191 27.22 30.27 -33.87
C GLU A 191 27.71 31.19 -32.76
N THR A 192 28.47 32.23 -33.11
CA THR A 192 28.95 33.16 -32.10
C THR A 192 27.80 33.91 -31.44
N ALA A 193 26.80 34.32 -32.21
CA ALA A 193 25.70 35.09 -31.64
C ALA A 193 24.80 34.21 -30.78
N LEU A 194 24.51 32.99 -31.23
CA LEU A 194 23.60 32.14 -30.47
C LEU A 194 24.14 31.86 -29.08
N LYS A 195 25.44 31.57 -28.97
CA LYS A 195 26.02 31.21 -27.67
C LYS A 195 25.85 32.33 -26.65
N ALA A 196 25.89 33.59 -27.10
CA ALA A 196 25.67 34.70 -26.19
C ALA A 196 24.27 34.64 -25.59
N VAL A 197 23.26 34.43 -26.43
CA VAL A 197 21.90 34.24 -25.93
C VAL A 197 21.87 33.09 -24.93
N GLU A 198 22.32 31.91 -25.37
CA GLU A 198 22.43 30.76 -24.46
C GLU A 198 23.20 31.14 -23.21
N THR A 199 24.18 32.03 -23.32
CA THR A 199 24.86 32.56 -22.14
C THR A 199 23.91 33.42 -21.32
N VAL A 200 23.17 34.32 -21.99
CA VAL A 200 22.18 35.12 -21.27
C VAL A 200 21.12 34.21 -20.65
N VAL A 201 20.65 33.23 -21.43
CA VAL A 201 19.68 32.28 -20.90
C VAL A 201 20.24 31.56 -19.69
N LYS A 202 21.50 31.13 -19.78
CA LYS A 202 22.15 30.51 -18.62
C LYS A 202 22.10 31.44 -17.41
N VAL A 203 22.44 32.71 -17.61
CA VAL A 203 22.40 33.68 -16.51
C VAL A 203 21.03 33.63 -15.84
N ALA A 204 19.97 33.65 -16.65
CA ALA A 204 18.62 33.64 -16.10
C ALA A 204 18.40 32.45 -15.17
N ARG A 205 18.53 31.24 -15.70
CA ARG A 205 18.32 30.05 -14.89
C ARG A 205 19.21 30.06 -13.66
N ALA A 206 20.47 30.48 -13.81
CA ALA A 206 21.37 30.55 -12.67
C ALA A 206 20.88 31.56 -11.64
N LEU A 207 20.51 32.76 -12.09
CA LEU A 207 20.10 33.81 -11.17
C LEU A 207 18.86 33.40 -10.39
N ASN A 208 17.83 32.90 -11.07
CA ASN A 208 16.62 32.49 -10.38
C ASN A 208 16.92 31.42 -9.35
N GLN A 209 17.77 30.44 -9.71
CA GLN A 209 18.17 29.43 -8.75
C GLN A 209 18.84 30.06 -7.54
N ILE A 210 19.81 30.94 -7.78
CA ILE A 210 20.41 31.71 -6.68
C ILE A 210 19.31 32.45 -5.92
N ALA A 211 18.42 33.12 -6.64
CA ALA A 211 17.30 33.80 -6.01
C ALA A 211 16.40 32.81 -5.29
N THR A 212 15.97 31.76 -5.99
CA THR A 212 15.10 30.75 -5.39
C THR A 212 15.76 30.09 -4.18
N MET A 213 17.08 29.93 -4.21
CA MET A 213 17.77 29.25 -3.14
C MET A 213 17.85 30.12 -1.88
N ALA A 214 18.11 31.41 -2.06
CA ALA A 214 17.98 32.33 -0.93
C ALA A 214 16.51 32.54 -0.59
N GLY A 215 15.65 32.61 -1.60
CA GLY A 215 14.22 32.68 -1.41
C GLY A 215 13.64 34.08 -1.45
N SER A 216 14.47 35.10 -1.32
CA SER A 216 13.96 36.47 -1.27
C SER A 216 13.17 36.80 -2.52
N GLU A 217 11.91 37.19 -2.34
CA GLU A 217 11.09 37.63 -3.48
C GLU A 217 11.80 38.71 -4.27
N GLU A 218 12.53 39.59 -3.59
CA GLU A 218 13.29 40.63 -4.28
C GLU A 218 14.27 40.03 -5.27
N ALA A 219 15.05 39.04 -4.83
CA ALA A 219 16.04 38.42 -5.71
C ALA A 219 15.40 37.94 -7.01
N GLN A 220 14.31 37.19 -6.90
CA GLN A 220 13.60 36.74 -8.09
C GLN A 220 13.09 37.92 -8.90
N GLU A 221 12.78 39.04 -8.24
CA GLU A 221 12.34 40.23 -8.95
C GLU A 221 13.44 40.77 -9.86
N ARG A 222 14.64 40.98 -9.31
CA ARG A 222 15.77 41.37 -10.14
C ARG A 222 15.99 40.35 -11.25
N ALA A 223 15.83 39.06 -10.94
CA ALA A 223 15.87 38.04 -11.97
C ALA A 223 14.72 38.18 -12.97
N ALA A 224 13.65 38.87 -12.57
CA ALA A 224 12.50 39.00 -13.45
C ALA A 224 12.82 39.90 -14.65
N ARG A 225 13.44 41.05 -14.39
CA ARG A 225 13.66 42.01 -15.46
C ARG A 225 14.59 41.45 -16.53
N VAL A 226 15.65 40.75 -16.13
CA VAL A 226 16.58 40.19 -17.10
C VAL A 226 15.87 39.18 -18.00
N ALA A 227 15.09 38.28 -17.40
CA ALA A 227 14.47 37.20 -18.16
C ALA A 227 13.69 37.75 -19.35
N SER A 228 12.96 38.84 -19.15
CA SER A 228 12.09 39.35 -20.21
C SER A 228 12.88 39.73 -21.46
N GLU A 229 13.99 40.45 -21.28
CA GLU A 229 14.73 40.97 -22.41
C GLU A 229 15.63 39.94 -23.08
N ALA A 230 15.78 38.76 -22.50
CA ALA A 230 16.50 37.69 -23.19
C ALA A 230 15.75 37.26 -24.44
N ALA A 231 14.42 37.20 -24.37
CA ALA A 231 13.63 36.85 -25.54
C ALA A 231 13.73 37.91 -26.63
N ARG A 232 13.83 39.19 -26.24
CA ARG A 232 14.05 40.23 -27.23
C ARG A 232 15.39 40.03 -27.94
N LEU A 233 16.39 39.50 -27.23
CA LEU A 233 17.61 39.06 -27.88
C LEU A 233 17.37 37.80 -28.71
N ALA A 234 16.76 36.79 -28.10
CA ALA A 234 16.56 35.52 -28.80
C ALA A 234 15.78 35.71 -30.10
N GLU A 235 14.96 36.77 -30.17
CA GLU A 235 14.26 37.05 -31.42
C GLU A 235 15.21 37.50 -32.51
N ARG A 236 16.32 38.15 -32.14
CA ARG A 236 17.26 38.67 -33.13
C ARG A 236 18.09 37.55 -33.75
N VAL A 237 18.51 36.57 -32.94
CA VAL A 237 19.48 35.58 -33.41
C VAL A 237 18.89 34.77 -34.57
N LEU A 238 17.66 34.28 -34.40
CA LEU A 238 17.01 33.55 -35.48
C LEU A 238 16.92 34.41 -36.74
N GLU A 239 16.63 35.70 -36.58
CA GLU A 239 16.61 36.59 -37.73
C GLU A 239 18.02 36.83 -38.27
N LEU A 240 19.03 36.80 -37.39
CA LEU A 240 20.41 36.90 -37.85
C LEU A 240 20.82 35.65 -38.62
N ALA A 241 20.46 34.48 -38.11
CA ALA A 241 20.79 33.24 -38.81
C ALA A 241 20.06 33.14 -40.14
N GLU A 242 18.77 33.50 -40.16
CA GLU A 242 18.02 33.51 -41.41
C GLU A 242 18.68 34.44 -42.42
N LYS A 243 18.93 35.68 -42.02
CA LYS A 243 19.66 36.61 -42.88
C LYS A 243 21.11 36.15 -43.07
N PRO A 247 19.82 27.76 -40.69
CA PRO A 247 19.21 26.45 -40.46
C PRO A 247 19.51 25.91 -39.06
N GLU A 248 20.78 25.63 -38.80
CA GLU A 248 21.18 25.20 -37.47
C GLU A 248 20.94 26.30 -36.44
N VAL A 249 21.16 27.56 -36.83
CA VAL A 249 21.06 28.65 -35.88
C VAL A 249 19.62 29.12 -35.69
N ALA A 250 18.78 28.97 -36.72
CA ALA A 250 17.40 29.40 -36.59
C ALA A 250 16.58 28.44 -35.73
N ARG A 251 16.85 27.14 -35.86
CA ARG A 251 16.09 26.15 -35.09
C ARG A 251 16.37 26.29 -33.59
N ARG A 252 17.61 26.61 -33.22
CA ARG A 252 17.95 26.78 -31.82
C ARG A 252 17.44 28.10 -31.27
N ALA A 253 17.43 29.15 -32.10
CA ALA A 253 16.93 30.45 -31.66
C ALA A 253 15.50 30.32 -31.13
N ARG A 254 14.64 29.61 -31.87
CA ARG A 254 13.31 29.33 -31.35
C ARG A 254 13.40 28.57 -30.03
N GLU A 255 14.27 27.56 -29.97
CA GLU A 255 14.45 26.79 -28.74
C GLU A 255 14.78 27.71 -27.56
N LEU A 256 15.63 28.70 -27.79
CA LEU A 256 16.01 29.61 -26.71
C LEU A 256 14.79 30.30 -26.12
N GLN A 257 13.93 30.85 -26.99
CA GLN A 257 12.65 31.40 -26.52
C GLN A 257 11.92 30.39 -25.66
N GLU A 258 11.83 29.14 -26.14
CA GLU A 258 11.15 28.10 -25.38
C GLU A 258 11.86 27.84 -24.04
N LYS A 259 13.17 28.04 -23.98
CA LYS A 259 13.87 27.93 -22.71
C LYS A 259 13.58 29.12 -21.81
N VAL A 260 13.41 30.31 -22.38
CA VAL A 260 13.11 31.49 -21.57
C VAL A 260 11.76 31.32 -20.88
N LEU A 261 10.73 31.02 -21.65
CA LEU A 261 9.38 30.89 -21.09
C LEU A 261 9.37 29.87 -19.96
N ASP A 262 10.01 28.73 -20.17
CA ASP A 262 10.17 27.76 -19.09
C ASP A 262 10.88 28.40 -17.90
N ILE A 263 11.88 29.25 -18.16
CA ILE A 263 12.55 29.94 -17.07
C ILE A 263 11.58 30.90 -16.37
N LEU A 264 10.80 31.64 -17.15
CA LEU A 264 9.72 32.44 -16.57
C LEU A 264 8.82 31.56 -15.70
N LEU A 265 8.43 30.41 -16.23
CA LEU A 265 7.60 29.47 -15.48
C LEU A 265 8.28 29.09 -14.17
N ASP A 266 9.56 28.69 -14.23
CA ASP A 266 10.30 28.35 -13.03
C ASP A 266 10.21 29.47 -11.99
N ILE A 267 10.49 30.71 -12.42
CA ILE A 267 10.34 31.85 -11.53
C ILE A 267 8.92 31.92 -11.00
N LEU A 268 7.94 31.70 -11.87
CA LEU A 268 6.54 31.76 -11.47
C LEU A 268 6.23 30.74 -10.37
N GLU A 269 6.48 29.46 -10.67
CA GLU A 269 6.23 28.42 -9.67
C GLU A 269 6.90 28.73 -8.35
N GLN A 270 8.10 29.32 -8.39
CA GLN A 270 8.82 29.61 -7.15
C GLN A 270 8.13 30.70 -6.35
N ILE A 271 7.71 31.79 -7.02
CA ILE A 271 6.91 32.80 -6.34
C ILE A 271 5.70 32.13 -5.69
N LEU A 272 4.98 31.32 -6.46
CA LEU A 272 3.74 30.73 -5.97
C LEU A 272 3.98 29.87 -4.74
N GLN A 273 4.80 28.82 -4.89
CA GLN A 273 5.06 27.91 -3.78
C GLN A 273 5.31 28.67 -2.49
N THR A 274 6.17 29.68 -2.55
CA THR A 274 6.33 30.59 -1.41
C THR A 274 4.98 31.17 -1.01
N ALA A 275 4.30 31.82 -1.95
CA ALA A 275 3.02 32.45 -1.65
C ALA A 275 2.04 31.46 -1.03
N THR A 276 1.88 30.30 -1.65
CA THR A 276 0.89 29.34 -1.17
C THR A 276 1.27 28.80 0.21
N LYS A 277 2.56 28.54 0.44
CA LYS A 277 2.99 28.12 1.77
C LYS A 277 2.60 29.14 2.82
N ILE A 278 2.68 30.44 2.48
CA ILE A 278 2.35 31.47 3.44
C ILE A 278 0.88 31.38 3.84
N ILE A 279 -0.01 31.17 2.87
CA ILE A 279 -1.44 31.23 3.15
C ILE A 279 -1.84 30.11 4.10
N ASP A 280 -1.27 28.92 3.94
CA ASP A 280 -1.41 27.89 4.95
C ASP A 280 -0.97 28.43 6.31
N ASP A 281 0.23 28.98 6.37
CA ASP A 281 0.72 29.60 7.60
C ASP A 281 -0.22 30.71 8.06
N ALA A 282 -0.66 31.56 7.14
CA ALA A 282 -1.61 32.60 7.48
C ALA A 282 -2.90 32.02 8.02
N ASN A 283 -3.50 31.08 7.28
CA ASN A 283 -4.71 30.41 7.76
C ASN A 283 -4.44 29.69 9.07
N LYS A 284 -3.41 28.84 9.11
CA LYS A 284 -3.03 28.20 10.36
C LYS A 284 -2.81 29.24 11.45
N LEU A 285 -2.08 30.32 11.12
CA LEU A 285 -1.95 31.43 12.06
C LEU A 285 -3.31 31.93 12.51
N LEU A 286 -4.25 32.07 11.57
CA LEU A 286 -5.57 32.57 11.90
C LEU A 286 -6.27 31.67 12.91
N GLU A 287 -6.41 30.39 12.58
CA GLU A 287 -7.15 29.46 13.44
C GLU A 287 -6.80 29.71 14.91
N LYS A 288 -5.50 29.76 15.21
CA LYS A 288 -5.06 30.02 16.58
C LYS A 288 -5.67 31.32 17.11
N LEU A 289 -5.77 32.33 16.25
CA LEU A 289 -6.34 33.61 16.68
C LEU A 289 -7.82 33.46 17.03
N ARG A 290 -8.62 32.98 16.06
CA ARG A 290 -10.04 32.78 16.33
C ARG A 290 -10.24 31.91 17.56
N ARG A 291 -9.38 30.91 17.75
CA ARG A 291 -9.51 30.02 18.89
C ARG A 291 -9.21 30.75 20.19
N SER A 292 -8.01 31.31 20.32
CA SER A 292 -7.59 31.93 21.57
C SER A 292 -8.56 33.05 21.96
N GLU A 293 -9.16 32.92 23.15
CA GLU A 293 -10.09 33.93 23.64
C GLU A 293 -9.41 35.29 23.71
N ARG A 294 -8.35 35.39 24.50
CA ARG A 294 -7.59 36.63 24.63
C ARG A 294 -6.57 36.70 23.49
N LYS A 295 -6.79 37.60 22.55
CA LYS A 295 -5.90 37.73 21.40
C LYS A 295 -4.60 38.42 21.79
N ASP A 296 -3.53 38.03 21.11
CA ASP A 296 -2.20 38.62 21.31
C ASP A 296 -1.92 39.57 20.16
N PRO A 297 -2.08 40.88 20.34
CA PRO A 297 -1.97 41.81 19.19
C PRO A 297 -0.68 41.67 18.40
N LYS A 298 0.46 41.48 19.06
CA LYS A 298 1.71 41.29 18.31
C LYS A 298 1.57 40.17 17.30
N VAL A 299 0.97 39.05 17.71
CA VAL A 299 0.76 37.93 16.80
C VAL A 299 -0.18 38.33 15.66
N VAL A 300 -1.21 39.13 15.98
CA VAL A 300 -2.11 39.62 14.93
C VAL A 300 -1.29 40.31 13.84
N GLU A 301 -0.38 41.20 14.24
CA GLU A 301 0.45 41.90 13.27
C GLU A 301 1.18 40.91 12.37
N THR A 302 1.79 39.88 12.95
CA THR A 302 2.44 38.85 12.15
C THR A 302 1.52 38.38 11.03
N TYR A 303 0.30 37.97 11.40
CA TYR A 303 -0.70 37.60 10.41
C TYR A 303 -0.86 38.68 9.34
N VAL A 304 -1.08 39.93 9.77
CA VAL A 304 -1.32 41.00 8.81
C VAL A 304 -0.19 41.07 7.78
N GLU A 305 1.05 41.17 8.26
CA GLU A 305 2.19 41.26 7.36
C GLU A 305 2.21 40.09 6.37
N LEU A 306 1.74 38.92 6.78
CA LEU A 306 1.69 37.78 5.87
C LEU A 306 0.64 38.00 4.79
N LEU A 307 -0.57 38.41 5.18
CA LEU A 307 -1.58 38.76 4.17
C LEU A 307 -1.08 39.89 3.29
N LYS A 308 -0.51 40.93 3.91
CA LYS A 308 0.09 42.01 3.14
C LYS A 308 1.18 41.48 2.22
N ARG A 309 2.14 40.72 2.77
CA ARG A 309 3.19 40.14 1.94
C ARG A 309 2.58 39.31 0.82
N HIS A 310 1.64 38.42 1.16
CA HIS A 310 0.97 37.61 0.15
C HIS A 310 0.47 38.49 -0.99
N GLU A 311 -0.25 39.57 -0.65
CA GLU A 311 -0.65 40.54 -1.65
C GLU A 311 0.56 41.04 -2.43
N ARG A 312 1.65 41.36 -1.72
CA ARG A 312 2.86 41.82 -2.38
C ARG A 312 3.40 40.75 -3.33
N LEU A 313 3.45 39.49 -2.87
CA LEU A 313 3.97 38.42 -3.70
C LEU A 313 3.07 38.17 -4.92
N VAL A 314 1.75 38.23 -4.72
CA VAL A 314 0.83 38.01 -5.83
C VAL A 314 1.02 39.10 -6.89
N LYS A 315 1.15 40.36 -6.47
CA LYS A 315 1.40 41.43 -7.42
C LYS A 315 2.58 41.09 -8.33
N GLN A 316 3.67 40.64 -7.73
CA GLN A 316 4.86 40.26 -8.49
C GLN A 316 4.52 39.23 -9.56
N LEU A 317 3.83 38.16 -9.17
CA LEU A 317 3.36 37.17 -10.15
C LEU A 317 2.70 37.87 -11.34
N LEU A 318 1.75 38.77 -11.05
CA LEU A 318 1.14 39.55 -12.11
C LEU A 318 2.19 40.28 -12.93
N GLU A 319 3.00 41.12 -12.27
CA GLU A 319 4.06 41.84 -12.96
C GLU A 319 4.91 40.90 -13.80
N ILE A 320 5.21 39.71 -13.27
CA ILE A 320 5.94 38.72 -14.04
C ILE A 320 5.08 38.19 -15.18
N ALA A 321 3.86 37.75 -14.87
CA ALA A 321 3.01 37.15 -15.88
C ALA A 321 2.79 38.08 -17.07
N LYS A 322 2.73 39.39 -16.84
CA LYS A 322 2.64 40.33 -17.95
C LYS A 322 3.91 40.28 -18.79
N ALA A 323 5.07 40.41 -18.15
CA ALA A 323 6.34 40.30 -18.87
C ALA A 323 6.39 39.01 -19.69
N HIS A 324 6.05 37.88 -19.05
CA HIS A 324 5.96 36.62 -19.76
C HIS A 324 5.03 36.75 -20.96
N ALA A 325 3.85 37.34 -20.76
CA ALA A 325 2.92 37.54 -21.86
C ALA A 325 3.60 38.26 -23.03
N GLU A 326 4.34 39.33 -22.73
CA GLU A 326 5.07 40.04 -23.77
C GLU A 326 5.98 39.09 -24.55
N ALA A 327 6.68 38.20 -23.84
CA ALA A 327 7.64 37.32 -24.49
C ALA A 327 6.98 36.49 -25.57
N VAL A 328 5.81 35.90 -25.26
CA VAL A 328 5.11 35.10 -26.26
C VAL A 328 4.71 35.97 -27.45
N GLU A 329 4.12 37.13 -27.19
CA GLU A 329 3.74 38.03 -28.26
C GLU A 329 4.95 38.40 -29.11
N GLY A 330 6.05 38.78 -28.46
CA GLY A 330 7.26 39.09 -29.21
C GLY A 330 7.68 37.96 -30.13
N GLY A 331 7.54 36.72 -29.67
CA GLY A 331 7.90 35.57 -30.47
C GLY A 331 7.00 35.35 -31.68
N SER A 332 5.87 36.03 -31.75
CA SER A 332 4.96 35.89 -32.88
C SER A 332 5.65 36.27 -34.18
N GLY B 2 12.06 15.43 -21.38
CA GLY B 2 13.17 16.42 -21.51
C GLY B 2 12.92 17.68 -20.70
N ASP B 3 13.71 18.72 -20.98
CA ASP B 3 13.52 19.99 -20.30
C ASP B 3 12.20 20.63 -20.69
N ARG B 4 11.89 20.63 -21.99
CA ARG B 4 10.64 21.23 -22.46
C ARG B 4 9.44 20.34 -22.13
N SER B 5 9.63 19.01 -22.17
CA SER B 5 8.51 18.11 -21.88
C SER B 5 8.12 18.16 -20.41
N ASP B 6 9.08 18.42 -19.52
CA ASP B 6 8.75 18.68 -18.13
C ASP B 6 8.01 20.01 -17.99
N HIS B 7 8.46 21.03 -18.74
CA HIS B 7 7.83 22.34 -18.63
C HIS B 7 6.41 22.34 -19.19
N ALA B 8 6.14 21.52 -20.21
CA ALA B 8 4.78 21.42 -20.72
C ALA B 8 3.84 20.86 -19.66
N LYS B 9 4.25 19.75 -19.01
CA LYS B 9 3.56 19.29 -17.82
C LYS B 9 3.50 20.39 -16.78
N LYS B 10 4.63 21.07 -16.56
CA LYS B 10 4.64 22.19 -15.62
C LYS B 10 3.61 23.24 -16.02
N LEU B 11 3.46 23.49 -17.32
CA LEU B 11 2.39 24.36 -17.79
C LEU B 11 1.03 23.81 -17.38
N LYS B 12 0.76 22.54 -17.73
CA LYS B 12 -0.49 21.92 -17.30
C LYS B 12 -0.58 21.86 -15.78
N THR B 13 0.53 21.55 -15.12
CA THR B 13 0.54 21.54 -13.66
C THR B 13 0.39 22.95 -13.10
N PHE B 14 1.20 23.89 -13.62
CA PHE B 14 1.19 25.24 -13.09
C PHE B 14 -0.23 25.81 -13.02
N LEU B 15 -0.96 25.71 -14.13
CA LEU B 15 -2.32 26.23 -14.17
C LEU B 15 -3.16 25.63 -13.04
N GLU B 16 -3.14 24.30 -12.92
CA GLU B 16 -3.85 23.66 -11.82
C GLU B 16 -3.41 24.22 -10.48
N ASN B 17 -2.11 24.47 -10.30
CA ASN B 17 -1.61 24.98 -9.03
C ASN B 17 -2.31 26.29 -8.64
N LEU B 18 -2.49 27.20 -9.60
CA LEU B 18 -3.09 28.49 -9.28
C LEU B 18 -4.52 28.32 -8.77
N ARG B 19 -5.33 27.50 -9.45
CA ARG B 19 -6.62 27.14 -8.91
C ARG B 19 -6.48 26.59 -7.50
N ARG B 20 -5.47 25.74 -7.28
CA ARG B 20 -5.21 25.21 -5.94
C ARG B 20 -4.98 26.35 -4.95
N HIS B 21 -4.09 27.28 -5.30
CA HIS B 21 -3.89 28.45 -4.45
C HIS B 21 -5.18 29.25 -4.31
N LEU B 22 -5.87 29.48 -5.43
CA LEU B 22 -7.11 30.26 -5.38
C LEU B 22 -8.06 29.69 -4.33
N ASP B 23 -8.28 28.38 -4.37
CA ASP B 23 -9.07 27.73 -3.31
C ASP B 23 -8.53 28.11 -1.94
N ARG B 24 -7.23 27.92 -1.72
CA ARG B 24 -6.65 28.22 -0.42
C ARG B 24 -7.01 29.61 0.04
N LEU B 25 -6.91 30.59 -0.87
CA LEU B 25 -7.47 31.91 -0.59
C LEU B 25 -8.94 31.79 -0.18
N ASP B 26 -9.74 31.16 -1.04
CA ASP B 26 -11.19 31.14 -0.82
C ASP B 26 -11.54 30.37 0.44
N LYS B 27 -10.96 29.18 0.62
CA LYS B 27 -11.16 28.44 1.85
C LYS B 27 -10.78 29.29 3.06
N HIS B 28 -9.61 29.94 2.99
CA HIS B 28 -9.23 30.91 4.01
C HIS B 28 -10.25 32.03 4.09
N ILE B 29 -10.60 32.62 2.94
CA ILE B 29 -11.60 33.68 2.89
C ILE B 29 -12.82 33.27 3.68
N LYS B 30 -13.40 32.11 3.33
CA LYS B 30 -14.59 31.64 4.01
C LYS B 30 -14.40 31.61 5.53
N GLN B 31 -13.23 31.16 5.99
CA GLN B 31 -12.97 31.19 7.42
C GLN B 31 -13.10 32.60 7.97
N LEU B 32 -12.49 33.57 7.29
CA LEU B 32 -12.72 34.98 7.64
C LEU B 32 -14.19 35.35 7.45
N ARG B 33 -14.80 34.87 6.37
CA ARG B 33 -16.25 35.03 6.21
C ARG B 33 -16.99 34.40 7.38
N ASP B 34 -16.53 33.24 7.85
CA ASP B 34 -17.19 32.58 8.96
C ASP B 34 -16.92 33.30 10.28
N ILE B 35 -15.73 33.88 10.45
CA ILE B 35 -15.50 34.71 11.63
C ILE B 35 -16.43 35.91 11.62
N LEU B 36 -16.85 36.35 10.44
CA LEU B 36 -17.71 37.53 10.34
C LEU B 36 -18.98 37.35 11.16
N SER B 37 -19.64 36.20 11.00
CA SER B 37 -20.93 35.99 11.66
C SER B 37 -20.80 36.04 13.18
N GLU B 38 -19.64 35.66 13.72
CA GLU B 38 -19.44 35.72 15.16
C GLU B 38 -19.55 37.16 15.67
N ASN B 39 -18.89 38.09 14.98
CA ASN B 39 -18.89 39.50 15.36
C ASN B 39 -19.13 40.34 14.11
N PRO B 40 -20.36 40.37 13.60
CA PRO B 40 -20.60 41.10 12.34
C PRO B 40 -20.27 42.57 12.41
N GLU B 41 -20.51 43.23 13.55
CA GLU B 41 -20.30 44.67 13.65
C GLU B 41 -18.84 45.04 13.43
N ASP B 42 -17.92 44.12 13.71
CA ASP B 42 -16.49 44.44 13.67
C ASP B 42 -16.06 44.71 12.23
N GLU B 43 -15.57 45.93 11.98
CA GLU B 43 -15.18 46.31 10.63
C GLU B 43 -13.80 45.77 10.25
N ARG B 44 -12.86 45.77 11.20
CA ARG B 44 -11.49 45.33 10.90
C ARG B 44 -11.50 44.03 10.12
N VAL B 45 -12.23 43.03 10.61
CA VAL B 45 -12.35 41.76 9.89
C VAL B 45 -12.81 42.02 8.46
N LYS B 46 -13.84 42.86 8.29
CA LYS B 46 -14.30 43.22 6.96
C LYS B 46 -13.17 43.82 6.14
N ASP B 47 -12.38 44.72 6.75
CA ASP B 47 -11.23 45.27 6.06
C ASP B 47 -10.28 44.17 5.61
N VAL B 48 -10.02 43.19 6.49
CA VAL B 48 -9.14 42.08 6.13
C VAL B 48 -9.70 41.34 4.93
N ILE B 49 -11.00 40.98 4.98
CA ILE B 49 -11.63 40.29 3.86
C ILE B 49 -11.33 41.02 2.56
N ASP B 50 -11.45 42.34 2.57
CA ASP B 50 -11.24 43.12 1.36
C ASP B 50 -9.81 42.95 0.85
N LEU B 51 -8.83 43.03 1.75
CA LEU B 51 -7.44 42.81 1.34
C LEU B 51 -7.28 41.47 0.66
N SER B 52 -7.62 40.39 1.36
CA SER B 52 -7.49 39.05 0.78
C SER B 52 -8.33 38.89 -0.46
N GLU B 53 -9.50 39.52 -0.49
CA GLU B 53 -10.34 39.47 -1.70
C GLU B 53 -9.61 40.06 -2.89
N ARG B 54 -9.02 41.24 -2.72
CA ARG B 54 -8.24 41.84 -3.80
C ARG B 54 -7.26 40.84 -4.38
N SER B 55 -6.53 40.14 -3.51
CA SER B 55 -5.62 39.11 -3.97
C SER B 55 -6.32 38.13 -4.90
N VAL B 56 -7.49 37.63 -4.48
CA VAL B 56 -8.26 36.71 -5.32
C VAL B 56 -8.50 37.33 -6.69
N ARG B 57 -9.13 38.51 -6.72
CA ARG B 57 -9.43 39.16 -7.99
C ARG B 57 -8.16 39.33 -8.83
N ILE B 58 -7.10 39.87 -8.22
CA ILE B 58 -5.79 39.95 -8.86
C ILE B 58 -5.48 38.61 -9.53
N VAL B 59 -5.44 37.56 -8.72
CA VAL B 59 -5.03 36.24 -9.21
C VAL B 59 -5.82 35.85 -10.45
N LYS B 60 -7.12 36.14 -10.45
CA LYS B 60 -7.96 35.79 -11.59
C LYS B 60 -7.36 36.32 -12.89
N THR B 61 -6.95 37.59 -12.90
CA THR B 61 -6.30 38.15 -14.08
C THR B 61 -5.10 37.30 -14.49
N VAL B 62 -4.28 36.90 -13.51
CA VAL B 62 -3.11 36.08 -13.82
C VAL B 62 -3.52 34.86 -14.64
N ILE B 63 -4.61 34.20 -14.25
CA ILE B 63 -5.16 33.12 -15.05
C ILE B 63 -5.50 33.63 -16.45
N LYS B 64 -6.20 34.75 -16.52
CA LYS B 64 -6.62 35.29 -17.82
C LYS B 64 -5.42 35.52 -18.73
N ILE B 65 -4.44 36.28 -18.25
CA ILE B 65 -3.22 36.52 -19.03
C ILE B 65 -2.64 35.20 -19.50
N PHE B 66 -2.36 34.30 -18.56
CA PHE B 66 -1.67 33.06 -18.89
C PHE B 66 -2.45 32.25 -19.92
N GLU B 67 -3.72 31.99 -19.65
CA GLU B 67 -4.53 31.22 -20.58
C GLU B 67 -4.53 31.89 -21.96
N ASP B 68 -4.62 33.21 -21.99
CA ASP B 68 -4.39 33.93 -23.25
C ASP B 68 -3.01 33.60 -23.80
N SER B 69 -1.96 33.91 -23.03
CA SER B 69 -0.60 33.65 -23.46
C SER B 69 -0.43 32.20 -23.93
N VAL B 70 -0.89 31.24 -23.11
CA VAL B 70 -0.79 29.84 -23.50
C VAL B 70 -1.52 29.60 -24.81
N ARG B 71 -2.80 29.98 -24.86
CA ARG B 71 -3.55 29.85 -26.11
C ARG B 71 -2.83 30.54 -27.25
N LYS B 72 -2.29 31.73 -27.01
CA LYS B 72 -1.52 32.43 -28.02
C LYS B 72 -0.31 31.60 -28.44
N LEU B 73 0.41 31.05 -27.46
CA LEU B 73 1.56 30.21 -27.78
C LEU B 73 1.14 29.00 -28.61
N LEU B 74 -0.03 28.42 -28.30
CA LEU B 74 -0.53 27.30 -29.10
C LEU B 74 -0.80 27.74 -30.53
N LYS B 75 -1.32 28.95 -30.72
CA LYS B 75 -1.48 29.49 -32.06
C LYS B 75 -0.13 29.57 -32.77
N GLN B 76 0.86 30.17 -32.12
CA GLN B 76 2.21 30.20 -32.67
C GLN B 76 2.72 28.78 -32.91
N ILE B 77 2.44 27.86 -31.98
CA ILE B 77 2.83 26.47 -32.17
C ILE B 77 2.11 25.87 -33.37
N ASN B 78 0.83 26.22 -33.54
CA ASN B 78 0.08 25.75 -34.69
C ASN B 78 0.79 26.13 -35.99
N LYS B 79 1.14 27.41 -36.12
CA LYS B 79 1.73 27.91 -37.37
C LYS B 79 2.95 27.10 -37.76
N GLU B 80 3.88 26.90 -36.82
CA GLU B 80 5.11 26.17 -37.13
C GLU B 80 4.79 24.81 -37.74
N ALA B 81 3.76 24.13 -37.23
CA ALA B 81 3.39 22.83 -37.75
C ALA B 81 2.87 22.93 -39.18
N GLU B 82 1.86 23.79 -39.39
CA GLU B 82 1.29 23.96 -40.72
C GLU B 82 2.38 24.19 -41.76
N GLU B 83 3.35 25.06 -41.43
CA GLU B 83 4.49 25.25 -42.32
C GLU B 83 5.33 23.98 -42.41
N LEU B 84 5.68 23.41 -41.26
CA LEU B 84 6.43 22.15 -41.26
C LEU B 84 5.68 21.04 -41.98
N ALA B 85 4.36 21.20 -42.20
CA ALA B 85 3.60 20.20 -42.92
C ALA B 85 3.93 20.22 -44.41
N LYS B 86 4.19 21.40 -44.96
CA LYS B 86 4.42 21.52 -46.40
C LYS B 86 5.80 21.01 -46.80
N SER B 87 6.81 21.32 -46.00
CA SER B 87 8.17 20.88 -46.33
C SER B 87 8.21 19.36 -46.46
N PRO B 88 8.71 18.83 -47.60
CA PRO B 88 8.62 17.38 -47.80
C PRO B 88 9.61 16.58 -46.98
N ASP B 89 10.65 17.21 -46.43
CA ASP B 89 11.66 16.47 -45.69
C ASP B 89 10.99 15.67 -44.57
N PRO B 90 11.37 14.41 -44.36
CA PRO B 90 10.66 13.60 -43.36
C PRO B 90 10.75 14.18 -41.96
N GLU B 91 11.96 14.48 -41.48
CA GLU B 91 12.12 15.06 -40.15
C GLU B 91 11.28 16.33 -40.01
N ASP B 92 11.18 17.12 -41.07
CA ASP B 92 10.39 18.35 -41.00
C ASP B 92 8.91 18.02 -40.84
N LEU B 93 8.39 17.08 -41.61
CA LEU B 93 6.99 16.69 -41.49
C LEU B 93 6.73 16.06 -40.12
N LYS B 94 7.54 15.09 -39.73
CA LYS B 94 7.40 14.50 -38.40
C LYS B 94 7.46 15.56 -37.31
N ARG B 95 8.38 16.51 -37.45
CA ARG B 95 8.42 17.63 -36.51
C ARG B 95 7.09 18.39 -36.49
N ALA B 96 6.41 18.47 -37.64
CA ALA B 96 5.08 19.06 -37.65
C ALA B 96 4.12 18.26 -36.80
N VAL B 97 4.23 16.93 -36.84
CA VAL B 97 3.37 16.08 -36.01
C VAL B 97 3.60 16.38 -34.54
N GLU B 98 4.85 16.22 -34.08
CA GLU B 98 5.15 16.37 -32.66
C GLU B 98 4.64 17.69 -32.13
N LEU B 99 5.01 18.80 -32.78
CA LEU B 99 4.47 20.10 -32.40
C LEU B 99 2.95 20.06 -32.38
N ALA B 100 2.34 19.47 -33.40
CA ALA B 100 0.88 19.41 -33.48
C ALA B 100 0.31 18.65 -32.29
N GLU B 101 0.69 17.38 -32.14
CA GLU B 101 0.17 16.56 -31.05
C GLU B 101 0.26 17.29 -29.72
N ALA B 102 1.41 17.91 -29.43
CA ALA B 102 1.61 18.54 -28.13
C ALA B 102 0.60 19.65 -27.89
N VAL B 103 0.27 20.43 -28.92
CA VAL B 103 -0.75 21.47 -28.77
C VAL B 103 -2.04 20.85 -28.24
N VAL B 104 -2.43 19.72 -28.81
CA VAL B 104 -3.62 19.00 -28.36
C VAL B 104 -3.48 18.63 -26.88
N ARG B 105 -2.42 17.88 -26.56
CA ARG B 105 -2.23 17.44 -25.19
C ARG B 105 -2.33 18.60 -24.20
N ALA B 106 -1.83 19.78 -24.59
CA ALA B 106 -1.96 20.95 -23.74
C ALA B 106 -3.42 21.27 -23.47
N ASP B 107 -4.26 21.20 -24.50
CA ASP B 107 -5.66 21.59 -24.37
C ASP B 107 -6.53 20.91 -25.43
N PRO B 108 -6.98 19.68 -25.18
CA PRO B 108 -7.91 19.04 -26.13
C PRO B 108 -9.30 19.64 -26.07
N GLY B 109 -10.19 19.20 -26.94
CA GLY B 109 -11.58 19.64 -26.92
C GLY B 109 -11.72 21.13 -27.11
N SER B 110 -11.05 21.67 -28.12
CA SER B 110 -11.13 23.10 -28.40
C SER B 110 -10.87 23.32 -29.88
N ASN B 111 -11.26 24.50 -30.37
CA ASN B 111 -11.10 24.81 -31.78
C ASN B 111 -9.64 25.02 -32.15
N LEU B 112 -8.83 25.56 -31.22
CA LEU B 112 -7.39 25.62 -31.45
C LEU B 112 -6.83 24.23 -31.71
N SER B 113 -7.18 23.27 -30.86
CA SER B 113 -6.80 21.88 -31.10
C SER B 113 -7.31 21.40 -32.45
N LYS B 114 -8.54 21.79 -32.82
CA LYS B 114 -9.13 21.37 -34.08
C LYS B 114 -8.16 21.62 -35.24
N LYS B 115 -7.75 22.88 -35.42
CA LYS B 115 -6.82 23.21 -36.49
C LYS B 115 -5.56 22.36 -36.39
N ALA B 116 -5.09 22.11 -35.16
CA ALA B 116 -3.97 21.21 -34.98
C ALA B 116 -4.32 19.80 -35.44
N LEU B 117 -5.56 19.36 -35.16
CA LEU B 117 -6.01 18.06 -35.63
C LEU B 117 -5.97 18.00 -37.15
N GLU B 118 -6.55 19.00 -37.82
CA GLU B 118 -6.51 19.03 -39.28
C GLU B 118 -5.08 19.08 -39.79
N ILE B 119 -4.22 19.85 -39.13
CA ILE B 119 -2.83 19.99 -39.58
C ILE B 119 -2.15 18.63 -39.60
N ILE B 120 -2.33 17.83 -38.54
CA ILE B 120 -1.74 16.50 -38.50
C ILE B 120 -2.08 15.74 -39.78
N LEU B 121 -3.36 15.76 -40.15
CA LEU B 121 -3.83 14.94 -41.27
C LEU B 121 -2.95 15.12 -42.50
N ARG B 122 -2.68 16.37 -42.87
CA ARG B 122 -1.87 16.64 -44.04
C ARG B 122 -0.51 15.96 -43.92
N ALA B 123 0.15 16.12 -42.77
CA ALA B 123 1.46 15.53 -42.59
C ALA B 123 1.43 14.02 -42.79
N ALA B 124 0.46 13.35 -42.16
CA ALA B 124 0.40 11.89 -42.26
C ALA B 124 0.25 11.45 -43.70
N ALA B 125 -0.63 12.12 -44.46
CA ALA B 125 -0.74 11.83 -45.89
C ALA B 125 0.61 11.98 -46.57
N GLU B 126 1.29 13.11 -46.34
CA GLU B 126 2.61 13.31 -46.91
C GLU B 126 3.57 12.21 -46.44
N LEU B 127 3.59 11.94 -45.13
CA LEU B 127 4.42 10.85 -44.63
C LEU B 127 4.02 9.52 -45.26
N ALA B 128 2.71 9.32 -45.47
CA ALA B 128 2.25 8.11 -46.13
C ALA B 128 2.89 7.94 -47.50
N LYS B 129 3.19 9.05 -48.19
CA LYS B 129 3.85 8.95 -49.49
C LYS B 129 5.26 8.39 -49.36
N LEU B 130 6.02 8.89 -48.39
CA LEU B 130 7.37 8.38 -48.16
C LEU B 130 7.32 6.87 -47.96
N PRO B 131 8.33 6.13 -48.43
CA PRO B 131 8.33 4.67 -48.26
C PRO B 131 9.08 4.13 -47.05
N ASP B 132 9.63 4.99 -46.18
CA ASP B 132 10.29 4.50 -44.98
C ASP B 132 9.27 3.81 -44.09
N PRO B 133 9.39 2.50 -43.82
CA PRO B 133 8.38 1.85 -42.99
C PRO B 133 8.10 2.56 -41.68
N ASP B 134 9.14 2.89 -40.91
CA ASP B 134 8.92 3.57 -39.63
C ASP B 134 8.16 4.87 -39.83
N ALA B 135 8.51 5.63 -40.87
CA ALA B 135 7.73 6.82 -41.20
C ALA B 135 6.28 6.46 -41.47
N LEU B 136 6.06 5.47 -42.35
CA LEU B 136 4.71 5.01 -42.62
C LEU B 136 4.02 4.54 -41.35
N ALA B 137 4.75 3.87 -40.47
CA ALA B 137 4.20 3.51 -39.17
C ALA B 137 3.81 4.76 -38.39
N ALA B 138 4.65 5.79 -38.43
CA ALA B 138 4.36 7.01 -37.69
C ALA B 138 3.05 7.63 -38.14
N ALA B 139 2.85 7.73 -39.47
CA ALA B 139 1.58 8.26 -39.97
C ALA B 139 0.40 7.46 -39.42
N ALA B 140 0.52 6.13 -39.39
CA ALA B 140 -0.50 5.31 -38.75
C ALA B 140 -0.64 5.71 -37.28
N ARG B 141 0.48 5.88 -36.58
CA ARG B 141 0.43 6.35 -35.20
C ARG B 141 -0.32 7.67 -35.12
N ALA B 142 0.10 8.67 -35.90
CA ALA B 142 -0.56 9.96 -35.89
C ALA B 142 -1.99 9.85 -36.41
N ALA B 143 -2.17 9.14 -37.52
CA ALA B 143 -3.52 8.96 -38.07
C ALA B 143 -4.44 8.33 -37.04
N SER B 144 -4.01 7.20 -36.46
CA SER B 144 -4.83 6.53 -35.45
C SER B 144 -5.17 7.46 -34.30
N LYS B 145 -4.20 8.26 -33.85
CA LYS B 145 -4.47 9.23 -32.80
C LYS B 145 -5.62 10.14 -33.20
N VAL B 146 -5.74 10.46 -34.49
CA VAL B 146 -6.83 11.31 -34.95
C VAL B 146 -8.17 10.62 -34.71
N GLN B 147 -8.28 9.35 -35.11
CA GLN B 147 -9.52 8.62 -34.89
C GLN B 147 -9.72 8.34 -33.40
N GLN B 148 -8.70 7.76 -32.75
CA GLN B 148 -8.85 7.40 -31.34
C GLN B 148 -9.26 8.61 -30.50
N GLU B 149 -8.70 9.78 -30.80
CA GLU B 149 -9.13 10.99 -30.11
C GLU B 149 -10.55 11.37 -30.51
N GLN B 150 -10.83 11.35 -31.81
CA GLN B 150 -12.17 11.68 -32.29
C GLN B 150 -13.19 10.64 -31.83
N GLY B 152 -14.45 7.59 -35.49
CA GLY B 152 -15.73 7.66 -36.16
C GLY B 152 -16.00 8.98 -36.83
N SER B 153 -15.14 9.96 -36.57
CA SER B 153 -15.33 11.30 -37.09
C SER B 153 -14.86 11.39 -38.54
N ASN B 154 -15.31 12.47 -39.21
CA ASN B 154 -14.86 12.73 -40.57
C ASN B 154 -13.34 12.74 -40.66
N LEU B 155 -12.69 13.52 -39.78
CA LEU B 155 -11.23 13.49 -39.70
C LEU B 155 -10.74 12.05 -39.56
N ALA B 156 -11.39 11.27 -38.70
CA ALA B 156 -11.08 9.86 -38.59
C ALA B 156 -11.37 9.14 -39.91
N LYS B 157 -12.54 9.40 -40.49
CA LYS B 157 -12.87 8.84 -41.79
C LYS B 157 -11.77 9.14 -42.80
N ALA B 158 -11.34 10.40 -42.85
CA ALA B 158 -10.16 10.74 -43.64
C ALA B 158 -8.93 10.05 -43.10
N ALA B 159 -8.76 10.04 -41.79
CA ALA B 159 -7.60 9.37 -41.19
C ALA B 159 -7.54 7.91 -41.62
N GLN B 160 -8.67 7.21 -41.61
CA GLN B 160 -8.70 5.82 -42.06
C GLN B 160 -8.10 5.69 -43.45
N GLU B 161 -8.43 6.63 -44.35
CA GLU B 161 -7.88 6.60 -45.70
C GLU B 161 -6.36 6.66 -45.65
N ILE B 162 -5.79 7.58 -44.87
CA ILE B 162 -4.35 7.64 -44.70
C ILE B 162 -3.82 6.29 -44.23
N MET B 163 -4.46 5.72 -43.20
CA MET B 163 -4.13 4.36 -42.77
C MET B 163 -4.26 3.39 -43.93
N ARG B 164 -5.42 3.40 -44.60
CA ARG B 164 -5.61 2.55 -45.78
C ARG B 164 -4.50 2.78 -46.80
N GLN B 165 -4.26 4.04 -47.16
CA GLN B 165 -3.12 4.38 -48.00
C GLN B 165 -1.83 3.81 -47.41
N ALA B 166 -1.66 3.96 -46.10
CA ALA B 166 -0.46 3.46 -45.44
C ALA B 166 -0.33 1.95 -45.63
N SER B 167 -1.41 1.21 -45.35
CA SER B 167 -1.39 -0.24 -45.56
C SER B 167 -0.99 -0.57 -46.99
N ARG B 168 -1.68 0.03 -47.97
CA ARG B 168 -1.31 -0.18 -49.37
C ARG B 168 0.10 0.34 -49.65
N ALA B 169 0.43 1.53 -49.14
CA ALA B 169 1.79 2.04 -49.29
C ALA B 169 2.80 1.10 -48.67
N ALA B 170 2.52 0.60 -47.46
CA ALA B 170 3.38 -0.41 -46.86
C ALA B 170 3.42 -1.67 -47.72
N GLU B 171 2.29 -2.05 -48.29
CA GLU B 171 2.25 -3.26 -49.10
C GLU B 171 3.10 -3.11 -50.36
N GLU B 172 2.93 -2.00 -51.09
CA GLU B 172 3.78 -1.76 -52.25
C GLU B 172 5.24 -1.72 -51.84
N ALA B 173 5.55 -0.97 -50.78
CA ALA B 173 6.91 -0.98 -50.23
C ALA B 173 7.37 -2.41 -49.99
N ALA B 174 6.47 -3.27 -49.50
CA ALA B 174 6.80 -4.68 -49.37
C ALA B 174 7.04 -5.31 -50.72
N ARG B 175 6.21 -4.97 -51.71
CA ARG B 175 6.33 -5.59 -53.03
C ARG B 175 7.68 -5.27 -53.68
N ARG B 176 8.02 -3.99 -53.78
CA ARG B 176 9.25 -3.60 -54.45
C ARG B 176 10.47 -4.21 -53.76
N ALA B 177 10.60 -3.99 -52.44
CA ALA B 177 11.73 -4.56 -51.72
C ALA B 177 11.82 -6.07 -51.93
N LYS B 178 10.68 -6.75 -52.04
CA LYS B 178 10.69 -8.16 -52.39
C LYS B 178 11.37 -8.37 -53.74
N GLU B 179 10.99 -7.57 -54.74
CA GLU B 179 11.56 -7.72 -56.07
C GLU B 179 13.08 -7.50 -56.03
N THR B 180 13.51 -6.35 -55.50
CA THR B 180 14.94 -6.09 -55.39
C THR B 180 15.64 -7.21 -54.61
N LEU B 181 15.12 -7.52 -53.41
CA LEU B 181 15.65 -8.65 -52.66
C LEU B 181 15.67 -9.91 -53.52
N GLU B 182 14.61 -10.13 -54.30
CA GLU B 182 14.59 -11.25 -55.24
C GLU B 182 15.65 -11.07 -56.32
N LYS B 183 15.68 -9.90 -56.97
CA LYS B 183 16.59 -9.68 -58.08
C LYS B 183 18.04 -9.92 -57.68
N ALA B 184 18.38 -9.70 -56.40
CA ALA B 184 19.78 -9.78 -55.98
C ALA B 184 20.28 -11.21 -55.92
N GLU B 185 19.39 -12.17 -55.67
CA GLU B 185 19.83 -13.55 -55.45
C GLU B 185 20.63 -14.07 -56.65
N LYS B 186 20.14 -13.81 -57.87
CA LYS B 186 20.86 -14.25 -59.06
C LYS B 186 22.15 -13.47 -59.25
N ASP B 187 22.19 -12.22 -58.79
CA ASP B 187 23.43 -11.44 -58.85
C ASP B 187 24.39 -11.85 -57.73
N GLY B 188 23.85 -12.18 -56.55
CA GLY B 188 24.67 -12.73 -55.49
C GLY B 188 25.31 -11.72 -54.57
N ASP B 189 24.69 -10.56 -54.36
CA ASP B 189 25.24 -9.56 -53.45
C ASP B 189 24.47 -9.62 -52.14
N PRO B 190 25.02 -10.22 -51.09
CA PRO B 190 24.22 -10.44 -49.88
C PRO B 190 23.94 -9.18 -49.09
N GLU B 191 24.83 -8.19 -49.17
CA GLU B 191 24.63 -6.96 -48.42
C GLU B 191 23.33 -6.27 -48.82
N THR B 192 23.03 -6.23 -50.12
CA THR B 192 21.76 -5.69 -50.56
C THR B 192 20.60 -6.54 -50.03
N ALA B 193 20.80 -7.85 -49.96
CA ALA B 193 19.74 -8.73 -49.46
C ALA B 193 19.43 -8.44 -48.00
N LEU B 194 20.46 -8.41 -47.15
CA LEU B 194 20.24 -8.13 -45.73
C LEU B 194 19.52 -6.81 -45.55
N LYS B 195 19.86 -5.81 -46.35
CA LYS B 195 19.15 -4.54 -46.29
C LYS B 195 17.74 -4.66 -46.85
N ALA B 196 17.60 -5.35 -48.00
CA ALA B 196 16.28 -5.58 -48.55
C ALA B 196 15.42 -6.41 -47.60
N VAL B 197 16.00 -7.45 -47.00
CA VAL B 197 15.27 -8.28 -46.05
C VAL B 197 14.77 -7.44 -44.88
N GLU B 198 15.69 -6.76 -44.19
CA GLU B 198 15.33 -5.96 -43.03
C GLU B 198 14.15 -5.04 -43.33
N THR B 199 14.02 -4.58 -44.57
CA THR B 199 12.98 -3.61 -44.90
C THR B 199 11.60 -4.25 -44.84
N VAL B 200 11.42 -5.41 -45.47
CA VAL B 200 10.14 -6.10 -45.41
C VAL B 200 9.71 -6.28 -43.96
N VAL B 201 10.62 -6.86 -43.15
CA VAL B 201 10.38 -6.97 -41.70
C VAL B 201 9.85 -5.67 -41.15
N LYS B 202 10.53 -4.57 -41.47
CA LYS B 202 10.05 -3.25 -41.06
C LYS B 202 8.61 -3.04 -41.53
N VAL B 203 8.31 -3.47 -42.76
CA VAL B 203 6.93 -3.39 -43.25
C VAL B 203 6.03 -4.29 -42.43
N ALA B 204 6.54 -5.45 -42.01
CA ALA B 204 5.77 -6.35 -41.16
C ALA B 204 5.43 -5.68 -39.82
N ARG B 205 6.45 -5.21 -39.10
CA ARG B 205 6.22 -4.42 -37.90
C ARG B 205 5.15 -3.37 -38.14
N ALA B 206 5.41 -2.46 -39.09
CA ALA B 206 4.42 -1.47 -39.48
C ALA B 206 3.05 -2.11 -39.63
N LEU B 207 2.92 -3.04 -40.58
CA LEU B 207 1.66 -3.72 -40.79
C LEU B 207 1.05 -4.20 -39.47
N ASN B 208 1.84 -4.89 -38.66
CA ASN B 208 1.38 -5.27 -37.32
C ASN B 208 1.03 -4.04 -36.49
N GLN B 209 1.97 -3.11 -36.39
CA GLN B 209 1.72 -1.89 -35.61
C GLN B 209 0.49 -1.16 -36.11
N ILE B 210 0.34 -1.02 -37.43
CA ILE B 210 -0.85 -0.36 -37.96
C ILE B 210 -2.09 -1.18 -37.65
N ALA B 211 -2.02 -2.50 -37.81
CA ALA B 211 -3.18 -3.35 -37.56
C ALA B 211 -3.73 -3.14 -36.17
N THR B 212 -2.87 -3.22 -35.16
CA THR B 212 -3.30 -3.05 -33.77
C THR B 212 -4.03 -1.72 -33.58
N MET B 213 -3.51 -0.66 -34.17
CA MET B 213 -4.03 0.67 -33.87
C MET B 213 -5.46 0.82 -34.35
N ALA B 214 -5.80 0.23 -35.48
CA ALA B 214 -7.18 0.10 -35.91
C ALA B 214 -7.80 -1.26 -35.56
N GLY B 215 -6.98 -2.22 -35.14
CA GLY B 215 -7.48 -3.47 -34.61
C GLY B 215 -8.14 -4.39 -35.62
N SER B 216 -7.72 -4.34 -36.87
CA SER B 216 -8.32 -5.16 -37.91
C SER B 216 -7.61 -6.51 -37.95
N GLU B 217 -8.34 -7.58 -37.60
CA GLU B 217 -7.78 -8.93 -37.73
C GLU B 217 -7.28 -9.16 -39.15
N GLU B 218 -8.08 -8.79 -40.15
CA GLU B 218 -7.62 -8.81 -41.53
C GLU B 218 -6.32 -8.01 -41.66
N ALA B 219 -6.30 -6.78 -41.14
CA ALA B 219 -5.07 -5.99 -41.14
C ALA B 219 -3.95 -6.75 -40.45
N GLN B 220 -4.24 -7.35 -39.29
CA GLN B 220 -3.28 -8.25 -38.68
C GLN B 220 -2.91 -9.38 -39.63
N GLU B 221 -3.91 -9.91 -40.34
CA GLU B 221 -3.67 -11.02 -41.27
C GLU B 221 -2.69 -10.60 -42.37
N ARG B 222 -2.98 -9.50 -43.06
CA ARG B 222 -2.06 -9.00 -44.07
C ARG B 222 -0.67 -8.82 -43.48
N ALA B 223 -0.58 -8.04 -42.39
CA ALA B 223 0.66 -7.99 -41.62
C ALA B 223 1.14 -9.40 -41.31
N ALA B 224 0.24 -10.29 -40.91
CA ALA B 224 0.61 -11.69 -40.69
C ALA B 224 1.15 -12.31 -41.97
N ARG B 225 0.45 -12.08 -43.09
CA ARG B 225 0.92 -12.60 -44.37
C ARG B 225 2.32 -12.09 -44.68
N VAL B 226 2.55 -10.78 -44.51
CA VAL B 226 3.87 -10.22 -44.75
C VAL B 226 4.91 -10.92 -43.89
N ALA B 227 4.68 -10.98 -42.58
CA ALA B 227 5.70 -11.43 -41.66
C ALA B 227 6.19 -12.83 -41.99
N SER B 228 5.27 -13.75 -42.29
CA SER B 228 5.67 -15.14 -42.52
C SER B 228 6.66 -15.24 -43.69
N GLU B 229 6.32 -14.60 -44.81
CA GLU B 229 7.24 -14.60 -45.95
C GLU B 229 8.65 -14.22 -45.51
N ALA B 230 8.76 -13.23 -44.62
CA ALA B 230 10.06 -12.72 -44.21
C ALA B 230 11.01 -13.85 -43.80
N ALA B 231 10.54 -14.75 -42.93
CA ALA B 231 11.39 -15.86 -42.50
C ALA B 231 11.89 -16.66 -43.68
N ARG B 232 10.99 -17.05 -44.59
CA ARG B 232 11.41 -17.70 -45.82
C ARG B 232 12.44 -16.86 -46.56
N LEU B 233 12.22 -15.54 -46.62
CA LEU B 233 13.20 -14.65 -47.23
C LEU B 233 14.48 -14.61 -46.40
N ALA B 234 14.35 -14.55 -45.08
CA ALA B 234 15.52 -14.57 -44.21
C ALA B 234 16.26 -15.90 -44.30
N GLU B 235 15.50 -17.00 -44.40
CA GLU B 235 16.12 -18.31 -44.56
C GLU B 235 17.00 -18.36 -45.81
N ARG B 236 16.47 -17.86 -46.93
CA ARG B 236 17.24 -17.88 -48.17
C ARG B 236 18.45 -16.98 -48.09
N VAL B 237 18.34 -15.85 -47.38
CA VAL B 237 19.48 -14.94 -47.24
C VAL B 237 20.60 -15.62 -46.48
N LEU B 238 20.26 -16.38 -45.42
CA LEU B 238 21.27 -17.15 -44.72
C LEU B 238 22.02 -18.07 -45.67
N GLU B 239 21.35 -18.55 -46.72
CA GLU B 239 21.98 -19.46 -47.67
C GLU B 239 23.06 -18.75 -48.48
N LEU B 240 22.69 -17.66 -49.16
CA LEU B 240 23.67 -16.88 -49.90
C LEU B 240 24.86 -16.50 -49.02
N ALA B 241 24.60 -16.25 -47.73
CA ALA B 241 25.70 -15.98 -46.80
C ALA B 241 26.55 -17.23 -46.59
N GLU B 242 25.91 -18.38 -46.41
CA GLU B 242 26.65 -19.62 -46.28
C GLU B 242 27.34 -20.00 -47.59
N LYS B 243 26.75 -19.60 -48.72
CA LYS B 243 27.33 -19.95 -50.01
C LYS B 243 28.58 -19.14 -50.31
N GLN B 244 28.50 -17.82 -50.14
CA GLN B 244 29.54 -16.91 -50.60
C GLN B 244 30.65 -16.67 -49.59
N GLY B 245 30.71 -17.47 -48.52
CA GLY B 245 31.70 -17.25 -47.50
C GLY B 245 31.57 -15.86 -46.91
N ASP B 246 30.43 -15.60 -46.29
CA ASP B 246 30.08 -14.28 -45.76
C ASP B 246 29.64 -14.48 -44.31
N PRO B 247 30.60 -14.64 -43.39
CA PRO B 247 30.22 -15.06 -42.03
C PRO B 247 29.45 -14.00 -41.26
N GLU B 248 29.78 -12.72 -41.44
CA GLU B 248 29.08 -11.66 -40.73
C GLU B 248 27.59 -11.67 -41.07
N VAL B 249 27.26 -11.73 -42.36
CA VAL B 249 25.87 -11.65 -42.79
C VAL B 249 25.04 -12.74 -42.12
N ALA B 250 25.63 -13.91 -41.86
CA ALA B 250 24.88 -14.99 -41.23
C ALA B 250 24.25 -14.51 -39.92
N ARG B 251 24.98 -13.74 -39.13
CA ARG B 251 24.41 -13.18 -37.92
C ARG B 251 23.27 -12.22 -38.25
N ARG B 252 23.42 -11.44 -39.33
CA ARG B 252 22.33 -10.57 -39.75
C ARG B 252 21.12 -11.37 -40.17
N ALA B 253 21.34 -12.52 -40.84
CA ALA B 253 20.24 -13.43 -41.12
C ALA B 253 19.73 -14.08 -39.84
N ARG B 254 20.64 -14.54 -38.99
CA ARG B 254 20.24 -15.18 -37.74
C ARG B 254 19.43 -14.23 -36.87
N GLU B 255 19.87 -12.98 -36.76
CA GLU B 255 19.15 -12.02 -35.94
C GLU B 255 17.79 -11.68 -36.55
N LEU B 256 17.71 -11.61 -37.88
CA LEU B 256 16.44 -11.31 -38.52
C LEU B 256 15.40 -12.36 -38.19
N GLN B 257 15.81 -13.62 -38.09
CA GLN B 257 14.87 -14.69 -37.76
C GLN B 257 14.16 -14.39 -36.43
N GLU B 258 14.91 -14.02 -35.40
CA GLU B 258 14.30 -13.76 -34.11
C GLU B 258 13.37 -12.56 -34.17
N LYS B 259 13.76 -11.52 -34.91
CA LYS B 259 12.94 -10.31 -34.99
C LYS B 259 11.52 -10.64 -35.42
N VAL B 260 11.39 -11.42 -36.51
CA VAL B 260 10.05 -11.79 -36.99
C VAL B 260 9.32 -12.59 -35.92
N LEU B 261 9.98 -13.59 -35.32
CA LEU B 261 9.33 -14.41 -34.31
C LEU B 261 8.65 -13.54 -33.25
N ASP B 262 9.38 -12.55 -32.73
CA ASP B 262 8.75 -11.61 -31.81
C ASP B 262 7.67 -10.81 -32.52
N ILE B 263 7.89 -10.44 -33.78
CA ILE B 263 6.85 -9.76 -34.55
C ILE B 263 5.62 -10.65 -34.68
N LEU B 264 5.82 -11.88 -35.16
CA LEU B 264 4.72 -12.84 -35.21
C LEU B 264 4.11 -13.03 -33.84
N LEU B 265 4.95 -13.31 -32.83
CA LEU B 265 4.45 -13.40 -31.45
C LEU B 265 3.68 -12.14 -31.08
N ASP B 266 4.27 -10.97 -31.35
CA ASP B 266 3.58 -9.72 -31.09
C ASP B 266 2.20 -9.71 -31.74
N ILE B 267 2.11 -10.18 -32.97
CA ILE B 267 0.82 -10.24 -33.64
C ILE B 267 -0.09 -11.28 -33.00
N LEU B 268 0.46 -12.46 -32.68
CA LEU B 268 -0.33 -13.50 -32.03
C LEU B 268 -0.96 -12.97 -30.75
N GLU B 269 -0.12 -12.50 -29.82
CA GLU B 269 -0.65 -11.93 -28.58
C GLU B 269 -1.61 -10.78 -28.87
N GLN B 270 -1.38 -10.04 -29.96
CA GLN B 270 -2.30 -8.98 -30.31
C GLN B 270 -3.69 -9.54 -30.60
N ILE B 271 -3.75 -10.64 -31.35
CA ILE B 271 -5.05 -11.24 -31.69
C ILE B 271 -5.72 -11.79 -30.43
N LEU B 272 -4.97 -12.53 -29.61
CA LEU B 272 -5.56 -13.21 -28.47
C LEU B 272 -6.22 -12.21 -27.52
N GLN B 273 -5.63 -11.04 -27.35
CA GLN B 273 -6.24 -10.03 -26.48
C GLN B 273 -7.64 -9.66 -26.97
N THR B 274 -7.82 -9.56 -28.29
CA THR B 274 -9.15 -9.30 -28.83
C THR B 274 -10.10 -10.43 -28.49
N ALA B 275 -9.69 -11.67 -28.73
CA ALA B 275 -10.53 -12.82 -28.40
C ALA B 275 -10.98 -12.76 -26.94
N THR B 276 -10.05 -12.50 -26.02
CA THR B 276 -10.41 -12.29 -24.63
C THR B 276 -11.57 -11.31 -24.52
N LYS B 277 -11.39 -10.09 -25.05
CA LYS B 277 -12.45 -9.10 -25.00
C LYS B 277 -13.74 -9.64 -25.59
N ILE B 278 -13.66 -10.30 -26.75
CA ILE B 278 -14.86 -10.74 -27.45
C ILE B 278 -15.71 -11.61 -26.54
N ILE B 279 -15.12 -12.64 -25.94
CA ILE B 279 -15.89 -13.54 -25.08
C ILE B 279 -16.52 -12.76 -23.93
N ASP B 280 -15.72 -11.92 -23.27
CA ASP B 280 -16.26 -11.15 -22.14
C ASP B 280 -17.51 -10.39 -22.56
N ASP B 281 -17.51 -9.83 -23.77
CA ASP B 281 -18.74 -9.24 -24.31
C ASP B 281 -19.87 -10.27 -24.31
N ALA B 282 -19.56 -11.50 -24.75
CA ALA B 282 -20.58 -12.53 -24.84
C ALA B 282 -21.16 -12.86 -23.47
N ASN B 283 -20.32 -12.94 -22.44
CA ASN B 283 -20.80 -13.29 -21.11
C ASN B 283 -21.75 -12.22 -20.59
N LYS B 284 -21.31 -10.96 -20.58
CA LYS B 284 -22.21 -9.86 -20.20
C LYS B 284 -23.48 -9.92 -21.04
N LEU B 285 -23.33 -10.05 -22.36
CA LEU B 285 -24.48 -10.23 -23.23
C LEU B 285 -25.29 -11.45 -22.82
N LEU B 286 -24.63 -12.61 -22.72
CA LEU B 286 -25.32 -13.82 -22.26
C LEU B 286 -25.97 -13.59 -20.91
N GLU B 287 -25.22 -13.00 -19.97
CA GLU B 287 -25.72 -12.79 -18.62
C GLU B 287 -27.09 -12.12 -18.63
N LYS B 288 -27.37 -11.30 -19.64
CA LYS B 288 -28.68 -10.68 -19.75
C LYS B 288 -29.73 -11.70 -20.19
N LEU B 289 -29.37 -12.60 -21.10
CA LEU B 289 -30.37 -13.52 -21.67
C LEU B 289 -31.01 -14.37 -20.58
N ARG B 290 -30.20 -15.08 -19.81
CA ARG B 290 -30.76 -15.96 -18.78
C ARG B 290 -31.68 -15.17 -17.85
N ARG B 291 -31.24 -14.00 -17.40
CA ARG B 291 -32.08 -13.09 -16.63
C ARG B 291 -33.10 -12.36 -17.50
N SER B 292 -32.95 -12.41 -18.82
CA SER B 292 -33.91 -11.76 -19.71
C SER B 292 -35.30 -12.34 -19.50
N GLU B 293 -36.31 -11.47 -19.59
CA GLU B 293 -37.69 -11.95 -19.54
C GLU B 293 -38.03 -12.76 -20.77
N ARG B 294 -37.69 -12.25 -21.94
CA ARG B 294 -37.91 -12.92 -23.21
C ARG B 294 -36.71 -12.69 -24.11
N LYS B 295 -36.24 -13.74 -24.77
CA LYS B 295 -35.08 -13.60 -25.65
C LYS B 295 -35.35 -12.56 -26.72
N ASP B 296 -34.30 -11.83 -27.08
CA ASP B 296 -34.40 -10.77 -28.09
C ASP B 296 -33.53 -11.13 -29.29
N PRO B 297 -34.12 -11.42 -30.45
CA PRO B 297 -33.30 -11.91 -31.58
C PRO B 297 -32.15 -10.98 -31.95
N LYS B 298 -32.42 -9.69 -32.13
CA LYS B 298 -31.35 -8.75 -32.45
C LYS B 298 -30.19 -8.89 -31.47
N VAL B 299 -30.50 -9.02 -30.18
CA VAL B 299 -29.47 -9.26 -29.18
C VAL B 299 -28.93 -10.68 -29.31
N VAL B 300 -29.81 -11.67 -29.43
CA VAL B 300 -29.35 -13.05 -29.56
C VAL B 300 -28.44 -13.19 -30.76
N GLU B 301 -28.88 -12.68 -31.92
CA GLU B 301 -28.03 -12.71 -33.11
C GLU B 301 -26.71 -11.99 -32.85
N THR B 302 -26.76 -10.82 -32.21
CA THR B 302 -25.52 -10.14 -31.83
C THR B 302 -24.63 -11.06 -31.02
N TYR B 303 -25.22 -11.81 -30.09
CA TYR B 303 -24.46 -12.80 -29.34
C TYR B 303 -23.83 -13.83 -30.26
N VAL B 304 -24.57 -14.29 -31.27
CA VAL B 304 -24.06 -15.32 -32.18
C VAL B 304 -22.78 -14.84 -32.84
N GLU B 305 -22.84 -13.69 -33.50
CA GLU B 305 -21.64 -13.15 -34.17
C GLU B 305 -20.43 -13.21 -33.25
N LEU B 306 -20.61 -12.82 -31.98
CA LEU B 306 -19.52 -12.88 -31.02
C LEU B 306 -18.97 -14.29 -30.92
N LEU B 307 -19.84 -15.28 -30.73
CA LEU B 307 -19.40 -16.66 -30.73
C LEU B 307 -18.78 -17.03 -32.08
N LYS B 308 -19.39 -16.59 -33.17
CA LYS B 308 -18.87 -16.93 -34.49
C LYS B 308 -17.55 -16.23 -34.77
N ARG B 309 -17.42 -14.96 -34.38
CA ARG B 309 -16.16 -14.26 -34.65
C ARG B 309 -15.04 -14.79 -33.77
N HIS B 310 -15.32 -15.10 -32.51
CA HIS B 310 -14.33 -15.82 -31.73
C HIS B 310 -13.86 -17.04 -32.51
N GLU B 311 -14.82 -17.79 -33.06
CA GLU B 311 -14.46 -18.89 -33.96
C GLU B 311 -13.58 -18.37 -35.10
N ARG B 312 -13.84 -17.16 -35.59
CA ARG B 312 -12.93 -16.50 -36.50
C ARG B 312 -11.59 -16.24 -35.80
N LEU B 313 -11.61 -15.34 -34.80
CA LEU B 313 -10.37 -14.91 -34.16
C LEU B 313 -9.57 -16.09 -33.65
N VAL B 314 -10.24 -17.05 -33.00
CA VAL B 314 -9.53 -18.25 -32.55
C VAL B 314 -8.92 -18.98 -33.75
N LYS B 315 -9.68 -19.08 -34.85
CA LYS B 315 -9.17 -19.75 -36.04
C LYS B 315 -7.91 -19.08 -36.56
N GLN B 316 -7.86 -17.74 -36.51
CA GLN B 316 -6.65 -17.03 -36.92
C GLN B 316 -5.44 -17.48 -36.11
N LEU B 317 -5.60 -17.53 -34.78
CA LEU B 317 -4.50 -17.95 -33.92
C LEU B 317 -3.92 -19.28 -34.36
N LEU B 318 -4.78 -20.27 -34.61
CA LEU B 318 -4.31 -21.56 -35.07
C LEU B 318 -3.48 -21.44 -36.33
N GLU B 319 -3.99 -20.70 -37.32
CA GLU B 319 -3.27 -20.54 -38.58
C GLU B 319 -1.89 -19.94 -38.34
N ILE B 320 -1.83 -18.76 -37.70
CA ILE B 320 -0.56 -18.09 -37.48
C ILE B 320 0.38 -18.96 -36.65
N ALA B 321 -0.16 -19.78 -35.76
CA ALA B 321 0.68 -20.63 -34.92
C ALA B 321 1.58 -21.52 -35.79
N LYS B 322 1.01 -22.16 -36.81
CA LYS B 322 1.80 -22.96 -37.72
C LYS B 322 2.90 -22.13 -38.36
N ALA B 323 2.54 -20.95 -38.89
CA ALA B 323 3.54 -20.08 -39.49
C ALA B 323 4.67 -19.79 -38.51
N HIS B 324 4.33 -19.48 -37.26
CA HIS B 324 5.36 -19.27 -36.24
C HIS B 324 6.19 -20.53 -36.06
N ALA B 325 5.55 -21.70 -36.09
CA ALA B 325 6.30 -22.95 -36.02
C ALA B 325 7.17 -23.14 -37.26
N GLU B 326 6.69 -22.69 -38.42
CA GLU B 326 7.49 -22.78 -39.64
C GLU B 326 8.78 -22.00 -39.49
N ALA B 327 8.69 -20.75 -39.00
CA ALA B 327 9.88 -19.92 -38.85
C ALA B 327 10.98 -20.65 -38.08
N VAL B 328 10.60 -21.37 -37.02
CA VAL B 328 11.58 -22.12 -36.25
C VAL B 328 12.27 -23.17 -37.12
N GLU B 329 11.57 -23.71 -38.10
CA GLU B 329 12.12 -24.81 -38.88
C GLU B 329 13.36 -24.41 -39.66
N GLY B 330 13.46 -23.14 -40.05
CA GLY B 330 14.55 -22.70 -40.92
C GLY B 330 15.94 -22.96 -40.37
N GLY B 331 16.06 -23.15 -39.06
CA GLY B 331 17.39 -23.36 -38.48
C GLY B 331 17.95 -24.73 -38.80
N SER B 332 17.14 -25.78 -38.65
CA SER B 332 17.66 -27.13 -38.76
C SER B 332 17.94 -27.51 -40.20
N LEU B 333 17.08 -27.11 -41.14
CA LEU B 333 17.15 -27.64 -42.50
C LEU B 333 18.38 -27.15 -43.24
N GLU B 334 18.77 -25.89 -43.03
CA GLU B 334 19.78 -25.27 -43.89
C GLU B 334 21.18 -25.77 -43.58
N HIS B 335 21.55 -25.81 -42.32
CA HIS B 335 22.92 -26.14 -41.94
C HIS B 335 23.33 -27.52 -42.44
N GLY C 2 18.91 -8.09 -26.04
CA GLY C 2 18.10 -7.34 -25.03
C GLY C 2 16.61 -7.47 -25.27
N ASP C 3 16.18 -7.12 -26.49
CA ASP C 3 14.77 -7.27 -26.84
C ASP C 3 14.38 -8.72 -27.09
N ARG C 4 15.36 -9.58 -27.38
CA ARG C 4 15.09 -11.01 -27.35
C ARG C 4 14.82 -11.48 -25.93
N SER C 5 15.60 -10.98 -24.97
CA SER C 5 15.34 -11.28 -23.56
C SER C 5 14.06 -10.60 -23.09
N ASP C 6 13.75 -9.42 -23.62
CA ASP C 6 12.48 -8.77 -23.31
C ASP C 6 11.31 -9.68 -23.66
N HIS C 7 11.40 -10.38 -24.79
CA HIS C 7 10.27 -11.18 -25.26
C HIS C 7 10.09 -12.44 -24.43
N ALA C 8 11.18 -13.07 -23.99
CA ALA C 8 11.08 -14.34 -23.28
C ALA C 8 10.09 -14.26 -22.12
N LYS C 9 10.11 -13.15 -21.38
CA LYS C 9 9.07 -12.92 -20.40
C LYS C 9 7.70 -12.83 -21.06
N LYS C 10 7.63 -12.12 -22.19
CA LYS C 10 6.36 -12.00 -22.91
C LYS C 10 5.85 -13.35 -23.38
N LEU C 11 6.73 -14.15 -23.99
CA LEU C 11 6.30 -15.45 -24.51
C LEU C 11 5.81 -16.35 -23.38
N LYS C 12 6.59 -16.45 -22.29
CA LYS C 12 6.13 -17.19 -21.13
C LYS C 12 4.82 -16.62 -20.61
N THR C 13 4.73 -15.29 -20.54
CA THR C 13 3.48 -14.64 -20.15
C THR C 13 2.36 -15.01 -21.10
N PHE C 14 2.63 -14.94 -22.41
CA PHE C 14 1.57 -15.19 -23.39
C PHE C 14 0.88 -16.53 -23.13
N LEU C 15 1.66 -17.57 -22.82
CA LEU C 15 1.08 -18.87 -22.51
C LEU C 15 -0.01 -18.75 -21.46
N GLU C 16 0.26 -18.02 -20.38
CA GLU C 16 -0.71 -17.95 -19.28
C GLU C 16 -2.02 -17.33 -19.75
N ASN C 17 -1.95 -16.33 -20.63
CA ASN C 17 -3.18 -15.76 -21.16
C ASN C 17 -3.96 -16.79 -21.96
N LEU C 18 -3.26 -17.66 -22.69
CA LEU C 18 -3.93 -18.77 -23.37
C LEU C 18 -4.63 -19.67 -22.34
N ARG C 19 -3.86 -20.20 -21.39
CA ARG C 19 -4.47 -20.99 -20.33
C ARG C 19 -5.58 -20.21 -19.65
N ARG C 20 -5.37 -18.90 -19.45
CA ARG C 20 -6.44 -18.05 -18.96
C ARG C 20 -7.65 -18.11 -19.89
N HIS C 21 -7.42 -18.07 -21.19
CA HIS C 21 -8.54 -18.10 -22.13
C HIS C 21 -9.28 -19.42 -22.06
N LEU C 22 -8.56 -20.53 -21.87
CA LEU C 22 -9.22 -21.82 -21.71
C LEU C 22 -10.26 -21.75 -20.59
N ASP C 23 -9.83 -21.36 -19.40
CA ASP C 23 -10.75 -21.33 -18.26
C ASP C 23 -11.89 -20.35 -18.52
N ARG C 24 -11.60 -19.21 -19.15
CA ARG C 24 -12.68 -18.32 -19.57
C ARG C 24 -13.65 -19.06 -20.48
N LEU C 25 -13.14 -19.66 -21.56
CA LEU C 25 -13.99 -20.41 -22.48
C LEU C 25 -14.59 -21.64 -21.79
N ASP C 26 -13.73 -22.43 -21.14
CA ASP C 26 -14.21 -23.65 -20.51
C ASP C 26 -15.24 -23.34 -19.44
N LYS C 27 -15.03 -22.29 -18.65
CA LYS C 27 -16.06 -21.84 -17.72
C LYS C 27 -17.30 -21.37 -18.46
N HIS C 28 -17.10 -20.53 -19.49
CA HIS C 28 -18.23 -20.01 -20.25
C HIS C 28 -19.08 -21.14 -20.81
N ILE C 29 -18.45 -22.19 -21.32
CA ILE C 29 -19.19 -23.35 -21.79
C ILE C 29 -20.01 -23.94 -20.65
N LYS C 30 -19.38 -24.14 -19.49
CA LYS C 30 -20.06 -24.76 -18.36
C LYS C 30 -21.35 -24.02 -18.02
N GLN C 31 -21.36 -22.70 -18.18
CA GLN C 31 -22.60 -21.95 -17.99
C GLN C 31 -23.62 -22.31 -19.07
N LEU C 32 -23.20 -22.28 -20.33
CA LEU C 32 -24.09 -22.73 -21.40
C LEU C 32 -24.61 -24.13 -21.11
N ARG C 33 -23.75 -25.00 -20.59
CA ARG C 33 -24.20 -26.31 -20.14
C ARG C 33 -25.31 -26.17 -19.11
N ASP C 34 -25.19 -25.21 -18.19
CA ASP C 34 -26.24 -25.00 -17.21
C ASP C 34 -27.55 -24.60 -17.88
N ILE C 35 -27.49 -23.65 -18.81
CA ILE C 35 -28.70 -23.24 -19.53
C ILE C 35 -29.33 -24.43 -20.21
N LEU C 36 -28.52 -25.27 -20.85
CA LEU C 36 -29.05 -26.48 -21.49
C LEU C 36 -29.64 -27.44 -20.45
N SER C 37 -29.08 -27.46 -19.25
CA SER C 37 -29.62 -28.33 -18.21
C SER C 37 -31.05 -27.94 -17.84
N GLU C 38 -31.34 -26.63 -17.84
CA GLU C 38 -32.68 -26.17 -17.50
C GLU C 38 -33.71 -26.72 -18.48
N ASN C 39 -33.43 -26.60 -19.78
CA ASN C 39 -34.33 -27.06 -20.83
C ASN C 39 -33.55 -28.01 -21.73
N PRO C 40 -33.44 -29.28 -21.34
CA PRO C 40 -32.59 -30.21 -22.09
C PRO C 40 -32.90 -30.32 -23.57
N GLU C 41 -34.07 -29.82 -24.00
CA GLU C 41 -34.48 -29.91 -25.39
C GLU C 41 -34.53 -28.54 -26.07
N ASP C 42 -33.62 -27.64 -25.69
CA ASP C 42 -33.50 -26.34 -26.36
C ASP C 42 -32.47 -26.50 -27.48
N GLU C 43 -32.95 -26.71 -28.71
CA GLU C 43 -32.07 -27.07 -29.81
C GLU C 43 -30.96 -26.03 -30.00
N ARG C 44 -31.32 -24.75 -29.97
CA ARG C 44 -30.31 -23.70 -30.14
C ARG C 44 -29.20 -23.82 -29.11
N VAL C 45 -29.56 -24.06 -27.85
CA VAL C 45 -28.55 -24.21 -26.81
C VAL C 45 -27.61 -25.34 -27.15
N LYS C 46 -28.10 -26.40 -27.80
CA LYS C 46 -27.21 -27.45 -28.28
C LYS C 46 -26.30 -26.93 -29.38
N ASP C 47 -26.83 -26.08 -30.26
CA ASP C 47 -26.04 -25.54 -31.36
C ASP C 47 -24.88 -24.69 -30.84
N VAL C 48 -25.17 -23.79 -29.90
CA VAL C 48 -24.13 -22.88 -29.41
C VAL C 48 -23.01 -23.67 -28.74
N ILE C 49 -23.36 -24.64 -27.90
CA ILE C 49 -22.36 -25.44 -27.22
C ILE C 49 -21.43 -26.12 -28.22
N ASP C 50 -22.00 -26.57 -29.35
CA ASP C 50 -21.19 -27.26 -30.35
C ASP C 50 -20.00 -26.40 -30.78
N LEU C 51 -20.26 -25.13 -31.12
CA LEU C 51 -19.18 -24.23 -31.52
C LEU C 51 -18.06 -24.24 -30.49
N SER C 52 -18.42 -24.06 -29.21
CA SER C 52 -17.42 -23.74 -28.20
C SER C 52 -16.45 -24.90 -27.97
N GLU C 53 -16.98 -26.11 -27.81
CA GLU C 53 -16.10 -27.25 -27.63
C GLU C 53 -15.17 -27.42 -28.82
N ARG C 54 -15.61 -27.03 -30.02
CA ARG C 54 -14.71 -27.01 -31.17
C ARG C 54 -13.65 -25.92 -31.01
N SER C 55 -14.08 -24.69 -30.72
CA SER C 55 -13.13 -23.61 -30.48
C SER C 55 -12.11 -24.01 -29.42
N VAL C 56 -12.58 -24.63 -28.33
CA VAL C 56 -11.66 -25.13 -27.31
C VAL C 56 -10.66 -26.08 -27.94
N ARG C 57 -11.14 -27.02 -28.75
CA ARG C 57 -10.24 -27.94 -29.42
C ARG C 57 -9.17 -27.20 -30.20
N ILE C 58 -9.55 -26.13 -30.89
CA ILE C 58 -8.58 -25.31 -31.61
C ILE C 58 -7.49 -24.86 -30.66
N VAL C 59 -7.86 -24.04 -29.67
CA VAL C 59 -6.88 -23.47 -28.75
C VAL C 59 -6.04 -24.58 -28.13
N LYS C 60 -6.70 -25.63 -27.64
CA LYS C 60 -5.99 -26.81 -27.15
C LYS C 60 -4.89 -27.22 -28.12
N THR C 61 -5.22 -27.27 -29.41
CA THR C 61 -4.19 -27.56 -30.42
C THR C 61 -3.13 -26.47 -30.44
N VAL C 62 -3.55 -25.20 -30.34
CA VAL C 62 -2.60 -24.09 -30.42
C VAL C 62 -1.49 -24.28 -29.40
N ILE C 63 -1.86 -24.55 -28.15
CA ILE C 63 -0.88 -24.73 -27.08
C ILE C 63 0.12 -25.80 -27.49
N LYS C 64 -0.34 -27.06 -27.55
CA LYS C 64 0.55 -28.17 -27.87
C LYS C 64 1.45 -27.84 -29.03
N ILE C 65 0.89 -27.24 -30.09
CA ILE C 65 1.73 -26.76 -31.18
C ILE C 65 2.77 -25.78 -30.65
N PHE C 66 2.31 -24.69 -30.02
CA PHE C 66 3.23 -23.63 -29.65
C PHE C 66 4.30 -24.13 -28.68
N GLU C 67 3.88 -24.77 -27.59
CA GLU C 67 4.87 -25.21 -26.61
C GLU C 67 5.83 -26.23 -27.21
N ASP C 68 5.36 -27.06 -28.15
CA ASP C 68 6.29 -27.93 -28.87
C ASP C 68 7.21 -27.10 -29.77
N SER C 69 6.65 -26.12 -30.47
CA SER C 69 7.46 -25.25 -31.30
C SER C 69 8.61 -24.64 -30.50
N VAL C 70 8.29 -24.11 -29.31
CA VAL C 70 9.31 -23.46 -28.51
C VAL C 70 10.34 -24.46 -28.01
N ARG C 71 9.91 -25.67 -27.65
CA ARG C 71 10.87 -26.71 -27.27
C ARG C 71 11.90 -26.91 -28.38
N LYS C 72 11.43 -27.09 -29.61
CA LYS C 72 12.35 -27.21 -30.74
C LYS C 72 13.18 -25.93 -30.91
N LEU C 73 12.57 -24.77 -30.69
CA LEU C 73 13.30 -23.52 -30.79
C LEU C 73 14.51 -23.53 -29.84
N LEU C 74 14.25 -23.60 -28.54
CA LEU C 74 15.32 -23.65 -27.54
C LEU C 74 16.42 -24.60 -27.98
N LYS C 75 16.03 -25.71 -28.61
CA LYS C 75 17.01 -26.65 -29.16
C LYS C 75 18.00 -25.94 -30.06
N GLN C 76 17.49 -25.11 -30.98
CA GLN C 76 18.38 -24.29 -31.81
C GLN C 76 19.33 -23.49 -30.94
N ILE C 77 18.78 -22.72 -30.00
CA ILE C 77 19.59 -21.81 -29.19
C ILE C 77 20.60 -22.59 -28.37
N ASN C 78 20.17 -23.68 -27.73
CA ASN C 78 21.10 -24.49 -26.95
C ASN C 78 22.14 -25.14 -27.84
N LYS C 79 21.76 -25.54 -29.05
CA LYS C 79 22.71 -26.12 -29.99
C LYS C 79 23.71 -25.07 -30.46
N GLU C 80 23.20 -23.94 -30.99
CA GLU C 80 24.10 -22.93 -31.53
C GLU C 80 25.13 -22.49 -30.51
N ALA C 81 24.73 -22.34 -29.25
CA ALA C 81 25.67 -21.91 -28.22
C ALA C 81 26.81 -22.90 -28.08
N GLU C 82 26.52 -24.20 -28.22
CA GLU C 82 27.56 -25.21 -28.11
C GLU C 82 28.71 -24.92 -29.07
N GLU C 83 28.39 -24.49 -30.29
CA GLU C 83 29.42 -24.14 -31.26
C GLU C 83 30.20 -22.92 -30.79
N LEU C 84 29.50 -21.90 -30.28
CA LEU C 84 30.17 -20.69 -29.83
C LEU C 84 31.24 -21.01 -28.79
N ALA C 85 30.91 -21.88 -27.83
CA ALA C 85 31.89 -22.25 -26.80
C ALA C 85 33.20 -22.71 -27.43
N LYS C 86 33.12 -23.53 -28.48
CA LYS C 86 34.32 -24.01 -29.14
C LYS C 86 35.18 -22.84 -29.65
N SER C 87 34.54 -21.84 -30.24
CA SER C 87 35.28 -20.70 -30.77
C SER C 87 36.01 -19.98 -29.64
N PRO C 88 37.15 -19.34 -29.95
CA PRO C 88 37.91 -18.65 -28.90
C PRO C 88 37.52 -17.20 -28.63
N ASP C 89 36.67 -16.60 -29.44
CA ASP C 89 36.35 -15.19 -29.25
C ASP C 89 35.61 -14.99 -27.93
N PRO C 90 36.18 -14.31 -26.94
CA PRO C 90 35.49 -14.18 -25.65
C PRO C 90 34.11 -13.52 -25.77
N GLU C 91 33.99 -12.46 -26.56
CA GLU C 91 32.70 -11.81 -26.76
C GLU C 91 31.67 -12.83 -27.25
N ASP C 92 32.02 -13.61 -28.28
CA ASP C 92 31.13 -14.64 -28.76
C ASP C 92 30.78 -15.62 -27.64
N LEU C 93 31.78 -16.04 -26.86
CA LEU C 93 31.51 -16.84 -25.68
C LEU C 93 30.58 -16.11 -24.73
N LYS C 94 30.98 -14.91 -24.29
CA LYS C 94 30.12 -14.08 -23.45
C LYS C 94 28.71 -14.01 -24.04
N ARG C 95 28.62 -13.73 -25.34
CA ARG C 95 27.33 -13.81 -26.03
C ARG C 95 26.75 -15.21 -25.89
N ALA C 96 27.57 -16.24 -26.12
CA ALA C 96 27.10 -17.62 -25.99
C ALA C 96 26.56 -17.88 -24.59
N VAL C 97 27.25 -17.38 -23.57
CA VAL C 97 26.77 -17.57 -22.19
C VAL C 97 25.32 -17.10 -22.07
N GLU C 98 25.05 -15.88 -22.54
CA GLU C 98 23.73 -15.30 -22.37
C GLU C 98 22.65 -16.22 -22.92
N LEU C 99 22.92 -16.86 -24.06
CA LEU C 99 21.91 -17.73 -24.66
C LEU C 99 21.65 -18.93 -23.76
N ALA C 100 22.69 -19.70 -23.43
CA ALA C 100 22.54 -20.77 -22.46
C ALA C 100 21.93 -20.24 -21.16
N GLU C 101 22.48 -19.14 -20.64
CA GLU C 101 21.85 -18.47 -19.50
C GLU C 101 20.41 -18.12 -19.79
N ALA C 102 20.16 -17.48 -20.94
CA ALA C 102 18.80 -17.09 -21.29
C ALA C 102 17.88 -18.31 -21.36
N VAL C 103 18.39 -19.43 -21.87
CA VAL C 103 17.58 -20.63 -22.00
C VAL C 103 17.06 -21.07 -20.63
N VAL C 104 17.96 -21.17 -19.64
CA VAL C 104 17.58 -21.77 -18.37
C VAL C 104 16.39 -21.04 -17.76
N ARG C 105 16.36 -19.70 -17.88
CA ARG C 105 15.27 -18.94 -17.31
C ARG C 105 13.93 -19.35 -17.91
N ALA C 106 13.91 -19.73 -19.18
CA ALA C 106 12.65 -20.05 -19.84
C ALA C 106 12.07 -21.35 -19.29
N ASP C 107 12.89 -22.39 -19.16
CA ASP C 107 12.41 -23.74 -18.86
C ASP C 107 13.29 -24.38 -17.79
N PRO C 108 13.36 -23.77 -16.61
CA PRO C 108 14.22 -24.33 -15.55
C PRO C 108 13.92 -25.79 -15.24
N GLY C 109 14.99 -26.56 -15.00
CA GLY C 109 14.88 -27.88 -14.43
C GLY C 109 14.70 -29.02 -15.42
N SER C 110 14.61 -28.72 -16.70
CA SER C 110 14.36 -29.75 -17.70
C SER C 110 15.67 -30.33 -18.21
N ASN C 111 15.55 -31.30 -19.14
CA ASN C 111 16.73 -31.89 -19.75
C ASN C 111 17.51 -30.87 -20.56
N LEU C 112 16.80 -30.11 -21.41
CA LEU C 112 17.47 -29.11 -22.24
C LEU C 112 18.21 -28.10 -21.37
N SER C 113 17.60 -27.65 -20.28
CA SER C 113 18.32 -26.79 -19.35
C SER C 113 19.58 -27.49 -18.85
N LYS C 114 19.49 -28.77 -18.52
CA LYS C 114 20.68 -29.54 -18.19
C LYS C 114 21.73 -29.41 -19.30
N LYS C 115 21.29 -29.49 -20.56
CA LYS C 115 22.22 -29.32 -21.66
C LYS C 115 22.77 -27.89 -21.70
N ALA C 116 21.93 -26.91 -21.40
CA ALA C 116 22.41 -25.53 -21.29
C ALA C 116 23.45 -25.41 -20.19
N LEU C 117 23.17 -25.99 -19.02
CA LEU C 117 24.13 -25.93 -17.91
C LEU C 117 25.49 -26.44 -18.34
N GLU C 118 25.54 -27.64 -18.92
CA GLU C 118 26.81 -28.17 -19.41
C GLU C 118 27.48 -27.19 -20.37
N ILE C 119 26.69 -26.60 -21.27
CA ILE C 119 27.24 -25.60 -22.19
C ILE C 119 27.82 -24.41 -21.41
N ILE C 120 27.01 -23.84 -20.52
CA ILE C 120 27.44 -22.65 -19.78
C ILE C 120 28.81 -22.88 -19.16
N LEU C 121 29.04 -24.08 -18.62
CA LEU C 121 30.32 -24.37 -17.99
C LEU C 121 31.47 -24.27 -18.99
N ARG C 122 31.31 -24.92 -20.15
CA ARG C 122 32.37 -24.93 -21.16
C ARG C 122 32.86 -23.52 -21.46
N ALA C 123 31.93 -22.61 -21.76
CA ALA C 123 32.30 -21.22 -21.99
C ALA C 123 32.90 -20.62 -20.73
N ALA C 124 32.26 -20.83 -19.58
CA ALA C 124 32.81 -20.33 -18.32
C ALA C 124 34.23 -20.83 -18.12
N ALA C 125 34.44 -22.15 -18.25
CA ALA C 125 35.78 -22.71 -18.20
C ALA C 125 36.71 -21.97 -19.15
N GLU C 126 36.23 -21.64 -20.34
CA GLU C 126 37.04 -20.91 -21.30
C GLU C 126 37.49 -19.57 -20.73
N LEU C 127 36.59 -18.87 -20.04
CA LEU C 127 36.92 -17.53 -19.56
C LEU C 127 37.97 -17.55 -18.47
N ALA C 128 38.05 -18.63 -17.69
CA ALA C 128 39.10 -18.75 -16.70
C ALA C 128 40.48 -18.69 -17.34
N LYS C 129 40.60 -19.15 -18.59
CA LYS C 129 41.89 -19.10 -19.28
C LYS C 129 42.21 -17.68 -19.72
N LEU C 130 41.21 -16.88 -20.08
CA LEU C 130 41.47 -15.53 -20.56
C LEU C 130 42.07 -14.68 -19.44
N PRO C 131 43.03 -13.81 -19.76
CA PRO C 131 43.72 -13.05 -18.71
C PRO C 131 43.04 -11.75 -18.28
N ASP C 132 42.01 -11.29 -18.96
CA ASP C 132 41.36 -10.05 -18.56
C ASP C 132 40.73 -10.25 -17.18
N PRO C 133 41.07 -9.42 -16.18
CA PRO C 133 40.52 -9.67 -14.84
C PRO C 133 39.01 -9.65 -14.82
N ASP C 134 38.39 -8.67 -15.48
CA ASP C 134 36.93 -8.60 -15.52
C ASP C 134 36.34 -9.85 -16.15
N ALA C 135 36.96 -10.34 -17.23
CA ALA C 135 36.47 -11.56 -17.86
C ALA C 135 36.54 -12.75 -16.90
N LEU C 136 37.66 -12.90 -16.20
CA LEU C 136 37.78 -13.95 -15.20
C LEU C 136 36.66 -13.87 -14.18
N ALA C 137 36.20 -12.65 -13.87
CA ALA C 137 35.08 -12.50 -12.95
C ALA C 137 33.79 -12.98 -13.59
N ALA C 138 33.49 -12.49 -14.81
CA ALA C 138 32.25 -12.86 -15.47
C ALA C 138 32.11 -14.37 -15.58
N ALA C 139 33.20 -15.07 -15.86
CA ALA C 139 33.15 -16.53 -15.89
C ALA C 139 32.62 -17.08 -14.57
N ALA C 140 33.22 -16.66 -13.46
CA ALA C 140 32.72 -17.03 -12.16
C ALA C 140 31.24 -16.71 -12.04
N ARG C 141 30.86 -15.46 -12.37
CA ARG C 141 29.46 -15.06 -12.28
C ARG C 141 28.56 -16.06 -12.98
N ALA C 142 28.88 -16.39 -14.23
CA ALA C 142 28.13 -17.43 -14.94
C ALA C 142 28.26 -18.78 -14.23
N ALA C 143 29.47 -19.12 -13.79
CA ALA C 143 29.70 -20.42 -13.18
C ALA C 143 28.86 -20.60 -11.92
N SER C 144 28.84 -19.59 -11.05
CA SER C 144 28.09 -19.70 -9.81
C SER C 144 26.61 -19.98 -10.07
N LYS C 145 26.04 -19.34 -11.09
CA LYS C 145 24.63 -19.55 -11.42
C LYS C 145 24.31 -21.04 -11.50
N VAL C 146 25.23 -21.84 -12.04
CA VAL C 146 25.02 -23.28 -12.12
C VAL C 146 24.95 -23.89 -10.73
N GLN C 147 25.88 -23.51 -9.85
CA GLN C 147 25.85 -24.02 -8.48
C GLN C 147 24.53 -23.66 -7.81
N GLN C 148 24.03 -22.45 -8.06
CA GLN C 148 22.74 -22.05 -7.52
C GLN C 148 21.61 -22.93 -8.06
N GLU C 149 21.62 -23.18 -9.37
CA GLU C 149 20.56 -23.97 -9.98
C GLU C 149 20.45 -25.35 -9.35
N GLN C 150 21.58 -26.00 -9.11
CA GLN C 150 21.60 -27.35 -8.53
C GLN C 150 22.87 -27.51 -7.71
N PRO C 151 22.80 -27.30 -6.40
CA PRO C 151 23.96 -27.58 -5.55
C PRO C 151 24.22 -29.08 -5.42
N GLY C 152 25.44 -29.41 -4.99
CA GLY C 152 25.79 -30.78 -4.70
C GLY C 152 25.83 -31.71 -5.89
N SER C 153 25.71 -31.19 -7.11
CA SER C 153 25.79 -31.99 -8.31
C SER C 153 27.23 -32.06 -8.82
N ASN C 154 27.43 -32.89 -9.85
CA ASN C 154 28.72 -32.87 -10.55
C ASN C 154 29.01 -31.47 -11.09
N LEU C 155 28.00 -30.82 -11.67
CA LEU C 155 28.19 -29.45 -12.13
C LEU C 155 28.52 -28.51 -10.98
N ALA C 156 27.82 -28.65 -9.85
CA ALA C 156 28.19 -27.91 -8.65
C ALA C 156 29.65 -28.15 -8.31
N LYS C 157 30.12 -29.40 -8.49
CA LYS C 157 31.54 -29.67 -8.33
C LYS C 157 32.36 -28.92 -9.37
N ALA C 158 31.97 -29.04 -10.64
CA ALA C 158 32.70 -28.35 -11.70
C ALA C 158 32.72 -26.85 -11.45
N ALA C 159 31.55 -26.26 -11.22
CA ALA C 159 31.46 -24.81 -10.99
C ALA C 159 32.47 -24.36 -9.93
N GLN C 160 32.34 -24.89 -8.71
CA GLN C 160 33.31 -24.60 -7.67
C GLN C 160 34.73 -24.85 -8.17
N GLU C 161 34.93 -25.91 -8.95
CA GLU C 161 36.23 -26.16 -9.55
C GLU C 161 36.59 -25.07 -10.55
N ILE C 162 35.62 -24.60 -11.33
CA ILE C 162 35.88 -23.48 -12.23
C ILE C 162 36.11 -22.20 -11.43
N MET C 163 35.20 -21.89 -10.49
CA MET C 163 35.35 -20.69 -9.68
C MET C 163 36.72 -20.64 -9.01
N ARG C 164 37.18 -21.79 -8.49
CA ARG C 164 38.52 -21.85 -7.92
C ARG C 164 39.58 -21.45 -8.95
N GLN C 165 39.49 -22.03 -10.15
CA GLN C 165 40.46 -21.70 -11.19
C GLN C 165 40.42 -20.21 -11.51
N ALA C 166 39.23 -19.61 -11.49
CA ALA C 166 39.12 -18.17 -11.74
C ALA C 166 39.85 -17.39 -10.66
N SER C 167 39.64 -17.74 -9.39
CA SER C 167 40.41 -17.14 -8.31
C SER C 167 41.90 -17.34 -8.55
N ARG C 168 42.29 -18.54 -9.00
CA ARG C 168 43.69 -18.80 -9.30
C ARG C 168 44.19 -17.90 -10.42
N ALA C 169 43.48 -17.88 -11.55
CA ALA C 169 43.93 -17.11 -12.70
C ALA C 169 44.16 -15.65 -12.35
N ALA C 170 43.29 -15.08 -11.51
CA ALA C 170 43.40 -13.66 -11.19
C ALA C 170 44.72 -13.33 -10.52
N GLU C 171 45.13 -14.15 -9.56
CA GLU C 171 46.39 -13.90 -8.87
C GLU C 171 47.57 -13.89 -9.85
N GLU C 172 47.55 -14.79 -10.83
CA GLU C 172 48.64 -14.83 -11.81
C GLU C 172 48.76 -13.49 -12.53
N ALA C 173 47.63 -12.94 -12.98
CA ALA C 173 47.67 -11.60 -13.58
C ALA C 173 48.14 -10.57 -12.56
N ALA C 174 47.70 -10.70 -11.31
CA ALA C 174 48.16 -9.79 -10.26
C ALA C 174 49.66 -9.94 -10.06
N ARG C 175 50.16 -11.19 -10.02
CA ARG C 175 51.59 -11.40 -9.96
C ARG C 175 52.30 -10.78 -11.15
N ARG C 176 51.69 -10.89 -12.34
CA ARG C 176 52.33 -10.36 -13.54
C ARG C 176 52.57 -8.87 -13.44
N ALA C 177 51.60 -8.13 -12.91
CA ALA C 177 51.76 -6.69 -12.75
C ALA C 177 52.93 -6.35 -11.84
N LYS C 178 53.07 -7.10 -10.75
CA LYS C 178 54.24 -6.91 -9.88
C LYS C 178 55.53 -7.10 -10.66
N GLU C 179 55.62 -8.20 -11.41
CA GLU C 179 56.78 -8.41 -12.29
C GLU C 179 56.98 -7.22 -13.22
N THR C 180 55.94 -6.88 -13.98
CA THR C 180 56.02 -5.71 -14.85
C THR C 180 56.21 -4.43 -14.04
N LEU C 181 55.76 -4.42 -12.79
CA LEU C 181 55.98 -3.26 -11.94
C LEU C 181 57.46 -2.98 -11.75
N GLU C 182 58.23 -4.01 -11.38
CA GLU C 182 59.67 -3.83 -11.20
C GLU C 182 60.32 -3.29 -12.46
N LYS C 183 59.92 -3.80 -13.63
CA LYS C 183 60.41 -3.26 -14.89
C LYS C 183 60.09 -1.77 -14.99
N ALA C 184 58.87 -1.38 -14.59
CA ALA C 184 58.50 0.03 -14.63
C ALA C 184 59.37 0.85 -13.70
N GLU C 185 59.73 0.30 -12.54
CA GLU C 185 60.64 1.00 -11.63
C GLU C 185 61.99 1.24 -12.30
N LYS C 186 62.57 0.18 -12.87
CA LYS C 186 63.86 0.33 -13.53
C LYS C 186 63.77 1.26 -14.73
N ASP C 187 62.73 1.13 -15.54
CA ASP C 187 62.59 1.90 -16.76
C ASP C 187 61.93 3.26 -16.55
N GLY C 188 61.66 3.64 -15.31
CA GLY C 188 61.14 4.95 -15.01
C GLY C 188 60.00 5.41 -15.88
N ASP C 189 58.90 4.65 -15.90
CA ASP C 189 57.72 4.97 -16.69
C ASP C 189 56.48 4.79 -15.84
N PRO C 190 56.12 5.79 -15.04
CA PRO C 190 54.90 5.69 -14.23
C PRO C 190 53.65 5.30 -15.02
N GLU C 191 53.45 5.88 -16.21
CA GLU C 191 52.24 5.59 -16.98
C GLU C 191 52.01 4.09 -17.09
N THR C 192 53.07 3.33 -17.38
CA THR C 192 52.94 1.88 -17.42
C THR C 192 52.48 1.33 -16.07
N ALA C 193 53.19 1.68 -15.00
CA ALA C 193 52.78 1.24 -13.67
C ALA C 193 51.34 1.61 -13.39
N LEU C 194 50.89 2.76 -13.89
CA LEU C 194 49.49 3.15 -13.74
C LEU C 194 48.57 2.02 -14.17
N LYS C 195 48.71 1.57 -15.41
CA LYS C 195 47.92 0.43 -15.88
C LYS C 195 48.33 -0.86 -15.17
N ALA C 196 49.63 -1.03 -14.92
CA ALA C 196 50.08 -2.22 -14.21
C ALA C 196 49.42 -2.33 -12.84
N VAL C 197 49.55 -1.28 -12.02
CA VAL C 197 48.83 -1.24 -10.76
C VAL C 197 47.33 -1.28 -11.01
N GLU C 198 46.87 -0.55 -12.01
CA GLU C 198 45.44 -0.57 -12.36
C GLU C 198 44.96 -2.00 -12.54
N THR C 199 45.68 -2.79 -13.34
CA THR C 199 45.31 -4.19 -13.51
C THR C 199 45.25 -4.92 -12.17
N VAL C 200 46.23 -4.67 -11.30
CA VAL C 200 46.21 -5.28 -9.97
C VAL C 200 44.92 -4.95 -9.25
N VAL C 201 44.54 -3.67 -9.25
CA VAL C 201 43.35 -3.24 -8.53
C VAL C 201 42.13 -3.98 -9.05
N LYS C 202 41.96 -4.03 -10.36
CA LYS C 202 40.84 -4.76 -10.94
C LYS C 202 40.82 -6.20 -10.46
N VAL C 203 42.00 -6.81 -10.26
CA VAL C 203 42.05 -8.19 -9.78
C VAL C 203 41.40 -8.31 -8.41
N ALA C 204 41.90 -7.55 -7.44
CA ALA C 204 41.33 -7.61 -6.09
C ALA C 204 39.81 -7.40 -6.14
N ARG C 205 39.38 -6.29 -6.74
CA ARG C 205 37.96 -6.09 -6.99
C ARG C 205 37.36 -7.33 -7.65
N ALA C 206 37.93 -7.73 -8.79
CA ALA C 206 37.50 -8.96 -9.44
C ALA C 206 37.49 -10.13 -8.47
N LEU C 207 38.53 -10.24 -7.65
CA LEU C 207 38.61 -11.38 -6.73
C LEU C 207 37.51 -11.32 -5.67
N ASN C 208 37.19 -10.12 -5.17
CA ASN C 208 36.11 -9.99 -4.22
C ASN C 208 34.80 -10.53 -4.79
N GLN C 209 34.41 -10.02 -5.96
CA GLN C 209 33.17 -10.47 -6.59
C GLN C 209 33.15 -11.99 -6.72
N ILE C 210 34.25 -12.57 -7.19
CA ILE C 210 34.38 -14.03 -7.19
C ILE C 210 34.27 -14.55 -5.76
N ALA C 211 34.83 -13.82 -4.80
CA ALA C 211 34.71 -14.21 -3.40
C ALA C 211 33.25 -14.18 -2.94
N THR C 212 32.51 -13.13 -3.33
CA THR C 212 31.15 -12.97 -2.84
C THR C 212 30.27 -14.15 -3.23
N MET C 213 30.20 -14.44 -4.53
CA MET C 213 29.33 -15.52 -5.00
C MET C 213 29.64 -16.82 -4.30
N ALA C 214 30.93 -17.19 -4.25
CA ALA C 214 31.33 -18.36 -3.48
C ALA C 214 31.01 -18.18 -2.00
N GLY C 215 31.03 -16.93 -1.53
CA GLY C 215 30.71 -16.66 -0.13
C GLY C 215 31.55 -17.44 0.84
N SER C 216 32.85 -17.58 0.56
CA SER C 216 33.78 -18.28 1.43
C SER C 216 34.65 -17.23 2.12
N GLU C 217 34.55 -17.17 3.45
CA GLU C 217 35.32 -16.18 4.20
C GLU C 217 36.80 -16.27 3.89
N GLU C 218 37.33 -17.49 3.79
CA GLU C 218 38.75 -17.68 3.53
C GLU C 218 39.17 -17.02 2.22
N ALA C 219 38.43 -17.30 1.14
CA ALA C 219 38.75 -16.68 -0.14
C ALA C 219 38.68 -15.16 -0.04
N GLN C 220 37.73 -14.64 0.73
CA GLN C 220 37.63 -13.20 0.92
C GLN C 220 38.92 -12.63 1.46
N GLU C 221 39.56 -13.32 2.42
CA GLU C 221 40.79 -12.79 3.01
C GLU C 221 41.93 -12.82 2.01
N ARG C 222 42.02 -13.87 1.19
CA ARG C 222 43.01 -13.87 0.13
C ARG C 222 42.80 -12.68 -0.81
N ALA C 223 41.56 -12.43 -1.19
CA ALA C 223 41.24 -11.20 -1.91
C ALA C 223 41.60 -9.97 -1.07
N ALA C 224 41.28 -10.01 0.23
CA ALA C 224 41.61 -8.90 1.11
C ALA C 224 43.12 -8.74 1.20
N ARG C 225 43.83 -9.82 1.52
CA ARG C 225 45.30 -9.78 1.56
C ARG C 225 45.85 -9.20 0.26
N VAL C 226 45.36 -9.70 -0.88
CA VAL C 226 45.79 -9.17 -2.18
C VAL C 226 45.55 -7.66 -2.23
N ALA C 227 44.33 -7.23 -1.94
CA ALA C 227 44.01 -5.80 -1.99
C ALA C 227 44.92 -5.01 -1.07
N SER C 228 45.16 -5.52 0.14
CA SER C 228 45.98 -4.78 1.09
C SER C 228 47.34 -4.41 0.50
N GLU C 229 47.97 -5.34 -0.23
CA GLU C 229 49.23 -5.03 -0.89
C GLU C 229 49.05 -3.96 -1.96
N ALA C 230 47.97 -4.08 -2.75
CA ALA C 230 47.72 -3.10 -3.81
C ALA C 230 47.73 -1.68 -3.25
N ALA C 231 47.15 -1.48 -2.06
CA ALA C 231 47.23 -0.18 -1.41
C ALA C 231 48.68 0.22 -1.19
N ARG C 232 49.52 -0.73 -0.76
CA ARG C 232 50.94 -0.45 -0.64
C ARG C 232 51.56 -0.13 -2.00
N LEU C 233 51.15 -0.86 -3.04
CA LEU C 233 51.64 -0.55 -4.38
C LEU C 233 51.32 0.88 -4.77
N ALA C 234 50.11 1.34 -4.45
CA ALA C 234 49.75 2.72 -4.72
C ALA C 234 50.78 3.68 -4.13
N GLU C 235 51.17 3.44 -2.87
CA GLU C 235 52.24 4.24 -2.27
C GLU C 235 53.53 4.10 -3.08
N ARG C 236 53.84 2.88 -3.51
CA ARG C 236 55.03 2.67 -4.35
C ARG C 236 54.86 3.37 -5.69
N VAL C 237 53.64 3.36 -6.25
CA VAL C 237 53.38 4.11 -7.46
C VAL C 237 53.48 5.60 -7.21
N LEU C 238 52.92 6.07 -6.09
CA LEU C 238 52.92 7.50 -5.80
C LEU C 238 54.33 8.04 -5.71
N GLU C 239 55.19 7.41 -4.91
CA GLU C 239 56.53 7.93 -4.71
C GLU C 239 57.30 8.02 -6.02
N LEU C 240 57.33 6.92 -6.78
CA LEU C 240 58.06 6.92 -8.05
C LEU C 240 57.46 7.91 -9.05
N ALA C 241 56.14 8.10 -9.01
CA ALA C 241 55.48 8.93 -10.01
C ALA C 241 55.87 10.39 -9.85
N GLU C 242 55.65 10.96 -8.65
CA GLU C 242 55.91 12.38 -8.46
C GLU C 242 57.32 12.76 -8.89
N LYS C 243 58.29 11.90 -8.63
CA LYS C 243 59.68 12.23 -8.93
C LYS C 243 59.95 12.22 -10.43
N GLN C 244 59.45 11.21 -11.13
CA GLN C 244 59.94 10.88 -12.47
C GLN C 244 59.14 11.51 -13.61
N GLY C 245 58.25 12.44 -13.33
CA GLY C 245 57.72 13.31 -14.35
C GLY C 245 56.33 13.03 -14.87
N ASP C 246 55.43 12.53 -14.04
CA ASP C 246 54.02 12.40 -14.44
C ASP C 246 53.08 12.64 -13.27
N PRO C 247 53.17 13.82 -12.63
CA PRO C 247 52.18 14.15 -11.59
C PRO C 247 50.73 13.95 -12.01
N GLU C 248 50.32 14.54 -13.13
CA GLU C 248 48.93 14.44 -13.56
C GLU C 248 48.48 12.99 -13.65
N VAL C 249 49.35 12.12 -14.18
CA VAL C 249 49.09 10.68 -14.11
C VAL C 249 49.19 10.21 -12.67
N ALA C 250 50.11 10.78 -11.89
CA ALA C 250 50.21 10.45 -10.48
C ALA C 250 48.97 10.88 -9.71
N ARG C 251 48.16 11.79 -10.27
CA ARG C 251 46.90 12.12 -9.63
C ARG C 251 45.97 10.91 -9.60
N ARG C 252 46.04 10.07 -10.63
CA ARG C 252 45.21 8.87 -10.66
C ARG C 252 45.58 7.91 -9.53
N ALA C 253 46.88 7.82 -9.21
CA ALA C 253 47.32 6.87 -8.19
C ALA C 253 46.70 7.19 -6.84
N ARG C 254 46.89 8.43 -6.36
CA ARG C 254 46.22 8.84 -5.13
C ARG C 254 44.71 8.63 -5.24
N GLU C 255 44.16 8.86 -6.45
CA GLU C 255 42.76 8.51 -6.68
C GLU C 255 42.55 7.01 -6.61
N LEU C 256 43.45 6.23 -7.22
CA LEU C 256 43.38 4.77 -7.13
C LEU C 256 43.38 4.33 -5.66
N GLN C 257 44.16 5.02 -4.83
CA GLN C 257 44.17 4.70 -3.40
C GLN C 257 42.77 4.64 -2.83
N GLU C 258 41.86 5.47 -3.33
CA GLU C 258 40.47 5.38 -2.90
C GLU C 258 39.88 4.02 -3.24
N LYS C 259 40.01 3.60 -4.50
CA LYS C 259 39.39 2.36 -4.96
C LYS C 259 39.73 1.20 -4.04
N VAL C 260 40.97 1.13 -3.56
CA VAL C 260 41.34 0.09 -2.61
C VAL C 260 40.46 0.16 -1.38
N LEU C 261 40.28 1.36 -0.83
CA LEU C 261 39.41 1.52 0.33
C LEU C 261 37.99 1.08 0.03
N ASP C 262 37.51 1.35 -1.19
CA ASP C 262 36.22 0.84 -1.61
C ASP C 262 36.18 -0.68 -1.53
N ILE C 263 37.12 -1.34 -2.20
CA ILE C 263 37.16 -2.81 -2.19
C ILE C 263 37.21 -3.33 -0.76
N LEU C 264 38.01 -2.69 0.09
CA LEU C 264 38.09 -3.11 1.48
C LEU C 264 36.75 -2.96 2.18
N LEU C 265 36.05 -1.84 1.95
CA LEU C 265 34.72 -1.70 2.52
C LEU C 265 33.80 -2.81 2.03
N ASP C 266 33.80 -3.06 0.71
CA ASP C 266 32.91 -4.07 0.15
C ASP C 266 33.23 -5.45 0.72
N ILE C 267 34.52 -5.74 0.98
CA ILE C 267 34.88 -7.02 1.57
C ILE C 267 34.27 -7.14 2.96
N LEU C 268 34.46 -6.13 3.79
CA LEU C 268 33.96 -6.19 5.17
C LEU C 268 32.43 -6.29 5.20
N GLU C 269 31.76 -5.48 4.38
CA GLU C 269 30.29 -5.53 4.32
C GLU C 269 29.81 -6.95 4.11
N GLN C 270 30.39 -7.65 3.13
CA GLN C 270 30.04 -9.05 2.91
C GLN C 270 30.40 -9.90 4.12
N ILE C 271 31.60 -9.71 4.67
CA ILE C 271 32.04 -10.53 5.79
C ILE C 271 31.07 -10.41 6.95
N LEU C 272 30.68 -9.18 7.31
CA LEU C 272 29.70 -9.03 8.37
C LEU C 272 28.36 -9.61 7.97
N GLN C 273 27.85 -9.21 6.80
CA GLN C 273 26.57 -9.72 6.32
C GLN C 273 26.50 -11.23 6.47
N THR C 274 27.59 -11.92 6.13
CA THR C 274 27.68 -13.34 6.44
C THR C 274 27.59 -13.58 7.94
N ALA C 275 28.43 -12.90 8.71
CA ALA C 275 28.48 -13.14 10.15
C ALA C 275 27.11 -12.95 10.79
N THR C 276 26.37 -11.90 10.38
CA THR C 276 25.04 -11.69 10.93
C THR C 276 24.13 -12.88 10.67
N LYS C 277 24.09 -13.33 9.41
CA LYS C 277 23.27 -14.50 9.09
C LYS C 277 23.62 -15.67 9.99
N ILE C 278 24.91 -15.97 10.13
CA ILE C 278 25.34 -17.10 10.94
C ILE C 278 24.80 -16.97 12.36
N ILE C 279 25.03 -15.82 12.99
CA ILE C 279 24.62 -15.66 14.39
C ILE C 279 23.10 -15.79 14.50
N ASP C 280 22.36 -15.36 13.47
CA ASP C 280 20.92 -15.55 13.47
C ASP C 280 20.57 -17.04 13.60
N ASP C 281 21.10 -17.85 12.69
CA ASP C 281 20.87 -19.29 12.76
C ASP C 281 21.25 -19.83 14.13
N ALA C 282 22.42 -19.43 14.63
CA ALA C 282 22.83 -19.85 15.97
C ALA C 282 21.75 -19.53 17.00
N ASN C 283 21.28 -18.28 17.00
CA ASN C 283 20.15 -17.93 17.85
C ASN C 283 18.97 -18.87 17.59
N LYS C 284 18.61 -19.06 16.32
CA LYS C 284 17.53 -19.96 15.97
C LYS C 284 17.77 -21.36 16.53
N LEU C 285 18.95 -21.92 16.25
CA LEU C 285 19.28 -23.25 16.76
C LEU C 285 19.13 -23.30 18.27
N LEU C 286 19.74 -22.35 18.99
CA LEU C 286 19.58 -22.31 20.43
C LEU C 286 18.10 -22.25 20.81
N GLU C 287 17.35 -21.33 20.18
CA GLU C 287 15.92 -21.23 20.45
C GLU C 287 15.28 -22.60 20.41
N LYS C 288 15.54 -23.38 19.35
CA LYS C 288 15.08 -24.75 19.30
C LYS C 288 15.54 -25.53 20.53
N LEU C 289 16.77 -25.30 20.98
CA LEU C 289 17.34 -26.11 22.04
C LEU C 289 16.80 -25.74 23.41
N ARG C 290 16.52 -24.46 23.65
CA ARG C 290 15.90 -24.09 24.92
C ARG C 290 14.52 -24.74 25.03
N ARG C 291 13.71 -24.64 23.97
CA ARG C 291 12.39 -25.25 23.99
C ARG C 291 12.46 -26.77 24.08
N SER C 292 13.41 -27.36 23.36
CA SER C 292 13.41 -28.81 23.18
C SER C 292 13.29 -29.55 24.50
N GLU C 293 12.60 -30.69 24.47
CA GLU C 293 12.46 -31.53 25.66
C GLU C 293 13.81 -32.06 26.10
N ARG C 294 14.58 -32.60 25.16
CA ARG C 294 15.93 -33.05 25.41
C ARG C 294 16.88 -32.34 24.45
N LYS C 295 18.00 -31.88 24.96
CA LYS C 295 19.06 -31.41 24.09
C LYS C 295 19.47 -32.55 23.16
N ASP C 296 19.34 -32.34 21.86
CA ASP C 296 19.85 -33.28 20.88
C ASP C 296 21.26 -32.83 20.49
N PRO C 297 22.30 -33.47 21.01
CA PRO C 297 23.67 -33.04 20.66
C PRO C 297 23.88 -32.81 19.18
N LYS C 298 23.20 -33.56 18.31
CA LYS C 298 23.37 -33.37 16.87
C LYS C 298 23.06 -31.93 16.49
N VAL C 299 22.01 -31.34 17.07
CA VAL C 299 21.73 -29.93 16.82
C VAL C 299 22.75 -29.05 17.54
N VAL C 300 23.01 -29.35 18.82
CA VAL C 300 23.97 -28.57 19.59
C VAL C 300 25.30 -28.50 18.86
N GLU C 301 25.81 -29.66 18.43
CA GLU C 301 27.11 -29.71 17.77
C GLU C 301 27.18 -28.70 16.63
N THR C 302 26.18 -28.68 15.75
CA THR C 302 26.16 -27.70 14.68
C THR C 302 25.98 -26.30 15.26
N TYR C 303 25.11 -26.15 16.26
CA TYR C 303 24.91 -24.84 16.87
C TYR C 303 26.23 -24.26 17.37
N VAL C 304 26.97 -25.05 18.16
CA VAL C 304 28.27 -24.60 18.64
C VAL C 304 29.19 -24.30 17.46
N GLU C 305 29.22 -25.21 16.48
CA GLU C 305 30.06 -25.00 15.30
C GLU C 305 29.76 -23.65 14.66
N LEU C 306 28.48 -23.26 14.62
CA LEU C 306 28.12 -21.95 14.11
C LEU C 306 28.85 -20.85 14.90
N LEU C 307 28.81 -20.95 16.23
CA LEU C 307 29.54 -20.00 17.06
C LEU C 307 31.02 -20.03 16.74
N LYS C 308 31.63 -21.23 16.73
CA LYS C 308 33.03 -21.35 16.38
C LYS C 308 33.29 -20.70 15.02
N ARG C 309 32.54 -21.11 13.99
CA ARG C 309 32.70 -20.48 12.68
C ARG C 309 32.44 -18.99 12.77
N HIS C 310 31.34 -18.60 13.41
CA HIS C 310 31.03 -17.18 13.55
C HIS C 310 32.21 -16.43 14.15
N GLU C 311 32.81 -17.02 15.20
CA GLU C 311 33.99 -16.42 15.82
C GLU C 311 35.09 -16.20 14.79
N ARG C 312 35.44 -17.24 14.03
CA ARG C 312 36.53 -17.13 13.06
C ARG C 312 36.36 -15.88 12.18
N LEU C 313 35.13 -15.68 11.68
CA LEU C 313 34.88 -14.55 10.80
C LEU C 313 35.25 -13.23 11.47
N VAL C 314 34.79 -13.03 12.70
CA VAL C 314 35.08 -11.81 13.43
C VAL C 314 36.59 -11.59 13.49
N LYS C 315 37.32 -12.61 13.92
CA LYS C 315 38.78 -12.57 13.83
C LYS C 315 39.22 -12.22 12.41
N GLN C 316 38.65 -12.90 11.41
CA GLN C 316 38.90 -12.54 10.03
C GLN C 316 38.54 -11.08 9.78
N LEU C 317 37.40 -10.65 10.33
CA LEU C 317 36.94 -9.28 10.11
C LEU C 317 37.96 -8.27 10.63
N LEU C 318 38.41 -8.46 11.87
CA LEU C 318 39.31 -7.48 12.49
C LEU C 318 40.62 -7.36 11.71
N GLU C 319 41.35 -8.49 11.59
CA GLU C 319 42.61 -8.47 10.86
C GLU C 319 42.44 -7.77 9.52
N ILE C 320 41.31 -8.00 8.85
CA ILE C 320 40.96 -7.22 7.67
C ILE C 320 40.75 -5.76 8.07
N ALA C 321 39.86 -5.53 9.04
CA ALA C 321 39.58 -4.18 9.51
C ALA C 321 40.87 -3.46 9.89
N LYS C 322 41.80 -4.18 10.53
CA LYS C 322 43.11 -3.60 10.81
C LYS C 322 43.80 -3.19 9.50
N ALA C 323 43.89 -4.11 8.55
CA ALA C 323 44.53 -3.81 7.27
C ALA C 323 43.88 -2.63 6.58
N HIS C 324 42.56 -2.46 6.72
CA HIS C 324 41.89 -1.30 6.15
C HIS C 324 42.54 -0.01 6.64
N ALA C 325 42.75 0.09 7.95
CA ALA C 325 43.44 1.25 8.49
C ALA C 325 44.85 1.37 7.92
N GLU C 326 45.61 0.27 7.97
CA GLU C 326 46.94 0.26 7.37
C GLU C 326 46.89 0.80 5.93
N ALA C 327 45.77 0.61 5.24
CA ALA C 327 45.60 1.21 3.92
C ALA C 327 45.42 2.72 4.03
N VAL C 328 44.55 3.17 4.93
CA VAL C 328 44.32 4.61 5.11
C VAL C 328 45.59 5.28 5.62
N GLU C 329 46.23 4.66 6.62
CA GLU C 329 47.34 5.31 7.31
C GLU C 329 48.43 5.74 6.32
N GLY C 330 48.74 4.90 5.34
CA GLY C 330 49.70 5.28 4.33
C GLY C 330 49.36 6.58 3.64
N GLY C 331 48.07 6.87 3.49
CA GLY C 331 47.63 8.07 2.82
C GLY C 331 48.04 9.34 3.54
N ASP D 3 -25.42 -17.09 10.63
CA ASP D 3 -24.99 -18.51 10.46
C ASP D 3 -24.82 -18.85 8.99
N ARG D 4 -25.88 -18.65 8.19
CA ARG D 4 -25.79 -18.96 6.77
C ARG D 4 -24.98 -17.93 6.00
N SER D 5 -24.70 -16.76 6.58
CA SER D 5 -23.81 -15.80 5.92
C SER D 5 -22.41 -16.37 5.80
N ASP D 6 -21.91 -17.00 6.86
CA ASP D 6 -20.57 -17.58 6.82
C ASP D 6 -20.55 -18.92 6.09
N HIS D 7 -21.65 -19.68 6.14
CA HIS D 7 -21.73 -20.92 5.40
C HIS D 7 -21.93 -20.69 3.90
N ALA D 8 -22.65 -19.62 3.53
CA ALA D 8 -22.85 -19.31 2.12
C ALA D 8 -21.52 -18.95 1.47
N LYS D 9 -20.78 -18.00 2.06
CA LYS D 9 -19.45 -17.69 1.57
C LYS D 9 -18.62 -18.95 1.44
N LYS D 10 -18.76 -19.88 2.39
CA LYS D 10 -18.10 -21.17 2.28
C LYS D 10 -18.49 -21.87 0.98
N LEU D 11 -19.79 -21.95 0.71
CA LEU D 11 -20.26 -22.62 -0.50
C LEU D 11 -19.64 -22.00 -1.74
N LYS D 12 -19.80 -20.68 -1.92
CA LYS D 12 -19.15 -19.99 -3.02
C LYS D 12 -17.65 -20.28 -3.02
N THR D 13 -17.00 -20.09 -1.87
CA THR D 13 -15.57 -20.32 -1.79
C THR D 13 -15.22 -21.79 -2.00
N PHE D 14 -16.04 -22.70 -1.46
CA PHE D 14 -15.74 -24.12 -1.58
C PHE D 14 -15.71 -24.56 -3.03
N LEU D 15 -16.80 -24.29 -3.76
CA LEU D 15 -16.83 -24.61 -5.19
C LEU D 15 -15.64 -23.98 -5.91
N GLU D 16 -15.40 -22.69 -5.66
CA GLU D 16 -14.22 -22.03 -6.21
C GLU D 16 -12.96 -22.79 -5.82
N ASN D 17 -12.75 -22.98 -4.51
CA ASN D 17 -11.57 -23.71 -4.05
C ASN D 17 -11.47 -25.07 -4.71
N LEU D 18 -12.59 -25.80 -4.78
CA LEU D 18 -12.59 -27.08 -5.48
C LEU D 18 -12.01 -26.94 -6.88
N ARG D 19 -12.60 -26.06 -7.69
CA ARG D 19 -12.06 -25.82 -9.02
C ARG D 19 -10.60 -25.40 -8.94
N ARG D 20 -10.25 -24.55 -7.96
CA ARG D 20 -8.85 -24.16 -7.78
C ARG D 20 -7.98 -25.39 -7.58
N HIS D 21 -8.35 -26.26 -6.64
CA HIS D 21 -7.60 -27.49 -6.42
C HIS D 21 -7.50 -28.29 -7.72
N LEU D 22 -8.62 -28.49 -8.40
CA LEU D 22 -8.60 -29.19 -9.68
C LEU D 22 -7.53 -28.61 -10.59
N ASP D 23 -7.52 -27.28 -10.73
CA ASP D 23 -6.52 -26.63 -11.57
C ASP D 23 -5.11 -27.00 -11.13
N ARG D 24 -4.83 -26.92 -9.82
CA ARG D 24 -3.53 -27.32 -9.33
C ARG D 24 -3.18 -28.74 -9.75
N LEU D 25 -4.13 -29.67 -9.55
CA LEU D 25 -3.94 -31.03 -10.04
C LEU D 25 -3.55 -31.04 -11.51
N ASP D 26 -4.09 -30.10 -12.28
CA ASP D 26 -3.76 -30.04 -13.70
C ASP D 26 -2.36 -29.51 -13.92
N LYS D 27 -1.96 -28.50 -13.15
CA LYS D 27 -0.60 -27.97 -13.27
C LYS D 27 0.43 -29.05 -12.95
N HIS D 28 0.17 -29.85 -11.91
CA HIS D 28 1.06 -30.94 -11.58
C HIS D 28 1.12 -31.97 -12.71
N ILE D 29 -0.05 -32.48 -13.12
CA ILE D 29 -0.09 -33.40 -14.25
C ILE D 29 0.59 -32.77 -15.46
N LYS D 30 0.40 -31.46 -15.64
CA LYS D 30 1.05 -30.75 -16.73
C LYS D 30 2.57 -30.87 -16.61
N GLN D 31 3.10 -30.63 -15.42
CA GLN D 31 4.55 -30.76 -15.22
C GLN D 31 5.00 -32.20 -15.45
N LEU D 32 4.21 -33.18 -14.99
CA LEU D 32 4.57 -34.57 -15.24
C LEU D 32 4.36 -34.95 -16.69
N ARG D 33 3.26 -34.48 -17.29
CA ARG D 33 3.03 -34.74 -18.71
C ARG D 33 4.04 -34.01 -19.58
N ASP D 34 4.31 -32.74 -19.27
CA ASP D 34 5.37 -32.02 -19.98
C ASP D 34 6.73 -32.69 -19.78
N ILE D 35 6.93 -33.32 -18.62
CA ILE D 35 8.16 -34.07 -18.40
C ILE D 35 8.26 -35.24 -19.37
N LEU D 36 7.13 -35.90 -19.64
CA LEU D 36 7.15 -37.09 -20.50
C LEU D 36 7.60 -36.74 -21.91
N SER D 37 7.11 -35.61 -22.46
CA SER D 37 7.48 -35.23 -23.81
C SER D 37 9.00 -35.15 -23.97
N GLU D 38 9.66 -34.51 -23.01
CA GLU D 38 11.11 -34.33 -23.08
C GLU D 38 11.83 -35.67 -23.07
N ASN D 39 11.46 -36.55 -22.15
CA ASN D 39 12.05 -37.88 -22.04
C ASN D 39 10.93 -38.92 -22.16
N PRO D 40 10.65 -39.41 -23.37
CA PRO D 40 9.58 -40.41 -23.53
C PRO D 40 9.84 -41.72 -22.79
N GLU D 41 10.99 -41.87 -22.15
CA GLU D 41 11.40 -43.16 -21.63
C GLU D 41 10.69 -43.51 -20.32
N ASP D 42 10.75 -42.63 -19.34
CA ASP D 42 10.40 -42.98 -17.97
C ASP D 42 9.03 -43.64 -17.88
N GLU D 43 9.00 -44.88 -17.42
CA GLU D 43 7.74 -45.55 -17.17
C GLU D 43 7.09 -45.04 -15.88
N ARG D 44 7.90 -44.72 -14.87
CA ARG D 44 7.35 -44.30 -13.58
C ARG D 44 6.37 -43.14 -13.73
N VAL D 45 6.72 -42.14 -14.56
CA VAL D 45 5.83 -41.00 -14.74
C VAL D 45 4.48 -41.46 -15.27
N LYS D 46 4.48 -42.37 -16.24
CA LYS D 46 3.22 -42.87 -16.79
C LYS D 46 2.30 -43.37 -15.67
N ASP D 47 2.84 -44.20 -14.78
CA ASP D 47 2.05 -44.68 -13.65
C ASP D 47 1.50 -43.51 -12.84
N VAL D 48 2.32 -42.49 -12.58
CA VAL D 48 1.86 -41.34 -11.81
C VAL D 48 0.81 -40.56 -12.58
N ILE D 49 0.99 -40.42 -13.90
CA ILE D 49 0.02 -39.70 -14.71
C ILE D 49 -1.36 -40.33 -14.56
N ASP D 50 -1.43 -41.65 -14.68
CA ASP D 50 -2.72 -42.34 -14.53
C ASP D 50 -3.28 -42.15 -13.13
N LEU D 51 -2.44 -42.36 -12.11
CA LEU D 51 -2.89 -42.12 -10.74
C LEU D 51 -3.34 -40.67 -10.56
N SER D 52 -2.56 -39.73 -11.09
CA SER D 52 -2.96 -38.33 -11.03
C SER D 52 -4.26 -38.10 -11.75
N GLU D 53 -4.42 -38.67 -12.95
CA GLU D 53 -5.65 -38.49 -13.70
C GLU D 53 -6.85 -39.06 -12.94
N ARG D 54 -6.67 -40.20 -12.29
CA ARG D 54 -7.74 -40.77 -11.48
C ARG D 54 -8.26 -39.75 -10.48
N SER D 55 -7.35 -39.19 -9.66
CA SER D 55 -7.77 -38.22 -8.66
C SER D 55 -8.45 -37.02 -9.31
N VAL D 56 -7.92 -36.56 -10.44
CA VAL D 56 -8.57 -35.48 -11.18
C VAL D 56 -9.95 -35.91 -11.64
N ARG D 57 -10.08 -37.16 -12.09
CA ARG D 57 -11.40 -37.67 -12.44
C ARG D 57 -12.33 -37.62 -11.23
N ILE D 58 -11.86 -38.11 -10.09
CA ILE D 58 -12.70 -38.12 -8.88
C ILE D 58 -13.19 -36.71 -8.57
N VAL D 59 -12.25 -35.77 -8.43
CA VAL D 59 -12.61 -34.40 -8.07
C VAL D 59 -13.72 -33.88 -9.00
N LYS D 60 -13.46 -33.91 -10.31
CA LYS D 60 -14.46 -33.45 -11.27
C LYS D 60 -15.81 -34.09 -10.98
N THR D 61 -15.82 -35.40 -10.67
CA THR D 61 -17.05 -36.05 -10.25
C THR D 61 -17.60 -35.39 -8.99
N VAL D 62 -16.74 -35.17 -7.99
CA VAL D 62 -17.19 -34.58 -6.74
C VAL D 62 -17.91 -33.25 -6.99
N ILE D 63 -17.28 -32.37 -7.77
CA ILE D 63 -17.89 -31.08 -8.05
C ILE D 63 -19.25 -31.26 -8.70
N LYS D 64 -19.31 -32.09 -9.76
CA LYS D 64 -20.59 -32.38 -10.39
C LYS D 64 -21.59 -32.93 -9.39
N ILE D 65 -21.13 -33.83 -8.51
CA ILE D 65 -22.01 -34.34 -7.46
C ILE D 65 -22.40 -33.22 -6.51
N PHE D 66 -21.41 -32.42 -6.08
CA PHE D 66 -21.70 -31.37 -5.11
C PHE D 66 -22.62 -30.32 -5.71
N GLU D 67 -22.33 -29.86 -6.93
CA GLU D 67 -23.18 -28.88 -7.58
C GLU D 67 -24.64 -29.35 -7.59
N ASP D 68 -24.88 -30.58 -8.07
CA ASP D 68 -26.23 -31.11 -8.11
C ASP D 68 -26.89 -31.05 -6.73
N SER D 69 -26.14 -31.47 -5.70
CA SER D 69 -26.66 -31.39 -4.34
C SER D 69 -27.11 -29.97 -4.00
N VAL D 70 -26.29 -28.98 -4.36
CA VAL D 70 -26.65 -27.59 -4.09
C VAL D 70 -27.91 -27.22 -4.84
N ARG D 71 -27.92 -27.44 -6.15
CA ARG D 71 -29.12 -27.16 -6.95
C ARG D 71 -30.36 -27.78 -6.32
N LYS D 72 -30.22 -29.00 -5.80
CA LYS D 72 -31.33 -29.62 -5.08
C LYS D 72 -31.78 -28.73 -3.93
N LEU D 73 -30.84 -28.32 -3.07
CA LEU D 73 -31.19 -27.57 -1.87
C LEU D 73 -31.91 -26.28 -2.21
N LEU D 74 -31.38 -25.51 -3.18
CA LEU D 74 -31.98 -24.24 -3.54
C LEU D 74 -33.46 -24.41 -3.87
N LYS D 75 -33.79 -25.41 -4.69
CA LYS D 75 -35.19 -25.67 -4.99
C LYS D 75 -35.96 -25.98 -3.71
N GLN D 76 -35.38 -26.80 -2.82
CA GLN D 76 -36.02 -27.08 -1.54
C GLN D 76 -36.21 -25.79 -0.74
N ILE D 77 -35.15 -24.99 -0.65
CA ILE D 77 -35.26 -23.68 0.00
C ILE D 77 -36.35 -22.86 -0.67
N ASN D 78 -36.32 -22.80 -2.00
CA ASN D 78 -37.27 -21.95 -2.73
C ASN D 78 -38.71 -22.38 -2.46
N LYS D 79 -38.97 -23.69 -2.44
CA LYS D 79 -40.31 -24.17 -2.14
C LYS D 79 -40.75 -23.76 -0.75
N GLU D 80 -39.89 -23.98 0.25
CA GLU D 80 -40.21 -23.57 1.62
C GLU D 80 -40.56 -22.09 1.66
N ALA D 81 -39.73 -21.25 1.03
CA ALA D 81 -39.97 -19.82 1.03
C ALA D 81 -41.36 -19.49 0.46
N GLU D 82 -41.75 -20.16 -0.63
CA GLU D 82 -43.05 -19.89 -1.23
C GLU D 82 -44.17 -20.20 -0.24
N GLU D 83 -44.16 -21.39 0.35
CA GLU D 83 -45.15 -21.71 1.38
C GLU D 83 -45.08 -20.70 2.51
N LEU D 84 -43.86 -20.37 2.96
CA LEU D 84 -43.69 -19.32 3.96
C LEU D 84 -44.27 -17.99 3.49
N ALA D 85 -44.27 -17.75 2.18
CA ALA D 85 -44.85 -16.52 1.66
C ALA D 85 -46.32 -16.40 2.05
N LYS D 86 -47.06 -17.49 2.00
CA LYS D 86 -48.50 -17.44 2.26
C LYS D 86 -48.79 -16.90 3.65
N SER D 87 -48.05 -17.35 4.66
CA SER D 87 -48.29 -16.91 6.02
C SER D 87 -48.18 -15.39 6.10
N PRO D 88 -49.12 -14.72 6.77
CA PRO D 88 -49.04 -13.25 6.88
C PRO D 88 -48.22 -12.75 8.05
N ASP D 89 -47.77 -13.62 8.95
CA ASP D 89 -46.95 -13.21 10.06
C ASP D 89 -45.72 -12.48 9.54
N PRO D 90 -45.53 -11.19 9.86
CA PRO D 90 -44.44 -10.43 9.19
C PRO D 90 -43.07 -11.04 9.41
N GLU D 91 -42.74 -11.43 10.65
CA GLU D 91 -41.45 -12.07 10.90
C GLU D 91 -41.25 -13.28 10.01
N ASP D 92 -42.34 -13.97 9.66
CA ASP D 92 -42.26 -15.15 8.80
C ASP D 92 -42.06 -14.76 7.35
N LEU D 93 -42.80 -13.75 6.87
CA LEU D 93 -42.60 -13.29 5.50
C LEU D 93 -41.26 -12.59 5.34
N LYS D 94 -40.85 -11.82 6.36
CA LYS D 94 -39.54 -11.17 6.30
C LYS D 94 -38.42 -12.21 6.18
N ARG D 95 -38.51 -13.28 6.96
CA ARG D 95 -37.57 -14.39 6.80
C ARG D 95 -37.61 -14.92 5.36
N ALA D 96 -38.80 -15.03 4.78
CA ALA D 96 -38.93 -15.55 3.43
C ALA D 96 -38.15 -14.71 2.43
N VAL D 97 -38.20 -13.38 2.57
CA VAL D 97 -37.41 -12.50 1.71
C VAL D 97 -35.95 -12.94 1.75
N GLU D 98 -35.42 -13.17 2.95
CA GLU D 98 -34.04 -13.60 3.11
C GLU D 98 -33.72 -14.77 2.19
N LEU D 99 -34.66 -15.71 2.07
CA LEU D 99 -34.39 -16.93 1.31
C LEU D 99 -34.40 -16.66 -0.19
N ALA D 100 -35.49 -16.08 -0.69
CA ALA D 100 -35.53 -15.71 -2.11
C ALA D 100 -34.33 -14.86 -2.48
N GLU D 101 -34.01 -13.87 -1.65
CA GLU D 101 -32.81 -13.08 -1.88
C GLU D 101 -31.56 -13.95 -1.77
N ALA D 102 -31.55 -14.90 -0.83
CA ALA D 102 -30.42 -15.82 -0.71
C ALA D 102 -30.28 -16.66 -1.99
N VAL D 103 -31.39 -17.11 -2.55
CA VAL D 103 -31.35 -17.94 -3.76
C VAL D 103 -30.80 -17.12 -4.93
N VAL D 104 -31.31 -15.91 -5.11
CA VAL D 104 -30.85 -15.07 -6.22
C VAL D 104 -29.34 -14.88 -6.15
N ARG D 105 -28.82 -14.57 -4.96
CA ARG D 105 -27.40 -14.28 -4.83
C ARG D 105 -26.55 -15.50 -5.16
N ALA D 106 -27.00 -16.69 -4.77
CA ALA D 106 -26.16 -17.89 -4.90
C ALA D 106 -26.07 -18.38 -6.34
N ASP D 107 -27.18 -18.32 -7.08
CA ASP D 107 -27.24 -18.81 -8.45
C ASP D 107 -27.91 -17.73 -9.29
N PRO D 108 -27.14 -16.80 -9.85
CA PRO D 108 -27.75 -15.61 -10.46
C PRO D 108 -28.32 -15.88 -11.84
N GLY D 109 -29.44 -15.23 -12.13
CA GLY D 109 -30.04 -15.26 -13.45
C GLY D 109 -30.71 -16.56 -13.85
N SER D 110 -30.61 -17.60 -13.04
CA SER D 110 -31.06 -18.92 -13.47
C SER D 110 -32.58 -19.01 -13.47
N ASN D 111 -33.08 -20.13 -14.00
CA ASN D 111 -34.51 -20.43 -13.94
C ASN D 111 -35.01 -20.32 -12.51
N LEU D 112 -34.34 -21.00 -11.59
CA LEU D 112 -34.71 -20.94 -10.18
C LEU D 112 -34.70 -19.49 -9.69
N SER D 113 -33.67 -18.73 -10.07
CA SER D 113 -33.65 -17.31 -9.75
C SER D 113 -34.91 -16.62 -10.24
N LYS D 114 -35.40 -17.02 -11.42
CA LYS D 114 -36.70 -16.52 -11.88
C LYS D 114 -37.80 -16.89 -10.90
N LYS D 115 -37.73 -18.09 -10.32
CA LYS D 115 -38.75 -18.52 -9.37
C LYS D 115 -38.65 -17.72 -8.08
N ALA D 116 -37.43 -17.58 -7.54
CA ALA D 116 -37.26 -16.83 -6.30
C ALA D 116 -37.70 -15.38 -6.46
N LEU D 117 -37.40 -14.78 -7.62
CA LEU D 117 -37.87 -13.42 -7.88
C LEU D 117 -39.39 -13.36 -7.86
N GLU D 118 -40.04 -14.35 -8.50
CA GLU D 118 -41.50 -14.43 -8.44
C GLU D 118 -41.99 -14.45 -7.01
N ILE D 119 -41.41 -15.35 -6.19
CA ILE D 119 -41.74 -15.41 -4.78
C ILE D 119 -41.65 -14.03 -4.15
N ILE D 120 -40.53 -13.33 -4.37
CA ILE D 120 -40.27 -12.07 -3.69
C ILE D 120 -41.44 -11.11 -3.86
N LEU D 121 -41.91 -10.94 -5.10
CA LEU D 121 -42.97 -9.97 -5.38
C LEU D 121 -44.20 -10.23 -4.51
N ARG D 122 -44.58 -11.49 -4.35
CA ARG D 122 -45.72 -11.83 -3.51
C ARG D 122 -45.52 -11.35 -2.09
N ALA D 123 -44.35 -11.67 -1.50
CA ALA D 123 -44.09 -11.27 -0.13
C ALA D 123 -44.06 -9.75 0.01
N ALA D 124 -43.31 -9.08 -0.86
CA ALA D 124 -43.27 -7.61 -0.82
C ALA D 124 -44.68 -7.04 -0.92
N ALA D 125 -45.47 -7.57 -1.85
CA ALA D 125 -46.88 -7.16 -1.95
C ALA D 125 -47.60 -7.40 -0.63
N GLU D 126 -47.46 -8.61 -0.08
CA GLU D 126 -48.13 -8.93 1.18
C GLU D 126 -47.76 -7.94 2.27
N LEU D 127 -46.49 -7.55 2.33
CA LEU D 127 -46.06 -6.58 3.34
C LEU D 127 -46.65 -5.19 3.07
N ALA D 128 -46.98 -4.88 1.82
CA ALA D 128 -47.48 -3.55 1.50
C ALA D 128 -48.76 -3.24 2.25
N LYS D 129 -49.72 -4.18 2.23
CA LYS D 129 -51.00 -3.94 2.87
C LYS D 129 -50.86 -3.75 4.37
N LEU D 130 -49.86 -4.39 4.98
CA LEU D 130 -49.70 -4.32 6.42
C LEU D 130 -49.80 -2.87 6.89
N PRO D 131 -50.39 -2.63 8.07
CA PRO D 131 -50.47 -1.25 8.55
C PRO D 131 -49.13 -0.65 8.87
N ASP D 132 -48.19 -1.46 9.33
CA ASP D 132 -46.88 -0.98 9.77
C ASP D 132 -46.09 -0.39 8.62
N PRO D 133 -45.72 0.89 8.67
CA PRO D 133 -44.80 1.42 7.64
C PRO D 133 -43.49 0.66 7.56
N ASP D 134 -42.86 0.37 8.69
CA ASP D 134 -41.53 -0.24 8.67
C ASP D 134 -41.51 -1.48 7.79
N ALA D 135 -42.53 -2.32 7.90
CA ALA D 135 -42.66 -3.44 6.98
C ALA D 135 -42.73 -2.96 5.54
N LEU D 136 -43.43 -1.84 5.30
CA LEU D 136 -43.55 -1.32 3.95
C LEU D 136 -42.19 -1.03 3.34
N ALA D 137 -41.34 -0.28 4.06
CA ALA D 137 -40.01 0.02 3.57
C ALA D 137 -39.27 -1.25 3.20
N ALA D 138 -39.25 -2.24 4.10
CA ALA D 138 -38.65 -3.53 3.79
C ALA D 138 -39.31 -4.13 2.54
N ALA D 139 -40.62 -3.99 2.42
CA ALA D 139 -41.31 -4.42 1.21
C ALA D 139 -40.81 -3.61 0.02
N ALA D 140 -40.78 -2.28 0.15
CA ALA D 140 -40.29 -1.44 -0.93
C ALA D 140 -38.87 -1.83 -1.32
N ARG D 141 -38.00 -2.04 -0.34
CA ARG D 141 -36.64 -2.48 -0.62
C ARG D 141 -36.64 -3.75 -1.46
N ALA D 142 -37.35 -4.79 -1.00
CA ALA D 142 -37.41 -6.03 -1.74
C ALA D 142 -37.78 -5.79 -3.20
N ALA D 143 -38.74 -4.90 -3.45
CA ALA D 143 -39.09 -4.56 -4.83
C ALA D 143 -37.90 -3.98 -5.57
N SER D 144 -37.22 -3.00 -4.96
CA SER D 144 -36.06 -2.41 -5.60
C SER D 144 -34.97 -3.45 -5.86
N LYS D 145 -34.92 -4.51 -5.04
CA LYS D 145 -33.97 -5.57 -5.28
C LYS D 145 -34.24 -6.26 -6.61
N VAL D 146 -35.52 -6.37 -7.00
CA VAL D 146 -35.85 -6.95 -8.30
C VAL D 146 -35.23 -6.14 -9.42
N GLN D 147 -35.38 -4.81 -9.37
CA GLN D 147 -34.85 -3.96 -10.42
C GLN D 147 -33.39 -4.27 -10.70
N GLN D 148 -32.58 -4.40 -9.65
CA GLN D 148 -31.15 -4.60 -9.82
C GLN D 148 -30.85 -5.85 -10.64
N GLU D 149 -31.59 -6.92 -10.41
CA GLU D 149 -31.29 -8.19 -11.06
C GLU D 149 -31.97 -8.35 -12.41
N GLN D 150 -33.13 -7.74 -12.61
CA GLN D 150 -33.88 -7.87 -13.86
C GLN D 150 -34.70 -6.62 -14.09
N PRO D 151 -34.06 -5.54 -14.56
CA PRO D 151 -34.79 -4.30 -14.81
C PRO D 151 -35.54 -4.34 -16.12
N GLY D 152 -36.41 -3.35 -16.30
CA GLY D 152 -37.18 -3.24 -17.54
C GLY D 152 -37.94 -4.49 -17.90
N SER D 153 -38.44 -5.20 -16.91
CA SER D 153 -39.12 -6.47 -17.13
C SER D 153 -40.55 -6.40 -16.58
N ASN D 154 -41.42 -7.23 -17.16
CA ASN D 154 -42.79 -7.32 -16.67
C ASN D 154 -42.82 -7.57 -15.16
N LEU D 155 -41.90 -8.38 -14.65
CA LEU D 155 -41.79 -8.56 -13.21
C LEU D 155 -41.47 -7.23 -12.54
N ALA D 156 -40.55 -6.46 -13.10
CA ALA D 156 -40.20 -5.17 -12.53
C ALA D 156 -41.42 -4.26 -12.41
N LYS D 157 -42.33 -4.30 -13.38
CA LYS D 157 -43.50 -3.44 -13.35
C LYS D 157 -44.27 -3.60 -12.04
N ALA D 158 -44.47 -4.84 -11.59
CA ALA D 158 -45.16 -5.07 -10.34
C ALA D 158 -44.49 -4.33 -9.19
N ALA D 159 -43.18 -4.49 -9.06
CA ALA D 159 -42.45 -3.79 -8.00
C ALA D 159 -42.65 -2.28 -8.10
N GLN D 160 -42.59 -1.73 -9.32
CA GLN D 160 -42.87 -0.32 -9.52
C GLN D 160 -44.24 0.03 -8.94
N GLU D 161 -45.27 -0.70 -9.35
CA GLU D 161 -46.59 -0.54 -8.73
C GLU D 161 -46.53 -0.81 -7.24
N ILE D 162 -45.87 -1.91 -6.84
CA ILE D 162 -45.74 -2.23 -5.43
C ILE D 162 -45.16 -1.05 -4.66
N MET D 163 -44.05 -0.50 -5.17
CA MET D 163 -43.50 0.72 -4.59
C MET D 163 -44.54 1.83 -4.57
N ARG D 164 -45.23 2.01 -5.70
CA ARG D 164 -46.23 3.08 -5.79
C ARG D 164 -47.39 2.82 -4.83
N GLN D 165 -47.97 1.62 -4.89
CA GLN D 165 -49.08 1.30 -3.99
C GLN D 165 -48.63 1.30 -2.54
N ALA D 166 -47.38 0.93 -2.27
CA ALA D 166 -46.86 1.03 -0.92
C ALA D 166 -46.77 2.49 -0.48
N SER D 167 -46.15 3.33 -1.32
CA SER D 167 -46.06 4.76 -1.00
C SER D 167 -47.46 5.35 -0.78
N ARG D 168 -48.37 5.08 -1.72
CA ARG D 168 -49.77 5.49 -1.50
C ARG D 168 -50.30 4.90 -0.20
N ALA D 169 -50.03 3.61 0.05
CA ALA D 169 -50.48 2.98 1.28
C ALA D 169 -49.86 3.67 2.49
N ALA D 170 -48.56 3.93 2.44
CA ALA D 170 -47.89 4.61 3.55
C ALA D 170 -48.41 6.03 3.71
N GLU D 171 -48.42 6.80 2.62
CA GLU D 171 -48.91 8.17 2.69
C GLU D 171 -50.34 8.20 3.23
N GLU D 172 -51.21 7.33 2.72
CA GLU D 172 -52.55 7.23 3.27
C GLU D 172 -52.49 6.79 4.74
N ALA D 173 -51.64 5.83 5.05
CA ALA D 173 -51.46 5.43 6.45
C ALA D 173 -51.00 6.62 7.29
N ALA D 174 -50.18 7.49 6.72
CA ALA D 174 -49.84 8.74 7.40
C ALA D 174 -51.03 9.69 7.40
N ARG D 175 -51.82 9.70 6.32
CA ARG D 175 -53.00 10.56 6.27
C ARG D 175 -54.01 10.15 7.33
N ARG D 176 -54.23 8.84 7.50
CA ARG D 176 -55.17 8.38 8.51
C ARG D 176 -54.77 8.86 9.90
N ALA D 177 -53.50 8.66 10.27
CA ALA D 177 -53.02 9.21 11.53
C ALA D 177 -52.97 10.73 11.49
N LYS D 178 -52.87 11.32 10.30
CA LYS D 178 -52.86 12.77 10.19
C LYS D 178 -54.19 13.36 10.64
N GLU D 179 -55.29 12.87 10.07
CA GLU D 179 -56.61 13.31 10.54
C GLU D 179 -56.79 13.03 12.02
N THR D 180 -56.21 11.95 12.53
CA THR D 180 -56.32 11.63 13.95
C THR D 180 -55.68 12.73 14.80
N LEU D 181 -54.46 13.14 14.43
CA LEU D 181 -53.75 14.12 15.24
C LEU D 181 -54.55 15.41 15.40
N GLU D 182 -55.27 15.81 14.36
CA GLU D 182 -56.10 17.02 14.45
C GLU D 182 -57.17 16.85 15.52
N LYS D 183 -57.82 15.69 15.56
CA LYS D 183 -58.81 15.43 16.60
C LYS D 183 -58.15 15.30 17.97
N ALA D 184 -56.89 14.86 18.02
CA ALA D 184 -56.24 14.63 19.30
C ALA D 184 -55.89 15.95 20.00
N GLU D 185 -55.43 16.94 19.24
CA GLU D 185 -55.10 18.23 19.83
C GLU D 185 -56.33 18.85 20.50
N LYS D 186 -57.50 18.72 19.85
CA LYS D 186 -58.73 19.16 20.49
C LYS D 186 -59.17 18.19 21.57
N ASP D 187 -58.87 16.90 21.41
CA ASP D 187 -59.24 15.93 22.43
C ASP D 187 -58.41 16.10 23.70
N GLY D 188 -57.15 16.50 23.58
CA GLY D 188 -56.37 16.89 24.73
C GLY D 188 -55.77 15.76 25.53
N ASP D 189 -55.46 14.63 24.90
CA ASP D 189 -54.79 13.51 25.55
C ASP D 189 -53.36 13.40 25.01
N PRO D 190 -52.37 14.02 25.68
CA PRO D 190 -51.00 13.92 25.17
C PRO D 190 -50.52 12.50 24.93
N GLU D 191 -50.94 11.55 25.76
CA GLU D 191 -50.58 10.15 25.52
C GLU D 191 -51.01 9.72 24.13
N THR D 192 -52.16 10.21 23.66
CA THR D 192 -52.62 9.87 22.31
C THR D 192 -51.67 10.42 21.25
N ALA D 193 -51.26 11.68 21.39
CA ALA D 193 -50.56 12.36 20.31
C ALA D 193 -49.21 11.71 20.03
N LEU D 194 -48.41 11.46 21.06
CA LEU D 194 -47.03 11.02 20.86
C LEU D 194 -46.97 9.81 19.94
N LYS D 195 -47.83 8.81 20.17
CA LYS D 195 -47.88 7.66 19.28
C LYS D 195 -48.51 8.02 17.94
N ALA D 196 -49.43 8.99 17.93
CA ALA D 196 -50.01 9.45 16.68
C ALA D 196 -48.96 10.15 15.83
N VAL D 197 -48.15 11.02 16.44
CA VAL D 197 -47.15 11.76 15.69
C VAL D 197 -46.02 10.84 15.27
N GLU D 198 -45.42 10.13 16.22
CA GLU D 198 -44.28 9.27 15.92
C GLU D 198 -44.58 8.33 14.76
N THR D 199 -45.82 7.84 14.68
CA THR D 199 -46.22 7.04 13.53
C THR D 199 -45.92 7.78 12.24
N VAL D 200 -46.22 9.08 12.20
CA VAL D 200 -45.96 9.87 11.00
C VAL D 200 -44.46 9.92 10.72
N VAL D 201 -43.66 10.23 11.74
CA VAL D 201 -42.20 10.26 11.57
C VAL D 201 -41.73 8.97 10.91
N LYS D 202 -41.97 7.84 11.58
CA LYS D 202 -41.61 6.54 11.00
C LYS D 202 -42.15 6.42 9.59
N VAL D 203 -43.40 6.84 9.37
CA VAL D 203 -43.92 6.93 8.02
C VAL D 203 -43.02 7.83 7.16
N ALA D 204 -42.70 9.02 7.69
CA ALA D 204 -41.84 9.94 6.96
C ALA D 204 -40.48 9.30 6.68
N ARG D 205 -39.83 8.77 7.72
CA ARG D 205 -38.52 8.16 7.53
C ARG D 205 -38.57 7.04 6.50
N ALA D 206 -39.65 6.27 6.48
CA ALA D 206 -39.78 5.20 5.50
C ALA D 206 -39.87 5.77 4.09
N LEU D 207 -40.59 6.88 3.92
CA LEU D 207 -40.82 7.41 2.57
C LEU D 207 -39.51 7.80 1.89
N ASN D 208 -38.64 8.52 2.61
CA ASN D 208 -37.33 8.83 2.04
C ASN D 208 -36.59 7.56 1.67
N GLN D 209 -36.45 6.63 2.62
CA GLN D 209 -35.79 5.37 2.34
C GLN D 209 -36.33 4.75 1.05
N ILE D 210 -37.64 4.89 0.82
CA ILE D 210 -38.22 4.42 -0.42
C ILE D 210 -37.71 5.24 -1.60
N ALA D 211 -37.83 6.57 -1.51
CA ALA D 211 -37.44 7.42 -2.63
C ALA D 211 -35.98 7.23 -3.01
N THR D 212 -35.10 7.17 -2.00
CA THR D 212 -33.67 7.02 -2.29
C THR D 212 -33.38 5.67 -2.93
N MET D 213 -34.10 4.63 -2.51
CA MET D 213 -33.86 3.30 -3.07
C MET D 213 -34.13 3.28 -4.57
N ALA D 214 -35.08 4.09 -5.04
CA ALA D 214 -35.41 4.15 -6.46
C ALA D 214 -34.84 5.39 -7.15
N GLY D 215 -34.21 6.29 -6.39
CA GLY D 215 -33.56 7.44 -6.98
C GLY D 215 -34.48 8.43 -7.66
N SER D 216 -35.64 8.67 -7.10
CA SER D 216 -36.60 9.62 -7.66
C SER D 216 -36.58 10.91 -6.84
N GLU D 217 -36.19 12.01 -7.46
CA GLU D 217 -36.18 13.29 -6.77
C GLU D 217 -37.60 13.73 -6.40
N GLU D 218 -38.56 13.49 -7.29
CA GLU D 218 -39.94 13.90 -7.03
C GLU D 218 -40.51 13.15 -5.83
N ALA D 219 -40.27 11.84 -5.76
CA ALA D 219 -40.68 11.08 -4.58
C ALA D 219 -40.08 11.68 -3.32
N GLN D 220 -38.84 12.16 -3.40
CA GLN D 220 -38.21 12.80 -2.25
C GLN D 220 -39.02 14.01 -1.79
N GLU D 221 -39.31 14.94 -2.71
CA GLU D 221 -40.01 16.16 -2.32
C GLU D 221 -41.32 15.84 -1.61
N ARG D 222 -42.13 14.96 -2.20
CA ARG D 222 -43.35 14.52 -1.53
C ARG D 222 -43.04 14.07 -0.11
N ALA D 223 -42.04 13.20 0.05
CA ALA D 223 -41.58 12.86 1.39
C ALA D 223 -41.14 14.09 2.16
N ALA D 224 -40.43 15.01 1.50
CA ALA D 224 -40.02 16.24 2.16
C ALA D 224 -41.22 17.02 2.67
N ARG D 225 -42.22 17.21 1.81
CA ARG D 225 -43.44 17.88 2.23
C ARG D 225 -44.07 17.18 3.44
N VAL D 226 -44.05 15.85 3.43
CA VAL D 226 -44.56 15.08 4.57
C VAL D 226 -43.78 15.42 5.82
N ALA D 227 -42.45 15.26 5.76
CA ALA D 227 -41.62 15.35 6.95
C ALA D 227 -41.84 16.65 7.71
N SER D 228 -41.82 17.78 6.99
CA SER D 228 -41.83 19.08 7.66
C SER D 228 -43.09 19.27 8.50
N GLU D 229 -44.24 18.81 8.00
CA GLU D 229 -45.47 18.94 8.79
C GLU D 229 -45.31 18.23 10.13
N ALA D 230 -44.67 17.05 10.14
CA ALA D 230 -44.40 16.35 11.39
C ALA D 230 -43.61 17.24 12.35
N ALA D 231 -42.59 17.94 11.84
CA ALA D 231 -41.81 18.82 12.70
C ALA D 231 -42.72 19.80 13.44
N ARG D 232 -43.62 20.46 12.72
CA ARG D 232 -44.61 21.31 13.36
C ARG D 232 -45.46 20.50 14.34
N LEU D 233 -45.88 19.30 13.94
CA LEU D 233 -46.63 18.44 14.85
C LEU D 233 -45.85 18.20 16.13
N ALA D 234 -44.58 17.79 16.00
CA ALA D 234 -43.73 17.65 17.18
C ALA D 234 -43.76 18.92 18.03
N GLU D 235 -43.64 20.08 17.39
CA GLU D 235 -43.73 21.34 18.12
C GLU D 235 -45.12 21.54 18.70
N ARG D 236 -46.16 21.26 17.92
CA ARG D 236 -47.52 21.34 18.42
C ARG D 236 -47.69 20.45 19.65
N VAL D 237 -47.25 19.20 19.54
CA VAL D 237 -47.21 18.30 20.68
C VAL D 237 -46.45 18.94 21.84
N LEU D 238 -45.22 19.38 21.58
CA LEU D 238 -44.40 19.96 22.63
C LEU D 238 -45.07 21.19 23.23
N GLU D 239 -45.74 22.00 22.41
CA GLU D 239 -46.48 23.14 22.94
C GLU D 239 -47.59 22.67 23.88
N LEU D 240 -48.33 21.63 23.48
CA LEU D 240 -49.32 21.05 24.37
C LEU D 240 -48.66 20.46 25.62
N ALA D 241 -47.57 19.73 25.43
CA ALA D 241 -46.85 19.15 26.58
C ALA D 241 -46.39 20.25 27.54
N GLU D 242 -45.85 21.34 27.00
CA GLU D 242 -45.42 22.45 27.84
C GLU D 242 -46.61 23.16 28.48
N LYS D 243 -47.67 23.39 27.70
CA LYS D 243 -48.86 24.05 28.24
C LYS D 243 -49.51 23.19 29.31
N GLN D 244 -49.68 21.90 29.03
CA GLN D 244 -50.16 20.94 30.03
C GLN D 244 -49.23 20.95 31.25
N ASP D 246 -46.02 18.61 31.34
CA ASP D 246 -45.66 17.20 31.46
C ASP D 246 -44.29 16.97 30.84
N PRO D 247 -43.24 17.32 31.60
CA PRO D 247 -41.87 17.13 31.08
C PRO D 247 -41.60 15.76 30.47
N GLU D 248 -42.03 14.68 31.11
CA GLU D 248 -41.69 13.35 30.63
C GLU D 248 -42.05 13.19 29.15
N VAL D 249 -43.23 13.65 28.76
CA VAL D 249 -43.62 13.60 27.36
C VAL D 249 -42.74 14.51 26.52
N ALA D 250 -42.40 15.69 27.05
CA ALA D 250 -41.65 16.67 26.28
C ALA D 250 -40.35 16.08 25.74
N ARG D 251 -39.60 15.37 26.59
CA ARG D 251 -38.34 14.78 26.15
C ARG D 251 -38.54 13.92 24.91
N ARG D 252 -39.63 13.15 24.88
CA ARG D 252 -39.96 12.41 23.67
C ARG D 252 -40.19 13.35 22.50
N ALA D 253 -40.92 14.44 22.73
CA ALA D 253 -41.13 15.43 21.67
C ALA D 253 -39.80 15.94 21.14
N ARG D 254 -38.85 16.23 22.03
CA ARG D 254 -37.54 16.69 21.60
C ARG D 254 -36.79 15.58 20.85
N GLU D 255 -36.96 14.33 21.29
CA GLU D 255 -36.33 13.22 20.58
C GLU D 255 -36.79 13.16 19.13
N LEU D 256 -38.11 13.21 18.91
CA LEU D 256 -38.63 13.23 17.55
C LEU D 256 -38.11 14.44 16.79
N GLN D 257 -37.94 15.57 17.47
CA GLN D 257 -37.30 16.73 16.86
C GLN D 257 -35.93 16.37 16.32
N GLU D 258 -35.11 15.69 17.13
CA GLU D 258 -33.83 15.19 16.63
C GLU D 258 -34.03 14.24 15.46
N LYS D 259 -34.95 13.28 15.63
CA LYS D 259 -35.18 12.27 14.59
C LYS D 259 -35.38 12.92 13.23
N VAL D 260 -36.26 13.91 13.15
CA VAL D 260 -36.62 14.49 11.86
C VAL D 260 -35.43 15.18 11.22
N LEU D 261 -34.59 15.85 12.02
CA LEU D 261 -33.48 16.59 11.45
C LEU D 261 -32.55 15.68 10.66
N ASP D 262 -32.22 14.51 11.22
CA ASP D 262 -31.59 13.47 10.42
C ASP D 262 -32.44 13.15 9.21
N ILE D 263 -33.75 12.99 9.40
CA ILE D 263 -34.63 12.61 8.31
C ILE D 263 -34.52 13.61 7.18
N LEU D 264 -34.72 14.89 7.48
CA LEU D 264 -34.54 15.93 6.45
C LEU D 264 -33.12 15.91 5.90
N LEU D 265 -32.13 15.88 6.79
CA LEU D 265 -30.73 15.85 6.34
C LEU D 265 -30.51 14.69 5.39
N ASP D 266 -30.96 13.50 5.76
CA ASP D 266 -30.76 12.32 4.92
C ASP D 266 -31.35 12.54 3.54
N ILE D 267 -32.57 13.10 3.46
CA ILE D 267 -33.11 13.49 2.17
C ILE D 267 -32.22 14.53 1.52
N LEU D 268 -31.81 15.54 2.28
CA LEU D 268 -30.96 16.60 1.74
C LEU D 268 -29.70 16.01 1.12
N GLU D 269 -28.95 15.21 1.90
CA GLU D 269 -27.85 14.45 1.34
C GLU D 269 -28.28 13.73 0.07
N GLN D 270 -29.46 13.10 0.10
CA GLN D 270 -29.86 12.25 -1.01
C GLN D 270 -30.08 13.06 -2.28
N ILE D 271 -30.93 14.07 -2.22
CA ILE D 271 -31.17 14.91 -3.39
C ILE D 271 -29.84 15.34 -4.00
N LEU D 272 -28.97 15.92 -3.16
CA LEU D 272 -27.64 16.29 -3.61
C LEU D 272 -26.93 15.10 -4.24
N GLN D 273 -26.86 13.98 -3.51
CA GLN D 273 -26.26 12.77 -4.03
C GLN D 273 -26.72 12.52 -5.46
N THR D 274 -28.03 12.59 -5.70
CA THR D 274 -28.55 12.42 -7.05
C THR D 274 -28.07 13.55 -7.96
N ALA D 275 -28.24 14.80 -7.52
CA ALA D 275 -27.88 15.94 -8.35
C ALA D 275 -26.42 15.90 -8.78
N THR D 276 -25.51 15.78 -7.80
CA THR D 276 -24.09 15.69 -8.13
C THR D 276 -23.85 14.65 -9.21
N LYS D 277 -24.42 13.45 -9.02
CA LYS D 277 -24.31 12.42 -10.05
C LYS D 277 -24.72 12.97 -11.41
N ILE D 278 -25.81 13.75 -11.45
CA ILE D 278 -26.25 14.33 -12.72
C ILE D 278 -25.18 15.27 -13.27
N ILE D 279 -24.63 16.14 -12.42
CA ILE D 279 -23.67 17.13 -12.90
C ILE D 279 -22.49 16.45 -13.58
N ASP D 280 -21.99 15.37 -12.98
CA ASP D 280 -20.87 14.64 -13.57
C ASP D 280 -21.17 14.24 -15.01
N ASP D 281 -22.37 13.74 -15.27
CA ASP D 281 -22.72 13.30 -16.61
C ASP D 281 -22.94 14.46 -17.56
N ALA D 282 -23.48 15.57 -17.06
CA ALA D 282 -23.69 16.74 -17.91
C ALA D 282 -22.39 17.25 -18.50
N ASN D 283 -21.27 17.01 -17.82
CA ASN D 283 -19.98 17.55 -18.23
C ASN D 283 -19.11 16.53 -18.95
N LYS D 284 -19.13 15.27 -18.51
CA LYS D 284 -18.63 14.19 -19.37
C LYS D 284 -19.25 14.30 -20.75
N LEU D 285 -20.53 14.70 -20.81
CA LEU D 285 -21.18 14.93 -22.09
C LEU D 285 -20.70 16.21 -22.74
N LEU D 286 -20.56 17.28 -21.95
CA LEU D 286 -20.18 18.57 -22.54
C LEU D 286 -18.83 18.46 -23.24
N GLU D 287 -17.83 17.93 -22.54
CA GLU D 287 -16.52 17.76 -23.14
C GLU D 287 -16.61 17.04 -24.48
N LYS D 288 -17.45 16.00 -24.55
CA LYS D 288 -17.69 15.34 -25.83
C LYS D 288 -18.37 16.27 -26.81
N LEU D 289 -19.37 17.02 -26.35
CA LEU D 289 -20.04 17.98 -27.22
C LEU D 289 -19.06 18.98 -27.80
N ARG D 290 -18.18 19.53 -26.94
CA ARG D 290 -17.17 20.46 -27.42
C ARG D 290 -16.18 19.77 -28.34
N ARG D 291 -15.69 18.60 -27.93
CA ARG D 291 -14.68 17.91 -28.73
C ARG D 291 -15.23 17.42 -30.06
N SER D 292 -16.49 17.02 -30.09
CA SER D 292 -17.07 16.45 -31.31
C SER D 292 -17.03 17.46 -32.44
N GLU D 293 -16.77 16.95 -33.66
CA GLU D 293 -16.73 17.82 -34.83
C GLU D 293 -18.09 18.46 -35.08
N ARG D 294 -19.15 17.67 -35.11
CA ARG D 294 -20.50 18.15 -35.31
C ARG D 294 -21.34 17.92 -34.06
N LYS D 295 -22.35 18.77 -33.87
CA LYS D 295 -23.17 18.75 -32.67
C LYS D 295 -24.53 18.14 -32.99
N ASP D 296 -24.89 17.09 -32.26
CA ASP D 296 -26.19 16.45 -32.44
C ASP D 296 -27.23 17.18 -31.60
N PRO D 297 -28.27 17.76 -32.20
CA PRO D 297 -29.30 18.41 -31.38
C PRO D 297 -29.94 17.48 -30.35
N LYS D 298 -30.06 16.18 -30.63
CA LYS D 298 -30.64 15.27 -29.64
C LYS D 298 -29.78 15.20 -28.40
N VAL D 299 -28.46 15.08 -28.57
CA VAL D 299 -27.56 15.08 -27.42
C VAL D 299 -27.60 16.44 -26.73
N VAL D 300 -27.42 17.51 -27.49
CA VAL D 300 -27.58 18.85 -26.92
C VAL D 300 -28.97 18.99 -26.29
N GLU D 301 -30.00 18.50 -26.99
CA GLU D 301 -31.34 18.46 -26.40
C GLU D 301 -31.32 17.71 -25.07
N THR D 302 -30.71 16.52 -25.06
CA THR D 302 -30.48 15.82 -23.80
C THR D 302 -29.71 16.70 -22.83
N TYR D 303 -28.60 17.28 -23.28
CA TYR D 303 -27.74 18.06 -22.41
C TYR D 303 -28.51 19.16 -21.69
N VAL D 304 -29.30 19.92 -22.44
CA VAL D 304 -30.03 21.04 -21.84
C VAL D 304 -30.96 20.54 -20.74
N GLU D 305 -31.79 19.54 -21.04
CA GLU D 305 -32.72 19.04 -20.04
C GLU D 305 -32.00 18.54 -18.80
N LEU D 306 -30.79 17.96 -18.97
CA LEU D 306 -30.02 17.56 -17.81
C LEU D 306 -29.69 18.75 -16.92
N LEU D 307 -29.20 19.84 -17.53
CA LEU D 307 -29.00 21.07 -16.78
C LEU D 307 -30.31 21.57 -16.19
N LYS D 308 -31.41 21.49 -16.96
CA LYS D 308 -32.69 21.96 -16.47
C LYS D 308 -33.16 21.16 -15.26
N ARG D 309 -32.95 19.84 -15.29
CA ARG D 309 -33.28 19.02 -14.12
C ARG D 309 -32.52 19.51 -12.89
N HIS D 310 -31.21 19.75 -13.05
CA HIS D 310 -30.39 20.20 -11.93
C HIS D 310 -30.97 21.46 -11.31
N GLU D 311 -31.33 22.44 -12.14
CA GLU D 311 -31.95 23.66 -11.63
C GLU D 311 -33.17 23.33 -10.78
N ARG D 312 -34.00 22.39 -11.23
CA ARG D 312 -35.15 21.97 -10.44
C ARG D 312 -34.70 21.29 -9.15
N LEU D 313 -33.68 20.43 -9.24
CA LEU D 313 -33.21 19.72 -8.05
C LEU D 313 -32.64 20.68 -7.02
N VAL D 314 -31.84 21.67 -7.47
CA VAL D 314 -31.34 22.68 -6.54
C VAL D 314 -32.50 23.35 -5.82
N LYS D 315 -33.59 23.62 -6.54
CA LYS D 315 -34.79 24.16 -5.90
C LYS D 315 -35.31 23.23 -4.83
N GLN D 316 -35.36 21.92 -5.12
CA GLN D 316 -35.77 20.95 -4.11
C GLN D 316 -34.92 21.08 -2.86
N LEU D 317 -33.60 21.03 -3.02
CA LEU D 317 -32.71 21.16 -1.87
C LEU D 317 -32.96 22.46 -1.12
N LEU D 318 -33.05 23.58 -1.83
CA LEU D 318 -33.31 24.85 -1.19
C LEU D 318 -34.61 24.81 -0.40
N GLU D 319 -35.72 24.52 -1.08
CA GLU D 319 -37.02 24.48 -0.42
C GLU D 319 -36.96 23.61 0.83
N ILE D 320 -36.36 22.42 0.71
CA ILE D 320 -36.21 21.54 1.86
C ILE D 320 -35.37 22.21 2.94
N ALA D 321 -34.18 22.68 2.58
CA ALA D 321 -33.32 23.37 3.55
C ALA D 321 -34.09 24.45 4.28
N LYS D 322 -34.85 25.27 3.54
CA LYS D 322 -35.73 26.24 4.18
C LYS D 322 -36.76 25.53 5.06
N ALA D 323 -37.37 24.46 4.53
CA ALA D 323 -38.27 23.65 5.35
C ALA D 323 -37.53 23.06 6.54
N HIS D 324 -36.29 22.61 6.32
CA HIS D 324 -35.46 22.16 7.43
C HIS D 324 -35.23 23.27 8.44
N ALA D 325 -34.93 24.49 7.95
CA ALA D 325 -34.65 25.60 8.84
C ALA D 325 -35.83 25.85 9.78
N GLU D 326 -37.01 26.11 9.21
CA GLU D 326 -38.19 26.36 10.03
C GLU D 326 -38.38 25.26 11.06
N ALA D 327 -38.14 24.01 10.67
CA ALA D 327 -38.18 22.91 11.62
C ALA D 327 -37.21 23.15 12.77
N VAL D 328 -35.96 23.45 12.44
CA VAL D 328 -34.98 23.81 13.47
C VAL D 328 -35.48 25.00 14.28
N GLU D 329 -35.84 26.08 13.59
CA GLU D 329 -36.26 27.29 14.27
C GLU D 329 -37.37 27.02 15.28
N GLY D 330 -38.27 26.10 14.94
CA GLY D 330 -39.37 25.75 15.82
C GLY D 330 -38.90 25.23 17.16
N GLY D 331 -38.17 24.11 17.15
CA GLY D 331 -37.75 23.49 18.40
C GLY D 331 -37.08 24.46 19.35
N SER D 332 -36.16 25.28 18.83
CA SER D 332 -35.43 26.22 19.68
C SER D 332 -36.37 27.21 20.34
N LEU D 333 -37.16 27.92 19.53
CA LEU D 333 -37.98 29.03 20.02
C LEU D 333 -38.81 28.64 21.24
N ASP E 3 -25.84 6.72 16.16
CA ASP E 3 -26.80 7.37 15.22
C ASP E 3 -26.63 8.90 15.23
N ARG E 4 -26.58 9.49 16.42
CA ARG E 4 -26.34 10.93 16.50
C ARG E 4 -24.93 11.27 16.05
N SER E 5 -23.93 10.54 16.55
CA SER E 5 -22.55 10.77 16.14
C SER E 5 -22.39 10.56 14.64
N ASP E 6 -23.00 9.49 14.11
CA ASP E 6 -23.02 9.30 12.66
C ASP E 6 -23.71 10.48 11.98
N HIS E 7 -24.86 10.88 12.51
CA HIS E 7 -25.54 12.06 11.99
C HIS E 7 -24.66 13.29 12.07
N ALA E 8 -23.99 13.49 13.22
CA ALA E 8 -23.09 14.61 13.38
C ALA E 8 -22.06 14.65 12.26
N LYS E 9 -21.57 13.48 11.85
CA LYS E 9 -20.67 13.41 10.71
C LYS E 9 -21.40 13.83 9.43
N LYS E 10 -22.66 13.41 9.28
CA LYS E 10 -23.41 13.76 8.08
C LYS E 10 -23.49 15.27 7.91
N LEU E 11 -23.75 16.01 9.00
CA LEU E 11 -23.74 17.46 8.94
C LEU E 11 -22.42 17.97 8.39
N LYS E 12 -21.31 17.64 9.08
CA LYS E 12 -19.99 18.02 8.58
C LYS E 12 -19.76 17.49 7.17
N THR E 13 -19.99 16.19 6.97
CA THR E 13 -19.87 15.61 5.63
C THR E 13 -20.72 16.37 4.62
N PHE E 14 -22.00 16.57 4.94
CA PHE E 14 -22.88 17.32 4.05
C PHE E 14 -22.27 18.67 3.69
N LEU E 15 -21.90 19.46 4.70
CA LEU E 15 -21.39 20.80 4.44
C LEU E 15 -20.24 20.78 3.45
N GLU E 16 -19.31 19.84 3.60
CA GLU E 16 -18.23 19.72 2.64
C GLU E 16 -18.76 19.28 1.28
N ASN E 17 -19.73 18.36 1.26
CA ASN E 17 -20.24 17.86 -0.02
C ASN E 17 -20.82 18.98 -0.86
N LEU E 18 -21.47 19.96 -0.24
CA LEU E 18 -21.92 21.13 -0.97
C LEU E 18 -20.72 21.90 -1.53
N ARG E 19 -19.74 22.18 -0.68
CA ARG E 19 -18.53 22.87 -1.13
C ARG E 19 -17.87 22.10 -2.26
N ARG E 20 -17.90 20.76 -2.20
CA ARG E 20 -17.33 19.95 -3.28
C ARG E 20 -18.22 20.02 -4.52
N HIS E 21 -19.54 19.90 -4.34
CA HIS E 21 -20.46 20.11 -5.45
C HIS E 21 -20.28 21.50 -6.04
N LEU E 22 -20.40 22.53 -5.19
CA LEU E 22 -20.24 23.91 -5.65
C LEU E 22 -18.98 24.06 -6.49
N ASP E 23 -17.86 23.52 -6.01
CA ASP E 23 -16.65 23.50 -6.81
C ASP E 23 -16.87 22.75 -8.11
N ARG E 24 -17.53 21.58 -8.04
CA ARG E 24 -17.85 20.85 -9.26
C ARG E 24 -18.60 21.74 -10.25
N LEU E 25 -19.57 22.51 -9.75
CA LEU E 25 -20.29 23.43 -10.62
C LEU E 25 -19.36 24.51 -11.17
N ASP E 26 -18.51 25.08 -10.32
CA ASP E 26 -17.57 26.09 -10.79
C ASP E 26 -16.66 25.53 -11.87
N LYS E 27 -16.14 24.32 -11.65
CA LYS E 27 -15.31 23.68 -12.66
C LYS E 27 -16.07 23.52 -13.97
N HIS E 28 -17.37 23.25 -13.90
CA HIS E 28 -18.18 23.16 -15.11
C HIS E 28 -18.16 24.48 -15.87
N ILE E 29 -18.44 25.58 -15.17
CA ILE E 29 -18.45 26.90 -15.80
C ILE E 29 -17.16 27.11 -16.58
N LYS E 30 -16.04 26.62 -16.05
CA LYS E 30 -14.74 26.80 -16.69
C LYS E 30 -14.77 26.31 -18.14
N GLN E 31 -15.14 25.04 -18.34
CA GLN E 31 -15.25 24.51 -19.70
C GLN E 31 -16.11 25.41 -20.57
N LEU E 32 -17.22 25.90 -20.02
CA LEU E 32 -18.01 26.92 -20.71
C LEU E 32 -17.19 28.17 -20.93
N ARG E 33 -16.60 28.71 -19.86
CA ARG E 33 -15.82 29.93 -19.97
C ARG E 33 -14.64 29.74 -20.93
N ASP E 34 -14.06 28.54 -20.98
CA ASP E 34 -13.10 28.23 -22.02
C ASP E 34 -13.76 28.23 -23.39
N ILE E 35 -14.92 27.58 -23.49
CA ILE E 35 -15.59 27.45 -24.78
C ILE E 35 -16.16 28.79 -25.24
N LEU E 36 -16.62 29.63 -24.31
CA LEU E 36 -17.15 30.93 -24.73
C LEU E 36 -16.07 31.79 -25.36
N SER E 37 -14.87 31.81 -24.76
CA SER E 37 -13.79 32.61 -25.33
C SER E 37 -13.54 32.24 -26.78
N GLU E 38 -13.83 30.99 -27.17
CA GLU E 38 -13.71 30.61 -28.57
C GLU E 38 -14.77 31.29 -29.43
N ASN E 39 -15.97 31.51 -28.88
CA ASN E 39 -17.09 32.03 -29.64
C ASN E 39 -17.81 33.10 -28.84
N PRO E 40 -17.18 34.27 -28.67
CA PRO E 40 -17.89 35.39 -28.02
C PRO E 40 -19.23 35.71 -28.63
N GLU E 41 -19.41 35.47 -29.94
CA GLU E 41 -20.66 35.78 -30.62
C GLU E 41 -21.73 34.70 -30.43
N ASP E 42 -21.40 33.59 -29.78
CA ASP E 42 -22.36 32.52 -29.57
C ASP E 42 -23.13 32.80 -28.28
N GLU E 43 -24.35 33.32 -28.41
CA GLU E 43 -25.15 33.64 -27.24
C GLU E 43 -25.74 32.40 -26.59
N ARG E 44 -26.05 31.37 -27.39
CA ARG E 44 -26.59 30.14 -26.82
C ARG E 44 -25.71 29.64 -25.68
N VAL E 45 -24.40 29.58 -25.91
CA VAL E 45 -23.47 29.28 -24.82
C VAL E 45 -23.63 30.28 -23.70
N LYS E 46 -23.58 31.58 -24.02
CA LYS E 46 -23.67 32.62 -23.00
C LYS E 46 -24.88 32.42 -22.10
N ASP E 47 -26.04 32.15 -22.71
CA ASP E 47 -27.24 31.95 -21.91
C ASP E 47 -27.09 30.77 -20.97
N VAL E 48 -26.54 29.66 -21.45
CA VAL E 48 -26.38 28.47 -20.62
C VAL E 48 -25.54 28.79 -19.39
N ILE E 49 -24.39 29.45 -19.60
CA ILE E 49 -23.54 29.85 -18.48
C ILE E 49 -24.38 30.53 -17.41
N ASP E 50 -25.12 31.57 -17.82
CA ASP E 50 -25.91 32.33 -16.86
C ASP E 50 -26.96 31.45 -16.19
N LEU E 51 -27.45 30.42 -16.87
CA LEU E 51 -28.29 29.44 -16.23
C LEU E 51 -27.52 28.71 -15.13
N SER E 52 -26.29 28.30 -15.44
CA SER E 52 -25.47 27.62 -14.45
C SER E 52 -25.15 28.56 -13.28
N GLU E 53 -24.81 29.81 -13.58
CA GLU E 53 -24.49 30.76 -12.51
C GLU E 53 -25.71 31.04 -11.64
N ARG E 54 -26.91 31.08 -12.24
CA ARG E 54 -28.13 31.08 -11.44
C ARG E 54 -28.11 29.92 -10.45
N SER E 55 -27.94 28.70 -10.97
CA SER E 55 -27.93 27.51 -10.13
C SER E 55 -26.92 27.65 -8.99
N VAL E 56 -25.69 28.08 -9.31
CA VAL E 56 -24.69 28.28 -8.27
C VAL E 56 -25.19 29.30 -7.25
N ARG E 57 -25.70 30.44 -7.72
CA ARG E 57 -26.18 31.48 -6.82
C ARG E 57 -27.13 30.90 -5.79
N ILE E 58 -28.09 30.09 -6.24
CA ILE E 58 -29.01 29.44 -5.31
C ILE E 58 -28.23 28.57 -4.33
N VAL E 59 -27.35 27.71 -4.86
CA VAL E 59 -26.60 26.78 -4.01
C VAL E 59 -25.95 27.53 -2.86
N LYS E 60 -25.15 28.56 -3.20
CA LYS E 60 -24.53 29.38 -2.17
C LYS E 60 -25.53 29.78 -1.11
N THR E 61 -26.72 30.22 -1.53
CA THR E 61 -27.74 30.64 -0.58
C THR E 61 -28.15 29.49 0.33
N VAL E 62 -28.32 28.29 -0.25
CA VAL E 62 -28.62 27.11 0.57
C VAL E 62 -27.60 26.98 1.69
N ILE E 63 -26.31 27.00 1.34
CA ILE E 63 -25.25 26.89 2.33
C ILE E 63 -25.48 27.87 3.47
N LYS E 64 -25.58 29.16 3.14
CA LYS E 64 -25.78 30.17 4.15
C LYS E 64 -26.96 29.82 5.06
N ILE E 65 -28.09 29.44 4.44
CA ILE E 65 -29.22 28.96 5.23
C ILE E 65 -28.78 27.83 6.15
N PHE E 66 -28.19 26.79 5.57
CA PHE E 66 -27.86 25.60 6.35
C PHE E 66 -26.83 25.92 7.43
N GLU E 67 -25.75 26.62 7.06
CA GLU E 67 -24.75 27.00 8.05
C GLU E 67 -25.37 27.78 9.20
N ASP E 68 -26.23 28.74 8.89
CA ASP E 68 -26.94 29.48 9.94
C ASP E 68 -27.94 28.57 10.64
N SER E 69 -28.59 27.67 9.89
CA SER E 69 -29.46 26.67 10.51
C SER E 69 -28.67 25.81 11.50
N VAL E 70 -27.51 25.30 11.06
CA VAL E 70 -26.70 24.46 11.95
C VAL E 70 -26.33 25.22 13.21
N ARG E 71 -25.96 26.50 13.07
CA ARG E 71 -25.61 27.27 14.26
C ARG E 71 -26.78 27.37 15.22
N LYS E 72 -27.99 27.61 14.70
CA LYS E 72 -29.17 27.62 15.56
C LYS E 72 -29.26 26.35 16.37
N LEU E 73 -29.11 25.19 15.71
CA LEU E 73 -29.14 23.92 16.41
C LEU E 73 -28.07 23.86 17.50
N LEU E 74 -26.87 24.35 17.20
CA LEU E 74 -25.78 24.29 18.16
C LEU E 74 -26.07 25.19 19.36
N LYS E 75 -26.63 26.37 19.11
CA LYS E 75 -26.97 27.27 20.21
C LYS E 75 -27.88 26.58 21.22
N GLN E 76 -28.95 25.95 20.73
CA GLN E 76 -29.88 25.27 21.63
C GLN E 76 -29.16 24.22 22.47
N ILE E 77 -28.26 23.45 21.86
CA ILE E 77 -27.58 22.39 22.60
C ILE E 77 -26.83 22.97 23.78
N ASN E 78 -26.16 24.10 23.59
CA ASN E 78 -25.54 24.80 24.72
C ASN E 78 -26.58 25.05 25.81
N LYS E 79 -27.78 25.48 25.42
CA LYS E 79 -28.85 25.70 26.39
C LYS E 79 -29.17 24.42 27.15
N GLU E 80 -29.37 23.32 26.42
CA GLU E 80 -29.62 22.05 27.09
C GLU E 80 -28.42 21.64 27.94
N ALA E 81 -27.21 21.84 27.42
CA ALA E 81 -26.02 21.49 28.19
C ALA E 81 -25.93 22.30 29.48
N GLU E 82 -26.16 23.61 29.39
CA GLU E 82 -26.03 24.46 30.57
C GLU E 82 -27.01 24.06 31.65
N GLU E 83 -28.29 23.91 31.30
CA GLU E 83 -29.29 23.49 32.27
C GLU E 83 -28.85 22.23 32.99
N LEU E 84 -28.48 21.20 32.21
CA LEU E 84 -28.00 19.96 32.80
C LEU E 84 -26.78 20.22 33.69
N ALA E 85 -26.01 21.26 33.39
CA ALA E 85 -24.79 21.53 34.16
C ALA E 85 -25.10 21.76 35.63
N LYS E 86 -26.21 22.42 35.94
CA LYS E 86 -26.45 22.87 37.31
C LYS E 86 -27.09 21.78 38.17
N SER E 87 -27.87 20.89 37.59
CA SER E 87 -28.41 19.77 38.35
C SER E 87 -27.25 18.89 38.85
N PRO E 88 -27.32 18.37 40.07
CA PRO E 88 -26.21 17.60 40.62
C PRO E 88 -26.21 16.12 40.24
N ASP E 89 -27.15 15.66 39.42
CA ASP E 89 -27.19 14.25 39.05
C ASP E 89 -26.03 13.92 38.12
N PRO E 90 -25.27 12.84 38.38
CA PRO E 90 -24.06 12.61 37.57
C PRO E 90 -24.36 12.29 36.12
N GLU E 91 -25.37 11.46 35.86
CA GLU E 91 -25.72 11.14 34.48
C GLU E 91 -26.06 12.41 33.70
N ASP E 92 -26.74 13.36 34.36
CA ASP E 92 -27.03 14.64 33.71
C ASP E 92 -25.74 15.42 33.47
N LEU E 93 -24.89 15.54 34.49
CA LEU E 93 -23.60 16.18 34.30
C LEU E 93 -22.77 15.43 33.25
N LYS E 94 -22.70 14.10 33.37
CA LYS E 94 -22.08 13.30 32.32
C LYS E 94 -22.76 13.58 30.98
N ARG E 95 -24.08 13.73 30.98
CA ARG E 95 -24.79 14.04 29.75
C ARG E 95 -24.49 15.46 29.27
N ALA E 96 -24.41 16.41 30.20
CA ALA E 96 -24.08 17.78 29.84
C ALA E 96 -22.73 17.86 29.15
N VAL E 97 -21.76 17.08 29.63
CA VAL E 97 -20.41 17.11 29.07
C VAL E 97 -20.45 16.74 27.59
N GLU E 98 -21.02 15.57 27.28
CA GLU E 98 -21.02 15.09 25.91
C GLU E 98 -21.49 16.16 24.93
N LEU E 99 -22.59 16.84 25.26
CA LEU E 99 -23.10 17.88 24.37
C LEU E 99 -22.09 19.01 24.19
N ALA E 100 -21.61 19.56 25.30
CA ALA E 100 -20.55 20.57 25.22
C ALA E 100 -19.38 20.04 24.41
N GLU E 101 -18.91 18.82 24.74
CA GLU E 101 -17.91 18.16 23.91
C GLU E 101 -18.40 18.06 22.46
N ALA E 102 -19.66 17.70 22.27
CA ALA E 102 -20.19 17.50 20.93
C ALA E 102 -20.08 18.79 20.11
N VAL E 103 -20.51 19.91 20.67
CA VAL E 103 -20.53 21.17 19.94
C VAL E 103 -19.14 21.49 19.40
N VAL E 104 -18.11 21.34 20.24
CA VAL E 104 -16.75 21.65 19.80
C VAL E 104 -16.44 20.89 18.52
N ARG E 105 -16.80 19.61 18.47
CA ARG E 105 -16.46 18.79 17.31
C ARG E 105 -17.06 19.36 16.03
N ALA E 106 -18.35 19.73 16.08
CA ALA E 106 -19.02 20.21 14.88
C ALA E 106 -18.43 21.54 14.41
N ASP E 107 -18.23 22.47 15.34
CA ASP E 107 -17.79 23.82 15.00
C ASP E 107 -16.70 24.26 15.98
N PRO E 108 -15.48 23.74 15.83
CA PRO E 108 -14.38 24.23 16.66
C PRO E 108 -14.10 25.70 16.39
N GLY E 109 -13.90 26.46 17.47
CA GLY E 109 -13.34 27.79 17.38
C GLY E 109 -14.32 28.94 17.31
N SER E 110 -15.61 28.68 17.15
CA SER E 110 -16.55 29.79 17.10
C SER E 110 -16.77 30.35 18.51
N ASN E 111 -17.35 31.56 18.55
CA ASN E 111 -17.81 32.10 19.83
C ASN E 111 -18.60 31.06 20.59
N LEU E 112 -19.52 30.37 19.90
CA LEU E 112 -20.32 29.34 20.55
C LEU E 112 -19.43 28.26 21.15
N SER E 113 -18.41 27.83 20.41
CA SER E 113 -17.53 26.76 20.89
C SER E 113 -16.97 27.11 22.26
N LYS E 114 -16.42 28.32 22.40
CA LYS E 114 -15.84 28.74 23.68
C LYS E 114 -16.89 28.67 24.78
N LYS E 115 -18.06 29.27 24.55
CA LYS E 115 -19.13 29.21 25.54
C LYS E 115 -19.43 27.77 25.93
N ALA E 116 -19.68 26.91 24.95
CA ALA E 116 -19.80 25.49 25.23
C ALA E 116 -18.60 25.01 26.06
N LEU E 117 -17.39 25.34 25.60
CA LEU E 117 -16.20 25.06 26.39
C LEU E 117 -16.35 25.60 27.81
N GLU E 118 -16.74 26.86 27.93
CA GLU E 118 -16.97 27.45 29.26
C GLU E 118 -17.94 26.58 30.06
N ILE E 119 -19.05 26.17 29.44
CA ILE E 119 -20.02 25.32 30.12
C ILE E 119 -19.35 24.08 30.68
N ILE E 120 -18.43 23.48 29.92
CA ILE E 120 -17.82 22.21 30.33
C ILE E 120 -17.29 22.31 31.75
N LEU E 121 -16.47 23.32 32.02
CA LEU E 121 -15.81 23.42 33.32
C LEU E 121 -16.81 23.36 34.47
N ARG E 122 -18.00 23.94 34.26
CA ARG E 122 -18.98 24.00 35.35
C ARG E 122 -19.44 22.60 35.75
N ALA E 123 -19.76 21.76 34.78
CA ALA E 123 -20.02 20.36 35.09
C ALA E 123 -18.83 19.73 35.79
N ALA E 124 -17.62 20.01 35.30
CA ALA E 124 -16.42 19.42 35.89
C ALA E 124 -16.32 19.75 37.37
N ALA E 125 -16.61 21.00 37.76
CA ALA E 125 -16.54 21.39 39.16
C ALA E 125 -17.49 20.55 40.00
N GLU E 126 -18.77 20.53 39.62
CA GLU E 126 -19.75 19.74 40.35
C GLU E 126 -19.37 18.26 40.36
N LEU E 127 -18.70 17.79 39.31
CA LEU E 127 -18.24 16.41 39.24
C LEU E 127 -16.96 16.21 40.05
N ALA E 128 -16.05 17.18 40.02
CA ALA E 128 -14.87 17.09 40.87
C ALA E 128 -15.26 16.94 42.33
N LYS E 129 -16.36 17.58 42.74
CA LYS E 129 -16.84 17.46 44.11
C LYS E 129 -17.33 16.05 44.40
N LEU E 130 -17.99 15.41 43.43
CA LEU E 130 -18.61 14.11 43.66
C LEU E 130 -17.56 13.11 44.15
N PRO E 131 -17.99 12.07 44.86
CA PRO E 131 -17.03 11.18 45.54
C PRO E 131 -16.43 10.11 44.65
N ASP E 132 -17.25 9.55 43.75
CA ASP E 132 -16.84 8.38 43.00
C ASP E 132 -15.55 8.66 42.22
N PRO E 133 -14.56 7.77 42.26
CA PRO E 133 -13.28 8.08 41.60
C PRO E 133 -13.38 8.09 40.09
N ASP E 134 -13.97 7.05 39.50
CA ASP E 134 -14.10 7.02 38.05
C ASP E 134 -14.89 8.22 37.55
N ALA E 135 -15.84 8.72 38.35
CA ALA E 135 -16.49 9.98 38.03
C ALA E 135 -15.47 11.12 38.03
N LEU E 136 -14.64 11.18 39.08
CA LEU E 136 -13.53 12.13 39.08
C LEU E 136 -12.64 11.92 37.87
N ALA E 137 -12.33 10.67 37.54
CA ALA E 137 -11.58 10.38 36.33
C ALA E 137 -12.28 10.96 35.11
N ALA E 138 -13.57 10.66 34.95
CA ALA E 138 -14.35 11.28 33.89
C ALA E 138 -14.36 12.79 34.04
N ALA E 139 -14.54 13.29 35.26
CA ALA E 139 -14.47 14.72 35.50
C ALA E 139 -13.13 15.28 35.02
N ALA E 140 -12.03 14.58 35.35
CA ALA E 140 -10.72 14.98 34.86
C ALA E 140 -10.67 14.89 33.33
N ARG E 141 -11.18 13.80 32.76
CA ARG E 141 -11.21 13.66 31.31
C ARG E 141 -11.73 14.94 30.66
N ALA E 142 -12.91 15.40 31.08
CA ALA E 142 -13.49 16.61 30.52
C ALA E 142 -12.53 17.79 30.67
N ALA E 143 -12.12 18.08 31.91
CA ALA E 143 -11.20 19.19 32.15
C ALA E 143 -9.94 19.05 31.31
N SER E 144 -9.39 17.83 31.22
CA SER E 144 -8.22 17.60 30.38
C SER E 144 -8.53 17.97 28.94
N LYS E 145 -9.57 17.36 28.36
CA LYS E 145 -9.96 17.69 26.99
C LYS E 145 -10.10 19.19 26.80
N VAL E 146 -10.63 19.88 27.80
CA VAL E 146 -10.66 21.34 27.77
C VAL E 146 -9.24 21.89 27.79
N GLN E 147 -8.45 21.50 28.79
CA GLN E 147 -7.09 22.02 28.91
C GLN E 147 -6.34 21.88 27.60
N GLN E 148 -6.44 20.72 26.97
CA GLN E 148 -5.78 20.51 25.68
C GLN E 148 -6.29 21.47 24.63
N GLU E 149 -7.54 21.90 24.73
CA GLU E 149 -8.15 22.71 23.68
C GLU E 149 -7.67 24.15 23.71
N GLN E 150 -7.28 24.67 24.86
CA GLN E 150 -6.87 26.07 24.99
C GLN E 150 -5.91 26.22 26.15
N PRO E 151 -4.69 25.71 26.02
CA PRO E 151 -3.70 25.90 27.08
C PRO E 151 -3.23 27.35 27.13
N GLY E 152 -2.88 27.78 28.34
CA GLY E 152 -2.37 29.12 28.55
C GLY E 152 -3.44 30.17 28.79
N SER E 153 -4.67 29.94 28.35
CA SER E 153 -5.74 30.87 28.65
C SER E 153 -6.12 30.74 30.13
N ASN E 154 -6.92 31.71 30.61
CA ASN E 154 -7.43 31.63 31.96
C ASN E 154 -8.16 30.31 32.19
N LEU E 155 -8.75 29.74 31.13
CA LEU E 155 -9.53 28.52 31.27
C LEU E 155 -8.67 27.37 31.79
N ALA E 156 -7.51 27.13 31.16
CA ALA E 156 -6.71 25.97 31.51
C ALA E 156 -6.41 25.93 33.01
N LYS E 157 -6.10 27.08 33.60
CA LYS E 157 -5.85 27.13 35.03
C LYS E 157 -7.06 26.65 35.81
N ALA E 158 -8.26 27.06 35.39
CA ALA E 158 -9.47 26.58 36.05
C ALA E 158 -9.62 25.08 35.86
N ALA E 159 -9.40 24.59 34.64
CA ALA E 159 -9.31 23.14 34.42
C ALA E 159 -8.26 22.54 35.34
N GLN E 160 -7.00 22.99 35.17
CA GLN E 160 -5.91 22.48 36.00
C GLN E 160 -6.27 22.57 37.48
N GLU E 161 -6.81 23.70 37.91
CA GLU E 161 -7.26 23.83 39.30
C GLU E 161 -8.30 22.76 39.63
N ILE E 162 -9.30 22.60 38.75
CA ILE E 162 -10.24 21.49 38.91
C ILE E 162 -9.49 20.16 38.94
N MET E 163 -8.56 19.97 37.99
CA MET E 163 -7.77 18.74 37.99
C MET E 163 -7.08 18.54 39.32
N ARG E 164 -6.40 19.58 39.83
CA ARG E 164 -5.80 19.50 41.14
C ARG E 164 -6.85 19.26 42.22
N GLN E 165 -7.92 20.06 42.20
CA GLN E 165 -9.01 19.86 43.16
C GLN E 165 -9.62 18.47 42.99
N ALA E 166 -9.94 18.10 41.75
CA ALA E 166 -10.43 16.75 41.48
C ALA E 166 -9.44 15.71 41.98
N SER E 167 -8.15 15.94 41.78
CA SER E 167 -7.15 15.01 42.29
C SER E 167 -7.14 15.01 43.81
N ARG E 168 -7.24 16.17 44.44
CA ARG E 168 -7.29 16.25 45.90
C ARG E 168 -8.39 15.35 46.44
N ALA E 169 -9.62 15.55 45.96
CA ALA E 169 -10.74 14.72 46.40
C ALA E 169 -10.41 13.24 46.25
N ALA E 170 -9.88 12.86 45.08
CA ALA E 170 -9.40 11.50 44.90
C ALA E 170 -8.36 11.15 45.96
N GLU E 171 -7.39 12.04 46.16
CA GLU E 171 -6.42 11.85 47.24
C GLU E 171 -7.14 11.73 48.58
N GLU E 172 -8.12 12.60 48.83
CA GLU E 172 -8.88 12.53 50.08
C GLU E 172 -9.64 11.22 50.19
N ALA E 173 -10.24 10.77 49.09
CA ALA E 173 -11.10 9.59 49.13
C ALA E 173 -10.42 8.42 49.81
N ALA E 174 -9.14 8.18 49.48
CA ALA E 174 -8.41 7.07 50.09
C ALA E 174 -8.43 7.16 51.61
N ARG E 175 -8.20 8.36 52.15
CA ARG E 175 -8.15 8.52 53.60
C ARG E 175 -9.38 7.93 54.27
N ARG E 176 -10.57 8.35 53.84
CA ARG E 176 -11.80 7.85 54.45
C ARG E 176 -11.95 6.35 54.21
N ALA E 177 -11.70 5.89 52.98
CA ALA E 177 -11.74 4.45 52.73
C ALA E 177 -10.68 3.72 53.52
N LYS E 178 -9.51 4.35 53.70
CA LYS E 178 -8.45 3.73 54.50
C LYS E 178 -8.91 3.50 55.93
N GLU E 179 -9.48 4.53 56.56
CA GLU E 179 -10.00 4.38 57.90
C GLU E 179 -11.03 3.25 57.98
N THR E 180 -11.87 3.12 56.95
CA THR E 180 -12.85 2.03 56.93
C THR E 180 -12.15 0.68 56.91
N LEU E 181 -11.11 0.55 56.09
CA LEU E 181 -10.36 -0.71 56.06
C LEU E 181 -9.79 -1.04 57.42
N GLU E 182 -9.39 -0.02 58.19
CA GLU E 182 -8.87 -0.27 59.54
C GLU E 182 -9.97 -0.80 60.45
N LYS E 183 -11.13 -0.16 60.44
CA LYS E 183 -12.25 -0.62 61.25
C LYS E 183 -12.64 -2.05 60.88
N ALA E 184 -12.75 -2.32 59.58
CA ALA E 184 -13.02 -3.68 59.14
C ALA E 184 -11.83 -4.60 59.42
N GLU E 185 -10.61 -4.06 59.39
CA GLU E 185 -9.44 -4.86 59.72
C GLU E 185 -9.54 -5.38 61.15
N LYS E 186 -9.91 -4.51 62.09
CA LYS E 186 -10.18 -4.96 63.46
C LYS E 186 -11.32 -5.97 63.47
N ASP E 187 -12.38 -5.71 62.72
CA ASP E 187 -13.53 -6.61 62.66
C ASP E 187 -13.48 -7.45 61.41
N PRO E 190 -14.87 -8.82 56.51
CA PRO E 190 -14.07 -9.09 55.32
C PRO E 190 -14.66 -8.52 54.03
N GLU E 191 -15.99 -8.54 53.92
CA GLU E 191 -16.63 -8.00 52.71
C GLU E 191 -16.48 -6.49 52.64
N THR E 192 -16.47 -5.81 53.78
CA THR E 192 -16.35 -4.35 53.77
C THR E 192 -14.92 -3.93 53.42
N ALA E 193 -13.93 -4.64 53.93
CA ALA E 193 -12.54 -4.26 53.65
C ALA E 193 -12.21 -4.43 52.17
N LEU E 194 -12.67 -5.51 51.55
CA LEU E 194 -12.51 -5.65 50.10
C LEU E 194 -13.10 -4.45 49.37
N LYS E 195 -14.30 -4.04 49.78
CA LYS E 195 -14.89 -2.83 49.23
C LYS E 195 -13.95 -1.64 49.39
N ALA E 196 -13.44 -1.44 50.61
CA ALA E 196 -12.49 -0.36 50.85
C ALA E 196 -11.25 -0.53 49.96
N VAL E 197 -10.63 -1.70 49.99
CA VAL E 197 -9.48 -1.97 49.14
C VAL E 197 -9.86 -1.74 47.68
N GLU E 198 -10.97 -2.34 47.25
CA GLU E 198 -11.39 -2.17 45.86
C GLU E 198 -11.68 -0.71 45.55
N THR E 199 -12.30 0.02 46.48
CA THR E 199 -12.44 1.46 46.29
C THR E 199 -11.08 2.11 46.10
N VAL E 200 -10.14 1.82 46.99
CA VAL E 200 -8.76 2.29 46.83
C VAL E 200 -8.24 1.88 45.47
N VAL E 201 -8.44 0.61 45.09
CA VAL E 201 -8.03 0.14 43.76
C VAL E 201 -8.55 1.09 42.69
N LYS E 202 -9.85 1.38 42.73
CA LYS E 202 -10.43 2.27 41.73
C LYS E 202 -9.80 3.67 41.81
N VAL E 203 -9.48 4.13 43.03
CA VAL E 203 -8.90 5.46 43.18
C VAL E 203 -7.60 5.56 42.41
N ALA E 204 -6.71 4.56 42.58
CA ALA E 204 -5.42 4.59 41.93
C ALA E 204 -5.56 4.81 40.42
N ARG E 205 -6.33 3.93 39.76
CA ARG E 205 -6.58 4.10 38.33
C ARG E 205 -6.97 5.53 38.01
N ALA E 206 -7.89 6.10 38.80
CA ALA E 206 -8.26 7.50 38.62
C ALA E 206 -7.05 8.40 38.77
N LEU E 207 -6.34 8.29 39.90
CA LEU E 207 -5.15 9.11 40.13
C LEU E 207 -4.18 9.01 38.95
N ASN E 208 -3.84 7.78 38.57
CA ASN E 208 -2.98 7.59 37.41
C ASN E 208 -3.64 8.15 36.14
N GLN E 209 -4.87 7.72 35.86
CA GLN E 209 -5.58 8.22 34.69
C GLN E 209 -5.60 9.74 34.65
N ILE E 210 -5.86 10.37 35.80
CA ILE E 210 -5.75 11.83 35.89
C ILE E 210 -4.31 12.25 35.63
N ALA E 211 -3.36 11.57 36.28
CA ALA E 211 -1.96 11.94 36.17
C ALA E 211 -1.51 11.99 34.72
N THR E 212 -1.80 10.93 33.96
CA THR E 212 -1.37 10.87 32.57
C THR E 212 -1.89 12.08 31.78
N MET E 213 -3.19 12.34 31.85
CA MET E 213 -3.78 13.43 31.08
C MET E 213 -3.03 14.73 31.30
N ALA E 214 -2.78 15.08 32.56
CA ALA E 214 -2.01 16.29 32.86
C ALA E 214 -0.56 16.15 32.42
N GLY E 215 0.00 14.96 32.54
CA GLY E 215 1.39 14.73 32.16
C GLY E 215 2.40 15.33 33.12
N SER E 216 2.17 15.19 34.42
CA SER E 216 3.09 15.70 35.44
C SER E 216 3.59 14.53 36.27
N GLU E 217 4.93 14.44 36.39
CA GLU E 217 5.53 13.31 37.08
C GLU E 217 5.06 13.24 38.53
N GLU E 218 5.10 14.38 39.24
CA GLU E 218 4.68 14.37 40.65
C GLU E 218 3.31 13.75 40.80
N ALA E 219 2.33 14.22 40.02
CA ALA E 219 1.00 13.62 40.07
C ALA E 219 1.07 12.12 39.74
N GLN E 220 1.94 11.75 38.80
CA GLN E 220 2.13 10.33 38.52
C GLN E 220 2.71 9.61 39.73
N GLU E 221 3.72 10.21 40.37
CA GLU E 221 4.33 9.60 41.53
C GLU E 221 3.31 9.34 42.64
N ARG E 222 2.37 10.26 42.82
CA ARG E 222 1.37 10.07 43.87
C ARG E 222 0.51 8.85 43.59
N ALA E 223 -0.06 8.77 42.38
CA ALA E 223 -0.78 7.56 42.00
C ALA E 223 0.09 6.32 42.21
N ALA E 224 1.40 6.45 41.99
CA ALA E 224 2.32 5.39 42.36
C ALA E 224 2.22 5.07 43.85
N ARG E 225 2.14 6.11 44.68
CA ARG E 225 2.04 5.90 46.12
C ARG E 225 0.80 5.08 46.47
N VAL E 226 -0.36 5.45 45.93
CA VAL E 226 -1.60 4.78 46.30
C VAL E 226 -1.57 3.32 45.87
N ALA E 227 -1.09 3.04 44.66
CA ALA E 227 -1.12 1.68 44.16
C ALA E 227 -0.32 0.74 45.06
N SER E 228 0.92 1.10 45.38
CA SER E 228 1.74 0.25 46.23
C SER E 228 1.09 0.08 47.60
N GLU E 229 0.62 1.17 48.19
CA GLU E 229 -0.12 1.09 49.44
C GLU E 229 -1.21 0.03 49.36
N ALA E 230 -1.88 -0.07 48.21
CA ALA E 230 -2.93 -1.05 48.04
C ALA E 230 -2.38 -2.47 48.14
N ALA E 231 -1.26 -2.73 47.47
CA ALA E 231 -0.67 -4.07 47.51
C ALA E 231 -0.52 -4.57 48.94
N ARG E 232 -0.05 -3.69 49.84
CA ARG E 232 -0.07 -4.03 51.26
C ARG E 232 -1.49 -4.19 51.75
N LEU E 233 -2.40 -3.28 51.36
CA LEU E 233 -3.79 -3.40 51.76
C LEU E 233 -4.39 -4.71 51.30
N ALA E 234 -4.08 -5.15 50.08
CA ALA E 234 -4.53 -6.45 49.61
C ALA E 234 -3.98 -7.56 50.50
N GLU E 235 -2.70 -7.46 50.88
CA GLU E 235 -2.09 -8.46 51.74
C GLU E 235 -2.88 -8.62 53.03
N ARG E 236 -3.25 -7.50 53.66
CA ARG E 236 -4.07 -7.56 54.87
C ARG E 236 -5.46 -8.10 54.55
N VAL E 237 -6.03 -7.69 53.41
CA VAL E 237 -7.31 -8.25 52.98
C VAL E 237 -7.19 -9.75 52.79
N LEU E 238 -6.06 -10.20 52.23
CA LEU E 238 -5.81 -11.64 52.15
C LEU E 238 -5.50 -12.23 53.51
N GLU E 239 -4.85 -11.46 54.39
CA GLU E 239 -4.52 -11.96 55.72
C GLU E 239 -5.78 -12.18 56.54
N LEU E 240 -6.61 -11.15 56.67
CA LEU E 240 -7.80 -11.26 57.50
C LEU E 240 -8.82 -12.23 56.91
N ALA E 241 -9.02 -12.16 55.59
CA ALA E 241 -10.02 -13.03 54.97
C ALA E 241 -9.65 -14.50 55.12
N GLU E 242 -8.35 -14.82 55.03
CA GLU E 242 -7.92 -16.19 55.29
C GLU E 242 -8.19 -16.58 56.74
N LYS E 243 -7.95 -15.66 57.68
CA LYS E 243 -8.19 -15.95 59.09
C LYS E 243 -9.66 -16.15 59.36
N GLN E 244 -10.51 -15.23 58.88
CA GLN E 244 -11.95 -15.39 59.07
C GLN E 244 -12.49 -16.52 58.21
N GLY E 245 -11.96 -16.69 57.00
CA GLY E 245 -12.18 -17.91 56.26
C GLY E 245 -13.12 -17.84 55.08
N ASP E 246 -13.09 -16.74 54.33
CA ASP E 246 -13.88 -16.62 53.11
C ASP E 246 -12.99 -16.83 51.90
N PRO E 247 -12.91 -18.06 51.36
CA PRO E 247 -11.94 -18.29 50.27
C PRO E 247 -12.32 -17.63 48.97
N GLU E 248 -13.61 -17.64 48.60
CA GLU E 248 -14.02 -16.97 47.38
C GLU E 248 -13.69 -15.49 47.43
N VAL E 249 -13.85 -14.86 48.60
CA VAL E 249 -13.47 -13.47 48.76
C VAL E 249 -11.96 -13.30 48.57
N ALA E 250 -11.19 -14.31 48.97
CA ALA E 250 -9.73 -14.22 48.81
C ALA E 250 -9.34 -14.14 47.35
N ARG E 251 -10.09 -14.81 46.47
CA ARG E 251 -9.79 -14.75 45.05
C ARG E 251 -9.97 -13.33 44.51
N ARG E 252 -10.99 -12.61 45.01
CA ARG E 252 -11.21 -11.25 44.56
C ARG E 252 -10.11 -10.30 45.05
N ALA E 253 -9.59 -10.54 46.26
CA ALA E 253 -8.51 -9.71 46.77
C ALA E 253 -7.25 -9.88 45.94
N ARG E 254 -6.89 -11.13 45.64
CA ARG E 254 -5.78 -11.38 44.73
C ARG E 254 -6.09 -10.82 43.34
N GLU E 255 -7.36 -10.88 42.93
CA GLU E 255 -7.75 -10.23 41.67
C GLU E 255 -7.42 -8.74 41.71
N LEU E 256 -7.61 -8.10 42.86
CA LEU E 256 -7.15 -6.73 43.03
C LEU E 256 -5.65 -6.62 42.77
N GLN E 257 -4.88 -7.56 43.31
CA GLN E 257 -3.43 -7.53 43.14
C GLN E 257 -3.05 -7.33 41.68
N GLU E 258 -3.59 -8.17 40.78
CA GLU E 258 -3.30 -8.04 39.36
C GLU E 258 -3.66 -6.64 38.87
N LYS E 259 -4.85 -6.15 39.24
CA LYS E 259 -5.24 -4.80 38.86
C LYS E 259 -4.23 -3.77 39.38
N VAL E 260 -3.72 -3.98 40.60
CA VAL E 260 -2.67 -3.12 41.12
C VAL E 260 -1.40 -3.28 40.30
N LEU E 261 -0.90 -4.51 40.21
CA LEU E 261 0.23 -4.79 39.32
C LEU E 261 -0.02 -4.18 37.94
N ASP E 262 -1.22 -4.41 37.41
CA ASP E 262 -1.62 -3.75 36.16
C ASP E 262 -1.53 -2.24 36.30
N ILE E 263 -2.26 -1.67 37.26
CA ILE E 263 -2.33 -0.22 37.40
C ILE E 263 -0.92 0.37 37.46
N LEU E 264 -0.05 -0.25 38.27
CA LEU E 264 1.34 0.19 38.33
C LEU E 264 2.01 0.06 36.97
N LEU E 265 1.80 -1.06 36.28
CA LEU E 265 2.42 -1.26 34.99
C LEU E 265 2.07 -0.12 34.04
N ASP E 266 0.80 0.31 34.05
CA ASP E 266 0.43 1.49 33.27
C ASP E 266 1.19 2.71 33.78
N ILE E 267 1.29 2.88 35.09
CA ILE E 267 2.06 3.98 35.65
C ILE E 267 3.50 3.90 35.17
N LEU E 268 4.13 2.73 35.31
CA LEU E 268 5.45 2.53 34.76
C LEU E 268 5.47 2.84 33.26
N GLU E 269 4.52 2.28 32.52
CA GLU E 269 4.47 2.48 31.08
C GLU E 269 4.46 3.96 30.73
N GLN E 270 3.53 4.72 31.31
CA GLN E 270 3.43 6.14 30.97
C GLN E 270 4.70 6.89 31.34
N ILE E 271 5.27 6.61 32.52
CA ILE E 271 6.52 7.23 32.91
C ILE E 271 7.60 6.95 31.86
N LEU E 272 7.77 5.68 31.52
CA LEU E 272 8.82 5.31 30.57
C LEU E 272 8.67 6.08 29.26
N GLN E 273 7.44 6.25 28.79
CA GLN E 273 7.20 7.08 27.61
C GLN E 273 7.72 8.50 27.84
N THR E 274 7.50 9.03 29.03
CA THR E 274 7.90 10.41 29.31
C THR E 274 9.41 10.58 29.17
N ALA E 275 10.18 9.70 29.81
CA ALA E 275 11.64 9.80 29.76
C ALA E 275 12.14 9.87 28.33
N THR E 276 11.75 8.88 27.51
CA THR E 276 12.24 8.82 26.13
C THR E 276 12.03 10.15 25.40
N LYS E 277 10.85 10.76 25.57
CA LYS E 277 10.60 12.06 24.96
C LYS E 277 11.67 13.07 25.35
N ILE E 278 12.03 13.10 26.65
CA ILE E 278 13.03 14.05 27.11
C ILE E 278 14.37 13.80 26.44
N ILE E 279 14.86 12.55 26.50
CA ILE E 279 16.16 12.24 25.92
C ILE E 279 16.19 12.62 24.45
N ASP E 280 15.16 12.22 23.70
CA ASP E 280 15.11 12.58 22.28
C ASP E 280 15.24 14.08 22.10
N ASP E 281 14.41 14.85 22.81
CA ASP E 281 14.60 16.30 22.85
C ASP E 281 16.04 16.64 23.21
N ALA E 282 16.51 16.11 24.34
CA ALA E 282 17.88 16.36 24.78
C ALA E 282 18.87 16.06 23.65
N ASN E 283 18.79 14.87 23.07
CA ASN E 283 19.66 14.53 21.95
C ASN E 283 19.48 15.51 20.81
N LYS E 284 18.22 15.80 20.45
CA LYS E 284 17.97 16.75 19.36
C LYS E 284 18.63 18.10 19.66
N LEU E 285 18.44 18.62 20.87
CA LEU E 285 19.16 19.82 21.28
C LEU E 285 20.66 19.58 21.29
N LEU E 286 21.09 18.42 21.79
CA LEU E 286 22.50 18.10 21.85
C LEU E 286 23.15 18.24 20.48
N GLU E 287 22.49 17.74 19.44
CA GLU E 287 23.00 17.90 18.09
C GLU E 287 23.12 19.38 17.73
N LYS E 288 22.08 20.17 18.04
CA LYS E 288 22.13 21.59 17.74
C LYS E 288 23.37 22.24 18.33
N LEU E 289 23.83 21.75 19.48
CA LEU E 289 25.02 22.31 20.12
C LEU E 289 26.28 21.96 19.33
N ARG E 290 26.58 20.66 19.21
CA ARG E 290 27.76 20.25 18.44
C ARG E 290 27.76 20.92 17.08
N ARG E 291 26.59 21.06 16.46
CA ARG E 291 26.50 21.79 15.20
C ARG E 291 26.88 23.26 15.39
N SER E 292 26.23 23.94 16.32
CA SER E 292 26.50 25.35 16.55
C SER E 292 27.97 25.59 16.83
N GLU E 293 28.55 26.56 16.14
CA GLU E 293 29.89 27.03 16.48
C GLU E 293 29.87 27.79 17.80
N ARG E 294 28.89 28.67 17.96
CA ARG E 294 28.68 29.34 19.23
C ARG E 294 27.86 28.46 20.17
N LYS E 295 28.19 28.53 21.46
CA LYS E 295 27.51 27.76 22.49
C LYS E 295 26.73 28.72 23.39
N ASP E 296 25.43 28.50 23.50
CA ASP E 296 24.54 29.39 24.22
C ASP E 296 24.17 28.76 25.56
N PRO E 297 24.49 29.40 26.69
CA PRO E 297 24.24 28.72 27.98
C PRO E 297 22.79 28.39 28.24
N LYS E 298 21.85 29.24 27.80
CA LYS E 298 20.44 28.94 28.03
C LYS E 298 20.10 27.56 27.47
N VAL E 299 20.56 27.26 26.26
CA VAL E 299 20.41 25.92 25.72
C VAL E 299 21.06 24.91 26.65
N VAL E 300 22.31 25.18 27.04
CA VAL E 300 23.05 24.25 27.88
C VAL E 300 22.29 23.97 29.17
N GLU E 301 21.90 25.02 29.89
CA GLU E 301 21.07 24.81 31.08
C GLU E 301 19.87 23.95 30.74
N THR E 302 19.14 24.33 29.69
CA THR E 302 18.03 23.50 29.21
C THR E 302 18.50 22.08 28.98
N TYR E 303 19.58 21.93 28.21
CA TYR E 303 20.18 20.61 28.00
C TYR E 303 20.46 19.93 29.34
N VAL E 304 21.25 20.59 30.19
CA VAL E 304 21.53 20.05 31.51
C VAL E 304 20.24 19.71 32.25
N GLU E 305 19.23 20.59 32.13
CA GLU E 305 18.00 20.38 32.89
C GLU E 305 17.31 19.08 32.47
N LEU E 306 17.23 18.81 31.17
CA LEU E 306 16.67 17.55 30.71
C LEU E 306 17.41 16.37 31.33
N LEU E 307 18.74 16.40 31.25
CA LEU E 307 19.55 15.31 31.76
C LEU E 307 19.32 15.12 33.27
N LYS E 308 19.35 16.20 34.02
CA LYS E 308 19.03 16.12 35.45
C LYS E 308 17.60 15.61 35.63
N ARG E 309 16.65 16.23 34.91
CA ARG E 309 15.26 15.75 34.96
C ARG E 309 15.18 14.27 34.63
N HIS E 310 15.89 13.86 33.58
CA HIS E 310 15.89 12.45 33.17
C HIS E 310 16.32 11.56 34.33
N GLU E 311 17.47 11.86 34.94
CA GLU E 311 17.95 11.06 36.06
C GLU E 311 16.88 10.95 37.14
N ARG E 312 16.13 12.02 37.38
CA ARG E 312 15.09 12.00 38.38
C ARG E 312 14.01 10.98 38.03
N LEU E 313 13.39 11.13 36.85
CA LEU E 313 12.40 10.16 36.41
C LEU E 313 12.99 8.76 36.37
N VAL E 314 14.23 8.63 35.89
CA VAL E 314 14.94 7.35 35.95
C VAL E 314 14.93 6.83 37.38
N LYS E 315 15.38 7.65 38.32
CA LYS E 315 15.35 7.26 39.73
C LYS E 315 13.93 6.95 40.18
N GLN E 316 12.96 7.77 39.77
CA GLN E 316 11.57 7.50 40.12
C GLN E 316 11.13 6.13 39.62
N LEU E 317 11.47 5.81 38.38
CA LEU E 317 11.11 4.51 37.82
C LEU E 317 11.66 3.38 38.69
N LEU E 318 12.91 3.49 39.13
CA LEU E 318 13.53 2.41 39.88
C LEU E 318 12.74 2.08 41.14
N GLU E 319 12.41 3.09 41.93
CA GLU E 319 11.62 2.86 43.14
C GLU E 319 10.31 2.15 42.80
N ILE E 320 9.61 2.63 41.76
CA ILE E 320 8.37 1.97 41.34
C ILE E 320 8.60 0.49 41.13
N ALA E 321 9.59 0.15 40.31
CA ALA E 321 9.93 -1.26 40.10
C ALA E 321 10.05 -1.99 41.43
N LYS E 322 10.77 -1.40 42.38
CA LYS E 322 10.85 -1.98 43.72
C LYS E 322 9.48 -2.03 44.38
N ALA E 323 8.77 -0.90 44.39
CA ALA E 323 7.40 -0.89 44.90
C ALA E 323 6.57 -1.97 44.23
N HIS E 324 6.49 -1.91 42.90
CA HIS E 324 5.90 -3.00 42.13
C HIS E 324 6.47 -4.35 42.55
N ALA E 325 7.76 -4.39 42.86
CA ALA E 325 8.39 -5.66 43.25
C ALA E 325 7.75 -6.22 44.52
N GLU E 326 7.42 -5.34 45.47
CA GLU E 326 6.83 -5.79 46.73
C GLU E 326 5.55 -6.58 46.47
N ALA E 327 4.69 -6.07 45.58
CA ALA E 327 3.39 -6.68 45.37
C ALA E 327 3.50 -8.14 44.94
N VAL E 328 4.50 -8.45 44.12
CA VAL E 328 4.57 -9.79 43.52
C VAL E 328 4.83 -10.85 44.59
N GLU E 329 5.80 -10.59 45.48
CA GLU E 329 6.19 -11.59 46.47
C GLU E 329 4.99 -12.13 47.22
N GLY E 330 4.04 -11.26 47.57
CA GLY E 330 2.84 -11.67 48.27
C GLY E 330 2.07 -12.75 47.51
N SER F 5 -6.20 -10.11 29.70
CA SER F 5 -5.64 -10.71 28.50
C SER F 5 -4.64 -9.78 27.84
N ASP F 6 -4.97 -8.48 27.80
CA ASP F 6 -4.15 -7.53 27.08
C ASP F 6 -2.79 -7.32 27.72
N HIS F 7 -2.75 -7.26 29.06
CA HIS F 7 -1.55 -6.78 29.75
C HIS F 7 -0.31 -7.56 29.37
N ALA F 8 -0.43 -8.86 29.11
CA ALA F 8 0.73 -9.65 28.73
C ALA F 8 1.45 -9.03 27.54
N LYS F 9 0.68 -8.51 26.57
CA LYS F 9 1.30 -7.79 25.45
C LYS F 9 1.88 -6.46 25.92
N LYS F 10 1.10 -5.69 26.69
CA LYS F 10 1.60 -4.42 27.20
C LYS F 10 2.93 -4.61 27.92
N LEU F 11 2.95 -5.51 28.89
CA LEU F 11 4.21 -5.85 29.57
C LEU F 11 5.29 -6.18 28.55
N LYS F 12 5.00 -7.11 27.64
CA LYS F 12 5.97 -7.48 26.62
C LYS F 12 6.53 -6.24 25.91
N THR F 13 5.65 -5.36 25.44
CA THR F 13 6.11 -4.12 24.82
C THR F 13 6.96 -3.31 25.79
N PHE F 14 6.51 -3.21 27.05
CA PHE F 14 7.23 -2.42 28.03
C PHE F 14 8.70 -2.82 28.10
N LEU F 15 8.97 -4.13 28.26
CA LEU F 15 10.34 -4.60 28.37
C LEU F 15 11.18 -4.18 27.18
N GLU F 16 10.61 -4.24 25.97
CA GLU F 16 11.36 -3.81 24.80
C GLU F 16 11.65 -2.31 24.86
N ASN F 17 10.66 -1.53 25.29
CA ASN F 17 10.85 -0.09 25.39
C ASN F 17 12.12 0.24 26.17
N LEU F 18 12.28 -0.38 27.34
CA LEU F 18 13.52 -0.21 28.09
C LEU F 18 14.73 -0.56 27.22
N ARG F 19 14.69 -1.74 26.58
CA ARG F 19 15.73 -2.11 25.64
C ARG F 19 15.97 -0.98 24.63
N ARG F 20 14.88 -0.45 24.07
CA ARG F 20 15.01 0.68 23.16
C ARG F 20 15.67 1.86 23.84
N HIS F 21 15.30 2.15 25.09
CA HIS F 21 15.90 3.27 25.79
C HIS F 21 17.40 3.06 25.96
N LEU F 22 17.82 1.86 26.38
CA LEU F 22 19.23 1.56 26.51
C LEU F 22 19.98 1.94 25.23
N ASP F 23 19.54 1.40 24.09
CA ASP F 23 20.12 1.80 22.82
C ASP F 23 20.04 3.31 22.65
N ARG F 24 18.90 3.91 23.01
CA ARG F 24 18.76 5.36 22.93
C ARG F 24 19.84 6.05 23.74
N LEU F 25 19.97 5.66 25.00
CA LEU F 25 21.02 6.21 25.85
C LEU F 25 22.40 5.96 25.26
N ASP F 26 22.74 4.68 25.03
CA ASP F 26 24.01 4.37 24.39
C ASP F 26 24.14 5.09 23.06
N LYS F 27 23.05 5.14 22.28
CA LYS F 27 23.05 5.96 21.07
C LYS F 27 23.28 7.43 21.42
N HIS F 28 22.69 7.89 22.53
CA HIS F 28 22.98 9.23 23.00
C HIS F 28 24.44 9.35 23.43
N ILE F 29 24.88 8.45 24.32
CA ILE F 29 26.23 8.55 24.87
C ILE F 29 27.25 8.56 23.74
N LYS F 30 27.08 7.68 22.75
CA LYS F 30 28.00 7.63 21.62
C LYS F 30 28.26 9.03 21.07
N GLN F 31 27.19 9.79 20.83
CA GLN F 31 27.36 11.18 20.42
C GLN F 31 28.28 11.93 21.37
N LEU F 32 28.01 11.82 22.68
CA LEU F 32 28.88 12.44 23.67
C LEU F 32 30.31 11.91 23.55
N ARG F 33 30.46 10.58 23.49
CA ARG F 33 31.77 10.01 23.26
C ARG F 33 32.43 10.60 22.01
N ASP F 34 31.64 10.81 20.96
CA ASP F 34 32.18 11.37 19.73
C ASP F 34 32.67 12.80 19.94
N ILE F 35 31.97 13.57 20.76
CA ILE F 35 32.37 14.95 21.00
C ILE F 35 33.70 15.01 21.75
N LEU F 36 33.80 14.27 22.86
CA LEU F 36 34.93 14.43 23.76
C LEU F 36 36.27 14.34 23.03
N SER F 37 36.42 13.34 22.15
CA SER F 37 37.68 13.18 21.43
C SER F 37 38.07 14.46 20.70
N GLU F 38 37.09 15.22 20.22
CA GLU F 38 37.38 16.48 19.55
C GLU F 38 37.88 17.53 20.54
N ASN F 39 37.47 17.43 21.81
CA ASN F 39 37.82 18.40 22.84
C ASN F 39 38.04 17.66 24.15
N PRO F 40 39.29 17.31 24.46
CA PRO F 40 39.56 16.63 25.75
C PRO F 40 39.52 17.56 26.94
N GLU F 41 39.75 18.86 26.72
CA GLU F 41 39.78 19.82 27.82
C GLU F 41 38.46 19.82 28.58
N ASP F 42 37.34 19.83 27.86
CA ASP F 42 36.04 20.12 28.45
C ASP F 42 35.67 19.13 29.55
N GLU F 43 35.81 19.55 30.81
CA GLU F 43 35.35 18.71 31.91
C GLU F 43 33.85 18.52 31.87
N ARG F 44 33.11 19.60 31.56
CA ARG F 44 31.66 19.52 31.54
C ARG F 44 31.18 18.31 30.75
N VAL F 45 31.74 18.12 29.54
CA VAL F 45 31.39 16.97 28.73
C VAL F 45 31.54 15.68 29.54
N LYS F 46 32.71 15.49 30.15
CA LYS F 46 32.94 14.30 30.95
C LYS F 46 31.88 14.14 32.04
N ASP F 47 31.52 15.24 32.70
CA ASP F 47 30.49 15.17 33.73
C ASP F 47 29.18 14.63 33.16
N VAL F 48 28.85 15.04 31.93
CA VAL F 48 27.57 14.64 31.35
C VAL F 48 27.53 13.13 31.13
N ILE F 49 28.62 12.55 30.64
CA ILE F 49 28.68 11.10 30.47
C ILE F 49 28.30 10.40 31.76
N ASP F 50 28.92 10.82 32.87
CA ASP F 50 28.72 10.15 34.14
C ASP F 50 27.24 10.04 34.49
N LEU F 51 26.52 11.17 34.40
CA LEU F 51 25.08 11.12 34.65
C LEU F 51 24.38 10.27 33.60
N SER F 52 24.74 10.46 32.33
CA SER F 52 24.27 9.55 31.28
C SER F 52 24.60 8.12 31.65
N GLU F 53 25.89 7.83 31.86
CA GLU F 53 26.30 6.51 32.31
C GLU F 53 25.64 6.15 33.64
N ARG F 54 25.39 7.14 34.50
CA ARG F 54 24.71 6.87 35.76
C ARG F 54 23.31 6.33 35.50
N SER F 55 22.50 7.08 34.75
CA SER F 55 21.12 6.68 34.54
C SER F 55 21.02 5.34 33.83
N VAL F 56 21.97 5.04 32.94
CA VAL F 56 22.05 3.70 32.35
C VAL F 56 21.96 2.65 33.44
N ARG F 57 22.89 2.73 34.40
CA ARG F 57 22.97 1.73 35.46
C ARG F 57 21.64 1.63 36.20
N ILE F 58 21.05 2.78 36.55
CA ILE F 58 19.71 2.78 37.09
C ILE F 58 18.78 1.99 36.16
N VAL F 59 18.75 2.36 34.88
CA VAL F 59 17.85 1.70 33.94
C VAL F 59 18.13 0.21 33.90
N LYS F 60 19.38 -0.17 33.64
CA LYS F 60 19.75 -1.58 33.59
C LYS F 60 19.22 -2.32 34.81
N THR F 61 19.38 -1.71 35.99
CA THR F 61 18.80 -2.30 37.20
C THR F 61 17.30 -2.51 37.03
N VAL F 62 16.61 -1.53 36.43
CA VAL F 62 15.16 -1.64 36.28
C VAL F 62 14.80 -2.88 35.46
N ILE F 63 15.50 -3.08 34.33
CA ILE F 63 15.27 -4.27 33.53
C ILE F 63 15.46 -5.52 34.38
N LYS F 64 16.56 -5.57 35.14
CA LYS F 64 16.84 -6.74 35.96
C LYS F 64 15.81 -6.89 37.08
N ILE F 65 15.52 -5.80 37.79
CA ILE F 65 14.56 -5.86 38.88
C ILE F 65 13.21 -6.34 38.38
N PHE F 66 12.71 -5.71 37.31
CA PHE F 66 11.43 -6.11 36.74
C PHE F 66 11.44 -7.58 36.34
N GLU F 67 12.44 -7.99 35.56
CA GLU F 67 12.49 -9.36 35.05
C GLU F 67 12.45 -10.37 36.18
N ASP F 68 13.27 -10.19 37.22
CA ASP F 68 13.29 -11.12 38.34
C ASP F 68 11.92 -11.20 39.00
N SER F 69 11.26 -10.06 39.18
CA SER F 69 9.95 -10.04 39.80
C SER F 69 8.96 -10.88 39.00
N VAL F 70 8.95 -10.71 37.67
CA VAL F 70 8.03 -11.46 36.83
C VAL F 70 8.28 -12.95 36.94
N ARG F 71 9.56 -13.36 36.78
CA ARG F 71 9.91 -14.76 36.94
C ARG F 71 9.26 -15.34 38.18
N LYS F 72 9.17 -14.54 39.25
CA LYS F 72 8.47 -14.98 40.44
C LYS F 72 6.97 -15.10 40.19
N LEU F 73 6.35 -14.05 39.63
CA LEU F 73 4.90 -14.06 39.45
C LEU F 73 4.44 -15.27 38.64
N LEU F 74 5.15 -15.60 37.56
CA LEU F 74 4.80 -16.77 36.77
C LEU F 74 4.70 -18.00 37.66
N LYS F 75 5.70 -18.24 38.51
CA LYS F 75 5.64 -19.35 39.44
C LYS F 75 4.40 -19.25 40.31
N GLN F 76 4.11 -18.06 40.83
CA GLN F 76 2.86 -17.86 41.56
C GLN F 76 1.67 -18.18 40.67
N ILE F 77 1.62 -17.56 39.48
CA ILE F 77 0.57 -17.88 38.51
C ILE F 77 0.53 -19.39 38.27
N ASN F 78 1.64 -19.95 37.78
CA ASN F 78 1.68 -21.37 37.46
C ASN F 78 1.35 -22.22 38.69
N LYS F 79 1.83 -21.82 39.87
CA LYS F 79 1.54 -22.57 41.08
C LYS F 79 0.04 -22.74 41.28
N GLU F 80 -0.71 -21.64 41.11
CA GLU F 80 -2.16 -21.73 41.25
C GLU F 80 -2.76 -22.76 40.30
N ALA F 81 -2.14 -22.96 39.14
CA ALA F 81 -2.68 -23.89 38.15
C ALA F 81 -2.67 -25.32 38.66
N GLU F 82 -1.56 -25.74 39.28
CA GLU F 82 -1.45 -27.13 39.72
C GLU F 82 -2.58 -27.51 40.68
N GLU F 83 -2.90 -26.62 41.63
CA GLU F 83 -4.00 -26.90 42.55
C GLU F 83 -5.34 -26.82 41.86
N LEU F 84 -5.49 -25.93 40.87
CA LEU F 84 -6.72 -25.90 40.09
C LEU F 84 -6.86 -27.14 39.24
N ALA F 85 -5.75 -27.64 38.68
CA ALA F 85 -5.79 -28.87 37.90
C ALA F 85 -6.51 -29.98 38.66
N LYS F 86 -6.28 -30.06 39.96
CA LYS F 86 -6.90 -31.12 40.76
C LYS F 86 -8.40 -30.92 40.92
N SER F 87 -8.85 -29.66 40.93
CA SER F 87 -10.24 -29.38 41.27
C SER F 87 -11.19 -30.18 40.37
N PRO F 88 -12.17 -30.89 40.93
CA PRO F 88 -13.11 -31.62 40.06
C PRO F 88 -14.08 -30.70 39.34
N ASP F 89 -14.30 -29.49 39.84
CA ASP F 89 -15.16 -28.55 39.15
C ASP F 89 -14.53 -28.14 37.83
N PRO F 90 -15.25 -28.21 36.72
CA PRO F 90 -14.66 -27.83 35.44
C PRO F 90 -14.20 -26.39 35.35
N GLU F 91 -15.09 -25.42 35.62
CA GLU F 91 -14.76 -24.02 35.35
C GLU F 91 -13.43 -23.62 35.97
N ASP F 92 -13.05 -24.23 37.09
CA ASP F 92 -11.72 -23.97 37.65
C ASP F 92 -10.63 -24.57 36.76
N LEU F 93 -10.91 -25.71 36.11
CA LEU F 93 -10.00 -26.21 35.09
C LEU F 93 -9.85 -25.20 33.96
N LYS F 94 -10.97 -24.73 33.42
CA LYS F 94 -10.93 -23.72 32.36
C LYS F 94 -10.10 -22.53 32.80
N ARG F 95 -10.35 -22.01 34.00
CA ARG F 95 -9.53 -20.93 34.53
C ARG F 95 -8.07 -21.33 34.61
N ALA F 96 -7.81 -22.58 35.04
CA ALA F 96 -6.43 -23.03 35.19
C ALA F 96 -5.67 -22.94 33.88
N VAL F 97 -6.28 -23.42 32.79
CA VAL F 97 -5.62 -23.39 31.49
C VAL F 97 -5.23 -21.97 31.12
N GLU F 98 -6.19 -21.03 31.22
CA GLU F 98 -5.95 -19.66 30.81
C GLU F 98 -4.67 -19.11 31.45
N LEU F 99 -4.56 -19.23 32.78
CA LEU F 99 -3.38 -18.73 33.46
C LEU F 99 -2.12 -19.41 32.94
N ALA F 100 -2.15 -20.74 32.83
CA ALA F 100 -1.02 -21.46 32.28
C ALA F 100 -0.67 -20.96 30.89
N GLU F 101 -1.68 -20.73 30.04
CA GLU F 101 -1.43 -20.21 28.71
C GLU F 101 -0.72 -18.87 28.78
N ALA F 102 -1.04 -18.05 29.77
CA ALA F 102 -0.36 -16.77 29.93
C ALA F 102 1.14 -16.98 30.13
N VAL F 103 1.52 -17.99 30.92
CA VAL F 103 2.94 -18.25 31.14
C VAL F 103 3.63 -18.59 29.83
N VAL F 104 3.08 -19.56 29.08
CA VAL F 104 3.64 -19.87 27.77
C VAL F 104 3.64 -18.62 26.88
N ARG F 105 2.51 -17.91 26.86
CA ARG F 105 2.41 -16.71 26.05
C ARG F 105 3.43 -15.66 26.50
N ALA F 106 3.58 -15.48 27.80
CA ALA F 106 4.50 -14.47 28.31
C ALA F 106 5.95 -14.85 28.04
N ASP F 107 6.30 -16.11 28.31
CA ASP F 107 7.69 -16.56 28.24
C ASP F 107 7.74 -17.93 27.57
N PRO F 108 7.72 -17.97 26.24
CA PRO F 108 7.73 -19.27 25.56
C PRO F 108 9.12 -19.88 25.60
N GLY F 109 9.15 -21.20 25.61
CA GLY F 109 10.40 -21.93 25.66
C GLY F 109 11.08 -21.95 27.01
N SER F 110 10.61 -21.15 27.96
CA SER F 110 11.18 -21.17 29.30
C SER F 110 10.90 -22.50 29.98
N ASN F 111 11.70 -22.80 31.01
CA ASN F 111 11.40 -23.95 31.87
C ASN F 111 9.99 -23.84 32.43
N LEU F 112 9.60 -22.63 32.83
CA LEU F 112 8.24 -22.41 33.35
C LEU F 112 7.21 -22.70 32.26
N SER F 113 7.44 -22.20 31.05
CA SER F 113 6.54 -22.50 29.95
C SER F 113 6.38 -24.01 29.76
N LYS F 114 7.49 -24.75 29.89
CA LYS F 114 7.41 -26.21 29.80
C LYS F 114 6.57 -26.76 30.95
N LYS F 115 6.88 -26.38 32.18
CA LYS F 115 6.06 -26.77 33.32
C LYS F 115 4.61 -26.36 33.11
N ALA F 116 4.40 -25.09 32.74
CA ALA F 116 3.04 -24.64 32.42
C ALA F 116 2.43 -25.49 31.32
N LEU F 117 3.20 -25.74 30.25
CA LEU F 117 2.75 -26.66 29.22
C LEU F 117 2.41 -28.02 29.81
N GLU F 118 3.28 -28.53 30.68
CA GLU F 118 3.00 -29.80 31.35
C GLU F 118 1.72 -29.71 32.18
N ILE F 119 1.50 -28.58 32.84
CA ILE F 119 0.26 -28.39 33.59
C ILE F 119 -0.95 -28.52 32.68
N ILE F 120 -0.84 -27.96 31.47
CA ILE F 120 -1.99 -27.90 30.57
C ILE F 120 -2.54 -29.30 30.30
N LEU F 121 -1.68 -30.19 29.79
CA LEU F 121 -2.13 -31.51 29.39
C LEU F 121 -2.90 -32.21 30.52
N ARG F 122 -2.39 -32.13 31.74
CA ARG F 122 -3.09 -32.71 32.88
C ARG F 122 -4.50 -32.16 32.98
N ALA F 123 -4.64 -30.84 32.89
CA ALA F 123 -5.98 -30.24 32.88
C ALA F 123 -6.81 -30.77 31.73
N ALA F 124 -6.18 -31.02 30.59
CA ALA F 124 -6.91 -31.53 29.43
C ALA F 124 -7.43 -32.94 29.68
N ALA F 125 -6.57 -33.84 30.16
CA ALA F 125 -6.99 -35.21 30.38
C ALA F 125 -8.21 -35.28 31.28
N GLU F 126 -8.17 -34.56 32.41
CA GLU F 126 -9.34 -34.51 33.29
C GLU F 126 -10.55 -33.94 32.56
N LEU F 127 -10.32 -32.96 31.68
CA LEU F 127 -11.44 -32.37 30.94
C LEU F 127 -12.11 -33.39 30.04
N ALA F 128 -11.35 -34.34 29.48
CA ALA F 128 -11.93 -35.40 28.69
C ALA F 128 -12.83 -36.31 29.54
N LYS F 129 -12.66 -36.27 30.85
CA LYS F 129 -13.59 -37.01 31.72
C LYS F 129 -15.01 -36.49 31.58
N LEU F 130 -15.15 -35.17 31.44
CA LEU F 130 -16.47 -34.56 31.39
C LEU F 130 -17.27 -35.09 30.21
N PRO F 131 -18.60 -35.11 30.33
CA PRO F 131 -19.44 -35.52 29.18
C PRO F 131 -19.67 -34.41 28.19
N ASP F 132 -19.85 -33.18 28.68
CA ASP F 132 -20.28 -32.08 27.82
C ASP F 132 -19.28 -31.89 26.68
N PRO F 133 -19.75 -31.81 25.43
CA PRO F 133 -18.80 -31.64 24.31
C PRO F 133 -18.12 -30.30 24.28
N ASP F 134 -18.86 -29.21 24.49
CA ASP F 134 -18.27 -27.88 24.39
C ASP F 134 -17.06 -27.73 25.32
N ALA F 135 -17.07 -28.43 26.46
CA ALA F 135 -15.90 -28.42 27.32
C ALA F 135 -14.82 -29.34 26.77
N LEU F 136 -15.20 -30.55 26.34
CA LEU F 136 -14.23 -31.48 25.77
C LEU F 136 -13.47 -30.84 24.61
N ALA F 137 -14.16 -30.02 23.81
CA ALA F 137 -13.51 -29.38 22.67
C ALA F 137 -12.37 -28.48 23.14
N ALA F 138 -12.69 -27.48 23.99
CA ALA F 138 -11.66 -26.58 24.49
C ALA F 138 -10.47 -27.34 25.03
N ALA F 139 -10.70 -28.50 25.64
CA ALA F 139 -9.60 -29.35 26.07
C ALA F 139 -8.75 -29.77 24.88
N ALA F 140 -9.38 -30.39 23.87
CA ALA F 140 -8.66 -30.75 22.65
C ALA F 140 -8.03 -29.53 22.00
N ARG F 141 -8.78 -28.42 21.92
CA ARG F 141 -8.22 -27.18 21.40
C ARG F 141 -7.00 -26.75 22.22
N ALA F 142 -7.20 -26.58 23.53
CA ALA F 142 -6.09 -26.20 24.40
C ALA F 142 -4.97 -27.24 24.33
N ALA F 143 -5.32 -28.53 24.31
CA ALA F 143 -4.31 -29.55 24.13
C ALA F 143 -3.65 -29.43 22.77
N SER F 144 -4.44 -29.17 21.73
CA SER F 144 -3.88 -28.96 20.41
C SER F 144 -2.87 -27.83 20.40
N LYS F 145 -3.09 -26.79 21.21
CA LYS F 145 -2.13 -25.72 21.31
C LYS F 145 -0.75 -26.23 21.69
N VAL F 146 -0.71 -27.22 22.59
CA VAL F 146 0.57 -27.72 23.10
C VAL F 146 1.39 -28.34 21.97
N GLN F 147 0.76 -29.16 21.13
CA GLN F 147 1.50 -29.75 20.02
C GLN F 147 2.11 -28.67 19.15
N GLN F 148 1.39 -27.56 18.95
CA GLN F 148 1.97 -26.40 18.28
C GLN F 148 3.16 -25.88 19.08
N GLU F 149 3.08 -25.93 20.41
CA GLU F 149 4.13 -25.37 21.25
C GLU F 149 5.35 -26.28 21.30
N GLN F 150 5.16 -27.59 21.30
CA GLN F 150 6.26 -28.55 21.42
C GLN F 150 5.98 -29.77 20.56
N PRO F 151 6.15 -29.66 19.25
CA PRO F 151 5.87 -30.80 18.37
C PRO F 151 6.89 -31.92 18.51
N GLY F 152 6.39 -33.16 18.49
CA GLY F 152 7.25 -34.32 18.37
C GLY F 152 7.94 -34.78 19.62
N SER F 153 7.51 -34.32 20.78
CA SER F 153 8.13 -34.68 22.05
C SER F 153 7.27 -35.69 22.81
N ASN F 154 7.88 -36.35 23.80
CA ASN F 154 7.08 -37.21 24.66
C ASN F 154 5.94 -36.44 25.31
N LEU F 155 6.11 -35.12 25.52
CA LEU F 155 4.97 -34.28 25.88
C LEU F 155 3.95 -34.26 24.75
N ALA F 156 4.42 -34.26 23.50
CA ALA F 156 3.52 -34.22 22.36
C ALA F 156 2.66 -35.47 22.27
N LYS F 157 3.26 -36.65 22.51
CA LYS F 157 2.48 -37.87 22.48
C LYS F 157 1.39 -37.86 23.55
N ALA F 158 1.67 -37.25 24.70
CA ALA F 158 0.66 -37.15 25.75
C ALA F 158 -0.57 -36.40 25.25
N ALA F 159 -0.35 -35.24 24.60
CA ALA F 159 -1.46 -34.53 23.98
C ALA F 159 -2.13 -35.39 22.93
N GLN F 160 -1.34 -36.09 22.12
CA GLN F 160 -1.91 -37.03 21.15
C GLN F 160 -2.79 -38.06 21.85
N GLU F 161 -2.29 -38.65 22.93
CA GLU F 161 -3.10 -39.59 23.70
C GLU F 161 -4.36 -38.91 24.23
N ILE F 162 -4.23 -37.66 24.69
CA ILE F 162 -5.40 -36.94 25.20
C ILE F 162 -6.43 -36.75 24.10
N MET F 163 -5.99 -36.27 22.92
CA MET F 163 -6.91 -36.00 21.84
C MET F 163 -7.72 -37.24 21.48
N ARG F 164 -7.06 -38.40 21.38
CA ARG F 164 -7.76 -39.64 21.12
C ARG F 164 -8.76 -39.94 22.23
N GLN F 165 -8.30 -39.90 23.48
CA GLN F 165 -9.19 -40.15 24.61
C GLN F 165 -10.35 -39.15 24.62
N ALA F 166 -10.04 -37.88 24.41
CA ALA F 166 -11.10 -36.88 24.28
C ALA F 166 -11.95 -37.16 23.05
N SER F 167 -11.31 -37.50 21.93
CA SER F 167 -12.04 -37.81 20.71
C SER F 167 -12.93 -39.03 20.90
N ARG F 168 -12.33 -40.16 21.30
CA ARG F 168 -13.11 -41.38 21.49
C ARG F 168 -14.22 -41.19 22.52
N ALA F 169 -13.87 -40.62 23.68
CA ALA F 169 -14.88 -40.35 24.70
C ALA F 169 -16.05 -39.58 24.11
N ALA F 170 -15.80 -38.70 23.14
CA ALA F 170 -16.89 -38.02 22.44
C ALA F 170 -17.73 -39.02 21.67
N GLU F 171 -17.10 -40.01 21.04
CA GLU F 171 -17.86 -41.03 20.32
C GLU F 171 -18.73 -41.84 21.28
N GLU F 172 -18.16 -42.23 22.43
CA GLU F 172 -18.97 -42.90 23.45
C GLU F 172 -19.99 -41.93 24.05
N ALA F 173 -19.59 -40.68 24.27
CA ALA F 173 -20.56 -39.65 24.59
C ALA F 173 -21.60 -39.56 23.49
N ALA F 174 -21.22 -39.82 22.24
CA ALA F 174 -22.19 -39.91 21.16
C ALA F 174 -23.12 -41.09 21.35
N ARG F 175 -22.58 -42.23 21.77
CA ARG F 175 -23.39 -43.43 21.92
C ARG F 175 -24.53 -43.20 22.90
N ARG F 176 -24.28 -42.48 24.00
CA ARG F 176 -25.33 -42.20 24.97
C ARG F 176 -26.57 -41.63 24.29
N ALA F 177 -26.37 -40.87 23.20
CA ALA F 177 -27.50 -40.38 22.43
C ALA F 177 -28.32 -41.52 21.85
N LYS F 178 -27.65 -42.44 21.14
CA LYS F 178 -28.35 -43.58 20.57
C LYS F 178 -29.24 -44.26 21.60
N GLU F 179 -28.77 -44.31 22.86
CA GLU F 179 -29.63 -44.77 23.94
C GLU F 179 -30.76 -43.77 24.20
N THR F 180 -30.45 -42.48 24.21
CA THR F 180 -31.45 -41.47 24.52
C THR F 180 -32.45 -41.31 23.37
N LEU F 181 -31.94 -41.17 22.13
CA LEU F 181 -32.82 -40.91 21.00
C LEU F 181 -33.80 -42.05 20.78
N GLU F 182 -33.32 -43.30 20.85
CA GLU F 182 -34.21 -44.44 20.76
C GLU F 182 -35.21 -44.43 21.90
N LYS F 183 -34.77 -44.08 23.10
CA LYS F 183 -35.67 -44.03 24.24
C LYS F 183 -36.82 -43.06 24.00
N ALA F 184 -36.54 -41.93 23.34
CA ALA F 184 -37.60 -40.98 23.05
C ALA F 184 -38.54 -41.50 21.96
N GLU F 185 -38.01 -42.25 21.00
CA GLU F 185 -38.83 -42.76 19.91
C GLU F 185 -39.81 -43.81 20.41
N LYS F 186 -39.31 -44.77 21.20
CA LYS F 186 -40.19 -45.78 21.78
C LYS F 186 -41.11 -45.18 22.84
N ASP F 187 -40.54 -44.44 23.78
CA ASP F 187 -41.29 -43.93 24.92
C ASP F 187 -41.85 -42.53 24.69
N GLY F 188 -41.95 -42.10 23.44
CA GLY F 188 -42.63 -40.86 23.11
C GLY F 188 -42.22 -39.65 23.91
N ASP F 189 -40.99 -39.18 23.71
CA ASP F 189 -40.50 -37.93 24.30
C ASP F 189 -39.98 -37.02 23.19
N PRO F 190 -40.88 -36.45 22.39
CA PRO F 190 -40.42 -35.67 21.23
C PRO F 190 -39.75 -34.35 21.60
N GLU F 191 -40.13 -33.72 22.71
CA GLU F 191 -39.46 -32.49 23.09
C GLU F 191 -38.01 -32.76 23.49
N THR F 192 -37.76 -33.89 24.15
CA THR F 192 -36.40 -34.24 24.54
C THR F 192 -35.59 -34.77 23.36
N ALA F 193 -36.24 -35.40 22.39
CA ALA F 193 -35.51 -35.95 21.25
C ALA F 193 -34.71 -34.87 20.54
N LEU F 194 -35.31 -33.70 20.33
CA LEU F 194 -34.55 -32.57 19.80
C LEU F 194 -33.32 -32.30 20.66
N LYS F 195 -33.48 -32.33 21.98
CA LYS F 195 -32.33 -32.22 22.86
C LYS F 195 -31.39 -33.42 22.70
N ALA F 196 -31.96 -34.61 22.51
CA ALA F 196 -31.12 -35.77 22.23
C ALA F 196 -30.35 -35.58 20.93
N VAL F 197 -31.00 -35.05 19.90
CA VAL F 197 -30.30 -34.74 18.66
C VAL F 197 -29.31 -33.59 18.88
N GLU F 198 -29.77 -32.51 19.51
CA GLU F 198 -28.89 -31.35 19.70
C GLU F 198 -27.63 -31.73 20.45
N THR F 199 -27.76 -32.53 21.50
CA THR F 199 -26.57 -33.02 22.20
C THR F 199 -25.65 -33.79 21.26
N VAL F 200 -26.23 -34.59 20.37
CA VAL F 200 -25.45 -35.30 19.36
C VAL F 200 -24.71 -34.30 18.47
N VAL F 201 -25.48 -33.52 17.71
CA VAL F 201 -24.90 -32.68 16.66
C VAL F 201 -23.72 -31.88 17.19
N LYS F 202 -23.86 -31.32 18.40
CA LYS F 202 -22.77 -30.58 19.01
C LYS F 202 -21.48 -31.40 19.02
N VAL F 203 -21.58 -32.70 19.31
CA VAL F 203 -20.40 -33.55 19.31
C VAL F 203 -19.73 -33.54 17.94
N ALA F 204 -20.52 -33.77 16.89
CA ALA F 204 -19.97 -33.77 15.53
C ALA F 204 -19.19 -32.48 15.28
N ARG F 205 -19.83 -31.32 15.49
CA ARG F 205 -19.13 -30.06 15.42
C ARG F 205 -17.88 -30.09 16.29
N ALA F 206 -18.01 -30.61 17.51
CA ALA F 206 -16.84 -30.78 18.37
C ALA F 206 -15.81 -31.69 17.71
N LEU F 207 -16.26 -32.85 17.19
CA LEU F 207 -15.34 -33.78 16.58
C LEU F 207 -14.67 -33.19 15.35
N ASN F 208 -15.37 -32.32 14.61
CA ASN F 208 -14.73 -31.61 13.51
C ASN F 208 -13.63 -30.70 14.03
N GLN F 209 -13.93 -29.91 15.07
CA GLN F 209 -12.95 -28.98 15.62
C GLN F 209 -11.69 -29.73 16.07
N ILE F 210 -11.87 -30.88 16.72
CA ILE F 210 -10.72 -31.71 17.08
C ILE F 210 -10.00 -32.16 15.82
N ALA F 211 -10.72 -32.86 14.94
CA ALA F 211 -10.14 -33.29 13.67
C ALA F 211 -9.47 -32.12 12.96
N THR F 212 -10.09 -30.94 13.00
CA THR F 212 -9.44 -29.74 12.48
C THR F 212 -8.15 -29.46 13.23
N MET F 213 -8.21 -29.48 14.56
CA MET F 213 -7.04 -29.13 15.36
C MET F 213 -5.83 -29.99 15.02
N ALA F 214 -6.04 -31.29 14.80
CA ALA F 214 -4.96 -32.23 14.60
C ALA F 214 -4.79 -32.69 13.15
N GLY F 215 -5.77 -32.44 12.29
CA GLY F 215 -5.61 -32.69 10.88
C GLY F 215 -5.38 -34.13 10.49
N SER F 216 -5.71 -35.08 11.35
CA SER F 216 -5.61 -36.48 10.96
C SER F 216 -6.71 -36.80 9.95
N GLU F 217 -6.31 -37.35 8.81
CA GLU F 217 -7.28 -37.77 7.81
C GLU F 217 -8.39 -38.61 8.44
N GLU F 218 -8.00 -39.58 9.26
CA GLU F 218 -8.98 -40.48 9.85
C GLU F 218 -9.91 -39.75 10.80
N ALA F 219 -9.40 -38.76 11.54
CA ALA F 219 -10.27 -37.97 12.41
C ALA F 219 -11.42 -37.37 11.61
N GLN F 220 -11.11 -36.79 10.45
CA GLN F 220 -12.15 -36.25 9.58
C GLN F 220 -13.22 -37.28 9.29
N GLU F 221 -12.80 -38.51 8.96
CA GLU F 221 -13.77 -39.56 8.68
C GLU F 221 -14.62 -39.87 9.90
N ARG F 222 -13.99 -39.95 11.08
CA ARG F 222 -14.74 -40.16 12.31
C ARG F 222 -15.83 -39.10 12.45
N ALA F 223 -15.43 -37.82 12.41
CA ALA F 223 -16.41 -36.74 12.41
C ALA F 223 -17.32 -36.83 11.20
N ALA F 224 -16.78 -37.24 10.04
CA ALA F 224 -17.57 -37.34 8.83
C ALA F 224 -18.76 -38.28 9.03
N ARG F 225 -18.47 -39.55 9.34
CA ARG F 225 -19.53 -40.53 9.50
C ARG F 225 -20.53 -40.10 10.57
N VAL F 226 -20.04 -39.59 11.70
CA VAL F 226 -20.93 -39.10 12.75
C VAL F 226 -21.90 -38.09 12.17
N ALA F 227 -21.37 -37.06 11.50
CA ALA F 227 -22.21 -36.01 10.94
C ALA F 227 -23.25 -36.60 9.99
N SER F 228 -22.83 -37.52 9.13
CA SER F 228 -23.78 -38.20 8.25
C SER F 228 -24.87 -38.90 9.06
N GLU F 229 -24.47 -39.83 9.93
CA GLU F 229 -25.45 -40.55 10.75
C GLU F 229 -26.37 -39.57 11.48
N ALA F 230 -25.81 -38.46 11.98
CA ALA F 230 -26.64 -37.43 12.59
C ALA F 230 -27.73 -36.97 11.64
N ALA F 231 -27.39 -36.85 10.35
CA ALA F 231 -28.39 -36.42 9.37
C ALA F 231 -29.59 -37.35 9.35
N ARG F 232 -29.34 -38.65 9.21
CA ARG F 232 -30.44 -39.61 9.12
C ARG F 232 -31.30 -39.59 10.38
N LEU F 233 -30.69 -39.33 11.53
CA LEU F 233 -31.47 -39.14 12.75
C LEU F 233 -32.43 -37.95 12.58
N ALA F 234 -31.95 -36.87 11.96
CA ALA F 234 -32.80 -35.71 11.76
C ALA F 234 -34.05 -36.07 10.98
N GLU F 235 -33.93 -36.94 9.98
CA GLU F 235 -35.10 -37.40 9.25
C GLU F 235 -36.02 -38.21 10.16
N ARG F 236 -35.44 -39.09 10.98
CA ARG F 236 -36.23 -39.83 11.96
C ARG F 236 -36.90 -38.87 12.93
N VAL F 237 -36.15 -37.92 13.48
CA VAL F 237 -36.74 -36.89 14.33
C VAL F 237 -37.72 -36.05 13.52
N LEU F 238 -37.31 -35.63 12.32
CA LEU F 238 -38.22 -34.91 11.44
C LEU F 238 -39.47 -35.74 11.15
N GLU F 239 -39.32 -37.07 11.10
CA GLU F 239 -40.49 -37.92 10.92
C GLU F 239 -41.47 -37.76 12.08
N LEU F 240 -40.96 -37.77 13.32
CA LEU F 240 -41.83 -37.68 14.48
C LEU F 240 -42.45 -36.30 14.62
N ALA F 241 -41.80 -35.27 14.09
CA ALA F 241 -42.31 -33.91 14.25
C ALA F 241 -43.72 -33.78 13.68
N GLU F 242 -43.94 -34.30 12.48
CA GLU F 242 -45.26 -34.20 11.87
C GLU F 242 -46.30 -34.96 12.67
N LYS F 243 -45.97 -36.19 13.09
CA LYS F 243 -46.90 -36.97 13.90
C LYS F 243 -47.07 -36.34 15.28
N GLN F 244 -45.96 -35.98 15.94
CA GLN F 244 -46.06 -35.31 17.23
C GLN F 244 -46.71 -33.95 17.12
N GLY F 245 -46.66 -33.33 15.94
CA GLY F 245 -47.20 -32.00 15.77
C GLY F 245 -46.57 -31.02 16.74
N ASP F 246 -45.25 -31.02 16.83
CA ASP F 246 -44.49 -30.13 17.71
C ASP F 246 -43.68 -29.15 16.87
N PRO F 247 -44.26 -28.02 16.46
CA PRO F 247 -43.48 -27.05 15.67
C PRO F 247 -42.23 -26.56 16.36
N GLU F 248 -42.23 -26.45 17.70
CA GLU F 248 -41.01 -26.07 18.40
C GLU F 248 -39.93 -27.12 18.24
N VAL F 249 -40.31 -28.40 18.19
CA VAL F 249 -39.36 -29.45 17.86
C VAL F 249 -39.05 -29.41 16.37
N ALA F 250 -40.08 -29.24 15.54
CA ALA F 250 -39.87 -29.20 14.10
C ALA F 250 -39.01 -28.02 13.70
N ARG F 251 -39.29 -26.84 14.25
CA ARG F 251 -38.46 -25.67 13.99
C ARG F 251 -36.99 -26.00 14.24
N ARG F 252 -36.69 -26.52 15.42
CA ARG F 252 -35.35 -27.03 15.68
C ARG F 252 -35.01 -28.16 14.71
N ALA F 253 -35.98 -29.00 14.39
CA ALA F 253 -35.72 -30.10 13.45
C ALA F 253 -35.26 -29.55 12.10
N ARG F 254 -35.88 -28.47 11.64
CA ARG F 254 -35.38 -27.81 10.43
C ARG F 254 -34.02 -27.16 10.70
N GLU F 255 -33.86 -26.54 11.87
CA GLU F 255 -32.57 -25.95 12.22
C GLU F 255 -31.48 -27.00 12.28
N LEU F 256 -31.69 -28.05 13.09
CA LEU F 256 -30.69 -29.10 13.22
C LEU F 256 -30.26 -29.63 11.86
N GLN F 257 -31.22 -29.99 11.01
CA GLN F 257 -30.90 -30.44 9.66
C GLN F 257 -30.00 -29.43 8.96
N GLU F 258 -30.38 -28.16 9.00
CA GLU F 258 -29.49 -27.11 8.49
C GLU F 258 -28.16 -27.11 9.23
N LYS F 259 -28.20 -27.20 10.55
CA LYS F 259 -26.97 -27.11 11.34
C LYS F 259 -25.92 -28.10 10.87
N VAL F 260 -26.33 -29.34 10.59
CA VAL F 260 -25.36 -30.36 10.20
C VAL F 260 -24.70 -30.01 8.87
N LEU F 261 -25.49 -29.55 7.89
CA LEU F 261 -24.96 -29.29 6.57
C LEU F 261 -23.73 -28.40 6.62
N ASP F 262 -23.81 -27.29 7.37
CA ASP F 262 -22.63 -26.46 7.57
C ASP F 262 -21.49 -27.27 8.18
N ILE F 263 -21.79 -28.08 9.19
CA ILE F 263 -20.78 -28.94 9.79
C ILE F 263 -20.16 -29.83 8.72
N LEU F 264 -21.01 -30.48 7.92
CA LEU F 264 -20.50 -31.28 6.80
C LEU F 264 -19.69 -30.42 5.85
N LEU F 265 -20.18 -29.22 5.52
CA LEU F 265 -19.41 -28.31 4.67
C LEU F 265 -18.07 -27.98 5.31
N ASP F 266 -18.08 -27.73 6.63
CA ASP F 266 -16.84 -27.37 7.31
C ASP F 266 -15.84 -28.53 7.26
N ILE F 267 -16.32 -29.77 7.37
CA ILE F 267 -15.42 -30.91 7.19
C ILE F 267 -14.73 -30.82 5.83
N LEU F 268 -15.51 -30.57 4.78
CA LEU F 268 -14.96 -30.49 3.44
C LEU F 268 -13.94 -29.36 3.32
N GLU F 269 -14.35 -28.12 3.61
CA GLU F 269 -13.41 -27.01 3.58
C GLU F 269 -12.12 -27.37 4.32
N GLN F 270 -12.25 -28.02 5.48
CA GLN F 270 -11.05 -28.48 6.17
C GLN F 270 -10.35 -29.59 5.38
N ILE F 271 -11.11 -30.54 4.82
CA ILE F 271 -10.49 -31.59 4.04
C ILE F 271 -9.85 -31.03 2.77
N LEU F 272 -10.54 -30.12 2.09
CA LEU F 272 -10.05 -29.61 0.82
C LEU F 272 -8.69 -28.95 0.98
N GLN F 273 -8.53 -28.10 2.01
CA GLN F 273 -7.28 -27.41 2.20
C GLN F 273 -6.10 -28.36 2.30
N THR F 274 -6.31 -29.55 2.88
CA THR F 274 -5.21 -30.47 3.09
C THR F 274 -4.72 -31.07 1.76
N ALA F 275 -5.64 -31.50 0.90
CA ALA F 275 -5.25 -32.02 -0.39
C ALA F 275 -4.42 -31.00 -1.16
N THR F 276 -4.80 -29.73 -1.06
CA THR F 276 -3.99 -28.67 -1.66
C THR F 276 -2.63 -28.56 -1.00
N LYS F 277 -2.61 -28.50 0.33
CA LYS F 277 -1.33 -28.53 1.04
C LYS F 277 -0.49 -29.71 0.58
N ILE F 278 -1.11 -30.89 0.50
CA ILE F 278 -0.41 -32.07 0.02
C ILE F 278 0.13 -31.84 -1.39
N ILE F 279 -0.74 -31.42 -2.31
CA ILE F 279 -0.35 -31.35 -3.72
C ILE F 279 0.82 -30.41 -3.91
N ASP F 280 0.81 -29.25 -3.24
CA ASP F 280 1.92 -28.31 -3.32
C ASP F 280 3.25 -29.05 -3.12
N ASP F 281 3.40 -29.70 -1.97
CA ASP F 281 4.63 -30.41 -1.66
C ASP F 281 4.96 -31.43 -2.73
N ALA F 282 3.95 -32.03 -3.35
CA ALA F 282 4.19 -32.96 -4.45
C ALA F 282 4.77 -32.25 -5.66
N ASN F 283 4.17 -31.12 -6.05
CA ASN F 283 4.73 -30.31 -7.12
C ASN F 283 6.13 -29.82 -6.74
N LYS F 284 6.24 -29.18 -5.56
CA LYS F 284 7.53 -28.73 -5.07
C LYS F 284 8.56 -29.85 -5.13
N LEU F 285 8.32 -30.93 -4.38
CA LEU F 285 9.23 -32.06 -4.37
C LEU F 285 9.54 -32.52 -5.79
N LEU F 286 8.52 -32.63 -6.64
CA LEU F 286 8.76 -33.02 -8.03
C LEU F 286 9.71 -32.04 -8.72
N GLU F 287 9.39 -30.74 -8.66
CA GLU F 287 10.25 -29.73 -9.27
C GLU F 287 11.70 -29.92 -8.83
N LYS F 288 11.93 -30.02 -7.51
CA LYS F 288 13.25 -30.40 -7.03
C LYS F 288 13.70 -31.70 -7.67
N LEU F 289 12.80 -32.68 -7.73
CA LEU F 289 13.16 -33.98 -8.27
C LEU F 289 13.62 -33.87 -9.72
N ARG F 290 12.83 -33.21 -10.56
CA ARG F 290 13.19 -33.06 -11.97
C ARG F 290 14.57 -32.45 -12.12
N ARG F 291 14.89 -31.43 -11.31
CA ARG F 291 16.19 -30.79 -11.39
C ARG F 291 17.31 -31.76 -11.01
N SER F 292 17.06 -32.63 -10.04
CA SER F 292 18.11 -33.46 -9.48
C SER F 292 18.90 -34.19 -10.56
N GLU F 293 20.23 -34.18 -10.41
CA GLU F 293 21.09 -34.93 -11.32
C GLU F 293 20.70 -36.41 -11.30
N ARG F 294 20.87 -37.05 -10.15
CA ARG F 294 20.44 -38.43 -9.95
C ARG F 294 19.20 -38.45 -9.08
N LYS F 295 18.18 -39.20 -9.50
CA LYS F 295 16.95 -39.26 -8.74
C LYS F 295 17.19 -39.87 -7.36
N ASP F 296 16.58 -39.24 -6.35
CA ASP F 296 16.76 -39.66 -4.96
C ASP F 296 15.63 -40.61 -4.60
N PRO F 297 15.90 -41.89 -4.31
CA PRO F 297 14.78 -42.83 -4.07
C PRO F 297 13.92 -42.43 -2.90
N LYS F 298 14.53 -41.93 -1.82
CA LYS F 298 13.75 -41.48 -0.67
C LYS F 298 12.79 -40.37 -1.06
N VAL F 299 13.31 -39.28 -1.63
CA VAL F 299 12.46 -38.17 -2.03
C VAL F 299 11.34 -38.67 -2.95
N VAL F 300 11.69 -39.52 -3.92
CA VAL F 300 10.67 -40.13 -4.77
C VAL F 300 9.67 -40.90 -3.92
N GLU F 301 10.17 -41.83 -3.09
CA GLU F 301 9.27 -42.61 -2.23
C GLU F 301 8.38 -41.69 -1.42
N THR F 302 8.96 -40.64 -0.83
CA THR F 302 8.15 -39.61 -0.20
C THR F 302 7.16 -39.01 -1.19
N TYR F 303 7.64 -38.70 -2.40
CA TYR F 303 6.79 -38.03 -3.38
C TYR F 303 5.54 -38.84 -3.67
N VAL F 304 5.71 -40.14 -3.97
CA VAL F 304 4.57 -40.98 -4.30
C VAL F 304 3.57 -40.98 -3.15
N GLU F 305 4.06 -41.15 -1.91
CA GLU F 305 3.17 -41.29 -0.78
C GLU F 305 2.20 -40.11 -0.69
N LEU F 306 2.70 -38.90 -1.01
CA LEU F 306 1.81 -37.73 -1.07
C LEU F 306 0.74 -37.94 -2.12
N LEU F 307 1.14 -38.34 -3.33
CA LEU F 307 0.17 -38.66 -4.37
C LEU F 307 -0.79 -39.74 -3.89
N LYS F 308 -0.27 -40.78 -3.25
CA LYS F 308 -1.13 -41.79 -2.66
C LYS F 308 -2.05 -41.18 -1.61
N ARG F 309 -1.47 -40.40 -0.68
CA ARG F 309 -2.30 -39.79 0.35
C ARG F 309 -3.33 -38.85 -0.26
N HIS F 310 -2.94 -38.09 -1.29
CA HIS F 310 -3.88 -37.24 -1.99
C HIS F 310 -5.14 -38.02 -2.38
N GLU F 311 -4.96 -39.13 -3.11
CA GLU F 311 -6.08 -39.95 -3.52
C GLU F 311 -7.01 -40.24 -2.34
N ARG F 312 -6.46 -40.77 -1.25
CA ARG F 312 -7.30 -41.11 -0.09
C ARG F 312 -8.16 -39.93 0.33
N LEU F 313 -7.55 -38.75 0.46
CA LEU F 313 -8.31 -37.54 0.72
C LEU F 313 -9.40 -37.34 -0.32
N VAL F 314 -9.04 -37.47 -1.60
CA VAL F 314 -10.02 -37.29 -2.66
C VAL F 314 -11.20 -38.24 -2.44
N LYS F 315 -10.91 -39.50 -2.12
CA LYS F 315 -11.96 -40.45 -1.83
C LYS F 315 -12.78 -40.02 -0.61
N GLN F 316 -12.10 -39.56 0.45
CA GLN F 316 -12.82 -39.07 1.63
C GLN F 316 -13.83 -38.01 1.24
N LEU F 317 -13.40 -37.00 0.49
CA LEU F 317 -14.32 -36.00 -0.04
C LEU F 317 -15.50 -36.68 -0.73
N LEU F 318 -15.20 -37.55 -1.69
CA LEU F 318 -16.25 -38.22 -2.44
C LEU F 318 -17.25 -38.91 -1.50
N GLU F 319 -16.73 -39.76 -0.61
CA GLU F 319 -17.57 -40.36 0.42
C GLU F 319 -18.38 -39.29 1.15
N ILE F 320 -17.70 -38.33 1.76
CA ILE F 320 -18.38 -37.32 2.55
C ILE F 320 -19.35 -36.52 1.68
N ALA F 321 -18.93 -36.19 0.46
CA ALA F 321 -19.81 -35.45 -0.44
C ALA F 321 -21.12 -36.18 -0.64
N LYS F 322 -21.06 -37.46 -1.00
CA LYS F 322 -22.26 -38.27 -1.16
C LYS F 322 -23.13 -38.20 0.10
N ALA F 323 -22.54 -38.53 1.25
CA ALA F 323 -23.28 -38.47 2.50
C ALA F 323 -23.89 -37.10 2.72
N HIS F 324 -23.13 -36.04 2.43
CA HIS F 324 -23.67 -34.68 2.54
C HIS F 324 -24.85 -34.50 1.60
N ALA F 325 -24.72 -34.95 0.35
CA ALA F 325 -25.80 -34.81 -0.62
C ALA F 325 -27.09 -35.46 -0.09
N GLU F 326 -26.97 -36.67 0.47
CA GLU F 326 -28.13 -37.34 1.06
C GLU F 326 -28.87 -36.42 2.01
N ALA F 327 -28.16 -35.81 2.95
CA ALA F 327 -28.80 -35.03 4.00
C ALA F 327 -29.70 -33.94 3.43
N VAL F 328 -29.36 -33.41 2.26
CA VAL F 328 -30.24 -32.44 1.60
C VAL F 328 -31.55 -33.10 1.23
N GLU F 329 -31.46 -34.25 0.52
CA GLU F 329 -32.67 -34.93 0.10
C GLU F 329 -33.57 -35.28 1.28
N GLY F 330 -32.99 -35.77 2.37
CA GLY F 330 -33.76 -36.06 3.56
C GLY F 330 -34.64 -34.90 3.97
N GLY F 331 -34.18 -33.67 3.76
CA GLY F 331 -34.98 -32.49 4.02
C GLY F 331 -35.80 -32.09 2.81
#